data_3RMK
#
_entry.id   3RMK
#
_cell.length_a   169.544
_cell.length_b   176.771
_cell.length_c   56.068
_cell.angle_alpha   90.000
_cell.angle_beta   90.000
_cell.angle_gamma   90.000
#
_symmetry.space_group_name_H-M   'P 21 21 2'
#
loop_
_entity.id
_entity.type
_entity.pdbx_description
1 polymer 'Toluene-4-monooxygenase system protein A'
2 polymer 'Toluene-4-monooxygenase system protein E'
3 polymer 'Toluene-4-monooxygenase system protein B'
4 non-polymer 'FE (III) ION'
5 non-polymer 4-BROMOPHENOL
6 non-polymer 'CALCIUM ION'
7 non-polymer 'TRIETHYLENE GLYCOL'
8 water water
#
loop_
_entity_poly.entity_id
_entity_poly.type
_entity_poly.pdbx_seq_one_letter_code
_entity_poly.pdbx_strand_id
1 'polypeptide(L)'
;AMHPRKDWYELTRATNWTPSYVTEEQLFPERMSGHMGIPLEKWESYDEPYKTSYPEYVSIQREKDAGAYSVKAALERAKI
YENSDPGWISTLKSHYGAIAVGEYAAVTGEGRMARFSKAPGNRNMATFGMMDELRHGQLQLFFPHEYCKKDRQFDWAWRA
YHSNEWAAIAAKHFFDDIITGRDAISVAIMLTFSFETGFTNMQFLGLAADAAEAGDYTFANLISSIQTDESRHAQQGGPA
LQLLIENGKREEAQKKVDMAIWRAWRLFAVLTGPVMDYYTPLEDRSQSFKEFMYEWIIGQFERSLIDLGLDKPWYWDLFL
KDIDELHHSYHMGVWYWRTTAWWNPAAGVTPEERDWLEEKYPGWNKRWGRCWDVITENVLNDRMDLVSPETLPSVCNMSQ
IPLVGVPGDDWNIEVFSLEHNGRLYHFGSEVDRWVFQQDPVQYQNHMNIVDRFLAGQIQPMTLEGALKYMGFQSIEEMGK
DAHDFAWADKCK
;
A,D
2 'polypeptide(L)'
;SFESKKPMRTWSHLAEMRKKPSEYDIVSRKLHYSTNNPDSPWELSPDSPMNLWYKQYRNASPLKHDNWDAFTDPDQLVYR
TYNLMQDGQESYVQSLFDQFNEREHDQMVREGWEHTMARCYSPLRYLFHCLQMSSAYVQQMAPASTISNCCILQTADSLR
WLTHTAYRTHELSLTYPDAGLGEHERELWEKEPGWQGLRELMEKQLTAFDWGEAFVSLNLVVKPMIVESIFKPLQQQAWE
NNDTLLPLLIDSQLKDAERHSRWSKALVKHALENPDNHAVIEGWIEKWRPLADRAAEAYLSMLSSD
;
B,E
3 'polypeptide(L)'
;SAFPVHAAFEKDFLVQLVVVDLNDSMDQVAEKVAYHCVNRRVAPREGVMRVRKHRSTELFPRDMTIAESGLNPTEVIDVV
FEE
;
C,F
#
loop_
_chem_comp.id
_chem_comp.type
_chem_comp.name
_chem_comp.formula
BML non-polymer 4-BROMOPHENOL 'C6 H5 Br O'
CA non-polymer 'CALCIUM ION' 'Ca 2'
FE non-polymer 'FE (III) ION' 'Fe 3'
PGE non-polymer 'TRIETHYLENE GLYCOL' 'C6 H14 O4'
#
# COMPACT_ATOMS: atom_id res chain seq x y z
N ALA A 1 9.31 8.84 -31.34
CA ALA A 1 9.13 9.04 -29.87
C ALA A 1 7.73 8.62 -29.43
N MET A 2 7.60 8.32 -28.15
CA MET A 2 6.32 7.97 -27.57
C MET A 2 6.05 8.87 -26.38
N HIS A 3 4.77 9.12 -26.12
CA HIS A 3 4.41 10.11 -25.11
C HIS A 3 4.03 9.44 -23.81
N PRO A 4 4.48 10.01 -22.69
CA PRO A 4 4.31 9.35 -21.41
C PRO A 4 2.83 9.19 -21.08
N ARG A 5 2.51 8.08 -20.43
CA ARG A 5 1.13 7.80 -20.08
C ARG A 5 0.44 8.98 -19.41
N LYS A 6 1.16 9.68 -18.53
CA LYS A 6 0.54 10.73 -17.73
C LYS A 6 -0.12 11.80 -18.60
N ASP A 7 0.38 11.97 -19.82
CA ASP A 7 -0.09 13.08 -20.69
C ASP A 7 -1.36 12.78 -21.47
N TRP A 8 -1.67 11.51 -21.65
CA TRP A 8 -2.91 11.13 -22.37
C TRP A 8 -3.88 10.31 -21.50
N TYR A 9 -3.48 9.96 -20.28
CA TYR A 9 -4.31 9.10 -19.44
C TYR A 9 -5.71 9.64 -19.19
N GLU A 10 -5.80 10.95 -18.93
CA GLU A 10 -7.08 11.55 -18.62
C GLU A 10 -8.07 11.33 -19.75
N LEU A 11 -7.57 11.35 -20.99
CA LEU A 11 -8.46 11.11 -22.14
C LEU A 11 -9.02 9.68 -22.14
N THR A 12 -8.32 8.71 -21.55
CA THR A 12 -8.84 7.33 -21.57
C THR A 12 -10.05 7.20 -20.63
N ARG A 13 -10.15 8.10 -19.66
CA ARG A 13 -11.31 8.08 -18.76
C ARG A 13 -12.24 9.28 -18.89
N ALA A 14 -12.09 10.06 -19.96
CA ALA A 14 -13.03 11.14 -20.25
C ALA A 14 -14.19 10.56 -21.06
N THR A 15 -15.00 9.75 -20.39
CA THR A 15 -16.04 8.98 -21.08
C THR A 15 -17.48 9.19 -20.56
N ASN A 16 -17.64 10.00 -19.51
CA ASN A 16 -19.00 10.37 -19.08
C ASN A 16 -19.60 11.39 -20.01
N TRP A 17 -20.91 11.33 -20.20
CA TRP A 17 -21.62 12.32 -20.98
C TRP A 17 -23.02 12.40 -20.43
N THR A 18 -23.75 13.43 -20.84
CA THR A 18 -25.13 13.67 -20.38
C THR A 18 -26.13 13.04 -21.34
N PRO A 19 -26.78 11.95 -20.90
CA PRO A 19 -27.75 11.27 -21.77
C PRO A 19 -28.94 12.16 -22.12
N SER A 20 -29.43 12.01 -23.35
CA SER A 20 -30.49 12.83 -23.90
C SER A 20 -31.60 11.98 -24.48
N TYR A 21 -31.26 10.81 -24.99
CA TYR A 21 -32.26 9.97 -25.67
C TYR A 21 -32.85 8.95 -24.73
N VAL A 22 -32.16 8.71 -23.62
CA VAL A 22 -32.68 7.98 -22.47
C VAL A 22 -32.31 8.83 -21.27
N THR A 23 -32.96 8.59 -20.12
CA THR A 23 -32.60 9.39 -18.94
C THR A 23 -31.38 8.80 -18.24
N GLU A 24 -30.74 9.62 -17.41
CA GLU A 24 -29.60 9.17 -16.63
C GLU A 24 -29.97 7.93 -15.80
N GLU A 25 -31.15 7.92 -15.19
CA GLU A 25 -31.56 6.77 -14.38
C GLU A 25 -31.81 5.53 -15.22
N GLN A 26 -32.29 5.70 -16.46
CA GLN A 26 -32.49 4.55 -17.34
C GLN A 26 -31.15 3.93 -17.76
N LEU A 27 -30.18 4.78 -18.04
CA LEU A 27 -28.83 4.33 -18.43
C LEU A 27 -28.08 3.69 -17.25
N PHE A 28 -28.29 4.22 -16.05
CA PHE A 28 -27.63 3.71 -14.83
C PHE A 28 -28.66 3.41 -13.74
N PRO A 29 -29.51 2.40 -13.94
CA PRO A 29 -30.57 2.12 -12.95
C PRO A 29 -29.98 1.81 -11.57
N GLU A 30 -30.56 2.41 -10.53
CA GLU A 30 -30.05 2.23 -9.17
C GLU A 30 -29.79 0.77 -8.78
N ARG A 31 -30.71 -0.12 -9.11
CA ARG A 31 -30.53 -1.53 -8.70
C ARG A 31 -29.29 -2.19 -9.30
N MET A 32 -28.81 -1.68 -10.44
CA MET A 32 -27.61 -2.27 -11.07
C MET A 32 -26.36 -1.42 -10.82
N SER A 33 -26.56 -0.12 -10.63
CA SER A 33 -25.47 0.84 -10.51
C SER A 33 -25.09 1.16 -9.05
N GLY A 34 -26.09 1.28 -8.18
CA GLY A 34 -25.83 1.56 -6.76
C GLY A 34 -25.32 2.95 -6.46
N HIS A 35 -25.66 3.91 -7.33
CA HIS A 35 -25.15 5.28 -7.23
C HIS A 35 -25.77 6.08 -6.08
N MET A 36 -26.82 5.55 -5.47
CA MET A 36 -27.46 6.18 -4.33
C MET A 36 -27.91 7.61 -4.62
N GLY A 37 -28.31 7.87 -5.86
CA GLY A 37 -28.77 9.20 -6.24
C GLY A 37 -27.70 10.24 -6.50
N ILE A 38 -26.43 9.90 -6.28
CA ILE A 38 -25.34 10.84 -6.56
C ILE A 38 -25.22 11.07 -8.08
N PRO A 39 -25.33 12.33 -8.51
CA PRO A 39 -25.36 12.68 -9.93
C PRO A 39 -24.06 12.35 -10.65
N LEU A 40 -24.17 12.07 -11.95
CA LEU A 40 -23.03 11.76 -12.81
C LEU A 40 -21.78 12.60 -12.60
N GLU A 41 -21.95 13.92 -12.55
CA GLU A 41 -20.81 14.83 -12.46
C GLU A 41 -19.93 14.54 -11.25
N LYS A 42 -20.55 14.23 -10.12
CA LYS A 42 -19.79 13.92 -8.91
C LYS A 42 -18.84 12.74 -9.13
N TRP A 43 -19.26 11.76 -9.92
CA TRP A 43 -18.47 10.53 -10.08
C TRP A 43 -17.21 10.71 -10.90
N GLU A 44 -17.12 11.83 -11.62
CA GLU A 44 -15.96 12.09 -12.47
C GLU A 44 -14.69 12.35 -11.64
N SER A 45 -14.85 12.60 -10.34
CA SER A 45 -13.69 12.76 -9.47
C SER A 45 -13.13 11.42 -8.91
N TYR A 46 -13.79 10.31 -9.22
CA TYR A 46 -13.26 8.99 -8.88
C TYR A 46 -11.84 8.85 -9.45
N ASP A 47 -10.87 8.53 -8.60
CA ASP A 47 -9.48 8.47 -9.05
C ASP A 47 -8.76 7.21 -8.60
N GLU A 48 -8.68 6.22 -9.49
CA GLU A 48 -7.98 4.99 -9.18
C GLU A 48 -6.50 5.31 -8.96
N PRO A 49 -5.95 4.87 -7.81
CA PRO A 49 -4.58 5.22 -7.44
C PRO A 49 -3.50 4.53 -8.28
N TYR A 50 -3.73 3.29 -8.69
CA TYR A 50 -2.71 2.54 -9.44
C TYR A 50 -3.06 2.42 -10.92
N LYS A 51 -2.60 3.37 -11.72
CA LYS A 51 -3.04 3.43 -13.11
C LYS A 51 -2.30 2.45 -14.01
N THR A 52 -2.92 2.07 -15.11
CA THR A 52 -2.27 1.25 -16.12
C THR A 52 -3.01 1.44 -17.45
N SER A 53 -2.51 0.81 -18.50
CA SER A 53 -3.06 0.99 -19.84
C SER A 53 -3.05 -0.33 -20.58
N TYR A 54 -3.85 -0.42 -21.64
CA TYR A 54 -4.00 -1.67 -22.39
C TYR A 54 -2.66 -2.27 -22.88
N PRO A 55 -1.83 -1.46 -23.57
CA PRO A 55 -0.57 -2.01 -24.06
C PRO A 55 0.30 -2.58 -22.95
N GLU A 56 0.35 -1.89 -21.81
CA GLU A 56 1.18 -2.38 -20.69
C GLU A 56 0.61 -3.65 -20.13
N TYR A 57 -0.71 -3.70 -20.02
CA TYR A 57 -1.40 -4.87 -19.48
C TYR A 57 -1.11 -6.12 -20.30
N VAL A 58 -1.36 -6.08 -21.61
CA VAL A 58 -1.16 -7.28 -22.42
C VAL A 58 0.29 -7.73 -22.40
N SER A 59 1.21 -6.77 -22.40
CA SER A 59 2.64 -7.07 -22.40
C SER A 59 3.07 -7.77 -21.11
N ILE A 60 2.73 -7.18 -19.97
CA ILE A 60 3.18 -7.76 -18.71
C ILE A 60 2.46 -9.08 -18.42
N GLN A 61 1.18 -9.17 -18.76
CA GLN A 61 0.42 -10.39 -18.48
C GLN A 61 0.84 -11.55 -19.39
N ARG A 62 1.27 -11.21 -20.60
CA ARG A 62 1.92 -12.21 -21.45
C ARG A 62 3.13 -12.84 -20.74
N GLU A 63 4.01 -12.00 -20.19
CA GLU A 63 5.20 -12.48 -19.45
C GLU A 63 4.78 -13.35 -18.24
N LYS A 64 3.77 -12.91 -17.50
CA LYS A 64 3.31 -13.66 -16.34
C LYS A 64 2.88 -15.07 -16.68
N ASP A 65 2.10 -15.23 -17.76
CA ASP A 65 1.63 -16.57 -18.14
C ASP A 65 2.75 -17.44 -18.73
N ALA A 66 3.66 -16.83 -19.49
CA ALA A 66 4.82 -17.55 -20.02
C ALA A 66 5.52 -18.24 -18.88
N GLY A 67 5.76 -17.49 -17.81
CA GLY A 67 6.33 -18.05 -16.60
C GLY A 67 5.48 -19.13 -15.92
N ALA A 68 4.24 -18.80 -15.60
CA ALA A 68 3.36 -19.73 -14.86
C ALA A 68 3.26 -21.10 -15.53
N TYR A 69 3.01 -21.10 -16.84
CA TYR A 69 2.83 -22.36 -17.57
C TYR A 69 4.16 -23.10 -17.79
N SER A 70 5.24 -22.36 -17.99
CA SER A 70 6.55 -22.97 -18.21
C SER A 70 7.02 -23.72 -16.96
N VAL A 71 6.80 -23.11 -15.80
CA VAL A 71 7.13 -23.71 -14.51
C VAL A 71 6.30 -24.97 -14.29
N LYS A 72 5.01 -24.88 -14.58
CA LYS A 72 4.14 -26.05 -14.47
C LYS A 72 4.69 -27.19 -15.33
N ALA A 73 4.98 -26.92 -16.61
CA ALA A 73 5.47 -27.96 -17.50
C ALA A 73 6.79 -28.57 -17.00
N ALA A 74 7.70 -27.72 -16.55
CA ALA A 74 9.04 -28.15 -16.13
C ALA A 74 9.04 -29.02 -14.89
N LEU A 75 7.99 -28.91 -14.08
CA LEU A 75 7.91 -29.67 -12.82
C LEU A 75 6.94 -30.86 -12.89
N GLU A 76 6.43 -31.16 -14.09
CA GLU A 76 5.45 -32.24 -14.22
C GLU A 76 5.92 -33.51 -13.54
N ARG A 77 7.22 -33.78 -13.59
CA ARG A 77 7.76 -35.06 -13.12
C ARG A 77 8.05 -35.12 -11.63
N ALA A 78 7.88 -33.99 -10.93
CA ALA A 78 8.16 -33.93 -9.50
C ALA A 78 7.24 -34.78 -8.62
N LYS A 79 6.19 -35.37 -9.20
CA LYS A 79 5.31 -36.26 -8.44
C LYS A 79 4.81 -35.61 -7.14
N ILE A 80 4.20 -34.44 -7.27
CA ILE A 80 3.65 -33.73 -6.10
C ILE A 80 2.55 -34.49 -5.39
N TYR A 81 1.65 -35.10 -6.17
CA TYR A 81 0.54 -35.81 -5.57
C TYR A 81 1.03 -36.94 -4.67
N GLU A 82 2.04 -37.68 -5.15
CA GLU A 82 2.58 -38.82 -4.42
C GLU A 82 3.47 -38.42 -3.24
N ASN A 83 4.27 -37.38 -3.42
CA ASN A 83 5.29 -37.05 -2.43
C ASN A 83 4.89 -36.08 -1.32
N SER A 84 3.85 -35.28 -1.53
CA SER A 84 3.46 -34.27 -0.53
C SER A 84 2.78 -34.89 0.69
N ASP A 85 2.87 -34.18 1.82
CA ASP A 85 2.07 -34.48 3.01
C ASP A 85 0.59 -34.53 2.61
N PRO A 86 -0.17 -35.46 3.19
CA PRO A 86 -1.61 -35.50 2.93
C PRO A 86 -2.29 -34.17 3.27
N GLY A 87 -1.81 -33.49 4.31
CA GLY A 87 -2.32 -32.18 4.67
C GLY A 87 -2.24 -31.19 3.52
N TRP A 88 -1.11 -31.21 2.81
CA TRP A 88 -0.95 -30.29 1.66
C TRP A 88 -1.90 -30.64 0.51
N ILE A 89 -2.06 -31.92 0.21
CA ILE A 89 -2.94 -32.35 -0.85
C ILE A 89 -4.38 -31.93 -0.55
N SER A 90 -4.79 -32.05 0.70
CA SER A 90 -6.15 -31.62 1.11
C SER A 90 -6.30 -30.10 1.00
N THR A 91 -5.22 -29.38 1.30
CA THR A 91 -5.23 -27.94 1.16
C THR A 91 -5.42 -27.55 -0.30
N LEU A 92 -4.72 -28.22 -1.20
CA LEU A 92 -4.93 -27.98 -2.64
C LEU A 92 -6.38 -28.26 -3.06
N LYS A 93 -6.91 -29.41 -2.66
CA LYS A 93 -8.28 -29.81 -3.02
C LYS A 93 -9.30 -28.80 -2.53
N SER A 94 -9.16 -28.40 -1.27
CA SER A 94 -10.06 -27.45 -0.66
C SER A 94 -9.96 -26.10 -1.37
N HIS A 95 -8.73 -25.64 -1.56
CA HIS A 95 -8.53 -24.35 -2.24
C HIS A 95 -9.14 -24.30 -3.64
N TYR A 96 -8.81 -25.27 -4.48
CA TYR A 96 -9.29 -25.23 -5.86
C TYR A 96 -10.81 -25.32 -5.94
N GLY A 97 -11.39 -26.21 -5.15
CA GLY A 97 -12.84 -26.33 -5.13
C GLY A 97 -13.56 -25.04 -4.74
N ALA A 98 -13.05 -24.38 -3.69
CA ALA A 98 -13.68 -23.18 -3.14
C ALA A 98 -13.43 -21.95 -3.98
N ILE A 99 -12.33 -21.94 -4.73
CA ILE A 99 -11.86 -20.70 -5.36
C ILE A 99 -11.98 -20.61 -6.88
N ALA A 100 -11.70 -21.70 -7.59
CA ALA A 100 -11.48 -21.59 -9.04
C ALA A 100 -12.67 -20.99 -9.79
N VAL A 101 -13.85 -21.56 -9.60
CA VAL A 101 -15.04 -21.11 -10.32
C VAL A 101 -15.62 -19.83 -9.71
N GLY A 102 -15.26 -19.57 -8.46
CA GLY A 102 -15.53 -18.27 -7.84
C GLY A 102 -14.70 -17.15 -8.46
N GLU A 103 -13.42 -17.42 -8.79
CA GLU A 103 -12.63 -16.44 -9.53
C GLU A 103 -13.37 -16.10 -10.82
N TYR A 104 -13.86 -17.12 -11.51
CA TYR A 104 -14.56 -16.86 -12.77
C TYR A 104 -15.86 -16.07 -12.53
N ALA A 105 -16.53 -16.35 -11.43
CA ALA A 105 -17.73 -15.58 -11.07
C ALA A 105 -17.37 -14.10 -10.84
N ALA A 106 -16.18 -13.84 -10.30
CA ALA A 106 -15.75 -12.46 -10.08
C ALA A 106 -15.62 -11.66 -11.39
N VAL A 107 -15.48 -12.34 -12.53
CA VAL A 107 -15.57 -11.64 -13.82
C VAL A 107 -16.91 -10.90 -13.92
N THR A 108 -17.95 -11.53 -13.40
CA THR A 108 -19.29 -10.94 -13.46
C THR A 108 -19.44 -9.71 -12.53
N GLY A 109 -18.85 -9.77 -11.34
CA GLY A 109 -18.79 -8.60 -10.47
C GLY A 109 -18.07 -7.44 -11.14
N GLU A 110 -16.94 -7.74 -11.77
CA GLU A 110 -16.17 -6.73 -12.51
C GLU A 110 -16.97 -6.18 -13.70
N GLY A 111 -17.62 -7.06 -14.45
CA GLY A 111 -18.46 -6.62 -15.57
C GLY A 111 -19.63 -5.77 -15.11
N ARG A 112 -20.18 -6.08 -13.94
CA ARG A 112 -21.24 -5.23 -13.36
C ARG A 112 -20.75 -3.78 -13.22
N MET A 113 -19.52 -3.61 -12.77
CA MET A 113 -18.95 -2.27 -12.61
C MET A 113 -18.60 -1.66 -13.96
N ALA A 114 -18.03 -2.46 -14.87
CA ALA A 114 -17.64 -1.96 -16.19
C ALA A 114 -18.82 -1.34 -16.95
N ARG A 115 -20.01 -1.92 -16.80
CA ARG A 115 -21.20 -1.39 -17.45
C ARG A 115 -21.92 -0.32 -16.61
N PHE A 116 -22.08 -0.59 -15.31
CA PHE A 116 -23.04 0.19 -14.52
C PHE A 116 -22.46 1.23 -13.57
N SER A 117 -21.16 1.25 -13.35
CA SER A 117 -20.60 2.33 -12.51
C SER A 117 -20.67 3.68 -13.22
N LYS A 118 -21.06 4.73 -12.49
CA LYS A 118 -21.05 6.08 -13.06
C LYS A 118 -19.66 6.69 -13.09
N ALA A 119 -18.67 6.02 -12.50
CA ALA A 119 -17.28 6.53 -12.50
C ALA A 119 -16.49 5.97 -13.68
N PRO A 120 -16.00 6.84 -14.59
CA PRO A 120 -15.25 6.38 -15.76
C PRO A 120 -14.01 5.56 -15.40
N GLY A 121 -13.27 5.98 -14.39
CA GLY A 121 -12.05 5.26 -14.00
C GLY A 121 -12.35 3.87 -13.48
N ASN A 122 -13.48 3.75 -12.78
CA ASN A 122 -13.98 2.47 -12.27
C ASN A 122 -14.34 1.56 -13.44
N ARG A 123 -15.02 2.13 -14.45
CA ARG A 123 -15.43 1.33 -15.60
C ARG A 123 -14.22 0.75 -16.35
N ASN A 124 -13.15 1.53 -16.49
CA ASN A 124 -11.94 1.00 -17.13
C ASN A 124 -11.18 -0.01 -16.27
N MET A 125 -10.93 0.32 -15.01
CA MET A 125 -10.27 -0.63 -14.13
C MET A 125 -11.04 -1.95 -14.05
N ALA A 126 -12.37 -1.87 -14.06
CA ALA A 126 -13.21 -3.07 -13.97
C ALA A 126 -13.02 -3.94 -15.21
N THR A 127 -12.70 -3.31 -16.32
CA THR A 127 -12.45 -4.04 -17.56
C THR A 127 -11.18 -4.86 -17.42
N PHE A 128 -10.13 -4.25 -16.86
CA PHE A 128 -8.92 -5.00 -16.51
C PHE A 128 -9.24 -6.05 -15.45
N GLY A 129 -10.16 -5.73 -14.55
CA GLY A 129 -10.61 -6.69 -13.53
C GLY A 129 -11.27 -7.93 -14.12
N MET A 130 -12.10 -7.70 -15.14
CA MET A 130 -12.73 -8.78 -15.90
C MET A 130 -11.66 -9.69 -16.47
N MET A 131 -10.62 -9.09 -17.04
CA MET A 131 -9.51 -9.85 -17.64
C MET A 131 -8.70 -10.59 -16.56
N ASP A 132 -8.41 -9.92 -15.45
CA ASP A 132 -7.67 -10.53 -14.36
C ASP A 132 -8.39 -11.75 -13.84
N GLU A 133 -9.68 -11.62 -13.60
CA GLU A 133 -10.40 -12.71 -12.96
C GLU A 133 -10.58 -13.84 -13.95
N LEU A 134 -10.66 -13.50 -15.24
CA LEU A 134 -10.69 -14.52 -16.28
C LEU A 134 -9.40 -15.33 -16.24
N ARG A 135 -8.27 -14.64 -16.11
CA ARG A 135 -6.98 -15.32 -15.99
C ARG A 135 -6.98 -16.26 -14.80
N HIS A 136 -7.48 -15.77 -13.66
CA HIS A 136 -7.36 -16.53 -12.42
C HIS A 136 -8.26 -17.73 -12.45
N GLY A 137 -9.41 -17.61 -13.10
CA GLY A 137 -10.34 -18.71 -13.26
C GLY A 137 -9.79 -19.80 -14.16
N GLN A 138 -9.17 -19.39 -15.26
CA GLN A 138 -8.62 -20.35 -16.20
C GLN A 138 -7.38 -21.03 -15.62
N LEU A 139 -6.51 -20.25 -14.98
CA LEU A 139 -5.31 -20.81 -14.37
C LEU A 139 -5.70 -21.92 -13.40
N GLN A 140 -6.69 -21.62 -12.56
CA GLN A 140 -7.05 -22.50 -11.44
C GLN A 140 -8.04 -23.60 -11.85
N LEU A 141 -8.33 -23.67 -13.14
CA LEU A 141 -8.89 -24.89 -13.72
C LEU A 141 -7.78 -25.68 -14.42
N PHE A 142 -6.97 -25.00 -15.21
CA PHE A 142 -5.91 -25.67 -15.97
C PHE A 142 -4.96 -26.44 -15.05
N PHE A 143 -4.57 -25.82 -13.95
CA PHE A 143 -3.59 -26.44 -13.05
C PHE A 143 -4.07 -27.71 -12.32
N PRO A 144 -5.25 -27.65 -11.65
CA PRO A 144 -5.72 -28.85 -10.97
C PRO A 144 -6.21 -29.93 -11.93
N HIS A 145 -6.53 -29.54 -13.16
CA HIS A 145 -6.97 -30.51 -14.18
C HIS A 145 -5.92 -31.61 -14.28
N GLU A 146 -4.66 -31.25 -14.08
CA GLU A 146 -3.55 -32.22 -14.11
C GLU A 146 -3.72 -33.35 -13.08
N TYR A 147 -4.40 -33.05 -11.98
CA TYR A 147 -4.57 -34.04 -10.91
C TYR A 147 -5.83 -34.90 -11.04
N CYS A 148 -6.70 -34.57 -11.99
CA CYS A 148 -7.91 -35.37 -12.21
C CYS A 148 -7.60 -36.87 -12.28
N LYS A 149 -6.60 -37.23 -13.06
CA LYS A 149 -6.28 -38.64 -13.30
C LYS A 149 -5.74 -39.35 -12.04
N LYS A 150 -5.39 -38.58 -11.01
CA LYS A 150 -4.82 -39.15 -9.79
C LYS A 150 -5.87 -39.37 -8.71
N ASP A 151 -6.90 -38.52 -8.70
CA ASP A 151 -7.82 -38.45 -7.56
C ASP A 151 -9.09 -37.74 -7.96
N ARG A 152 -10.22 -38.43 -7.81
CA ARG A 152 -11.52 -37.87 -8.17
C ARG A 152 -11.89 -36.61 -7.38
N GLN A 153 -11.30 -36.44 -6.20
CA GLN A 153 -11.59 -35.25 -5.43
C GLN A 153 -11.14 -33.97 -6.15
N PHE A 154 -10.14 -34.09 -7.03
CA PHE A 154 -9.73 -32.93 -7.80
C PHE A 154 -10.73 -32.55 -8.88
N ASP A 155 -11.69 -33.43 -9.16
CA ASP A 155 -12.78 -33.07 -10.08
C ASP A 155 -13.56 -31.88 -9.54
N TRP A 156 -13.55 -31.71 -8.23
CA TRP A 156 -14.36 -30.68 -7.58
C TRP A 156 -13.82 -29.26 -7.79
N ALA A 157 -12.60 -29.12 -8.29
CA ALA A 157 -12.10 -27.81 -8.72
C ALA A 157 -13.07 -27.22 -9.74
N TRP A 158 -13.64 -28.09 -10.56
CA TRP A 158 -14.72 -27.68 -11.48
C TRP A 158 -16.12 -27.92 -10.87
N ARG A 159 -16.28 -29.05 -10.17
CA ARG A 159 -17.64 -29.49 -9.81
C ARG A 159 -18.29 -28.73 -8.63
N ALA A 160 -17.49 -28.23 -7.70
CA ALA A 160 -18.05 -27.70 -6.43
C ALA A 160 -19.19 -26.70 -6.66
N TYR A 161 -18.94 -25.69 -7.47
CA TYR A 161 -19.95 -24.63 -7.65
C TYR A 161 -21.18 -25.14 -8.42
N HIS A 162 -21.06 -26.34 -8.98
CA HIS A 162 -22.21 -26.98 -9.64
C HIS A 162 -22.96 -27.94 -8.69
N SER A 163 -22.54 -28.00 -7.44
CA SER A 163 -23.11 -28.96 -6.50
C SER A 163 -23.89 -28.25 -5.40
N ASN A 164 -24.65 -29.06 -4.64
CA ASN A 164 -25.30 -28.57 -3.42
C ASN A 164 -24.56 -29.06 -2.17
N GLU A 165 -23.26 -29.34 -2.33
CA GLU A 165 -22.43 -29.73 -1.20
C GLU A 165 -22.34 -28.55 -0.20
N TRP A 166 -22.23 -28.84 1.10
CA TRP A 166 -22.45 -27.78 2.13
C TRP A 166 -21.49 -26.59 1.98
N ALA A 167 -20.21 -26.87 1.80
CA ALA A 167 -19.22 -25.81 1.68
C ALA A 167 -19.38 -25.06 0.36
N ALA A 168 -19.84 -25.73 -0.69
CA ALA A 168 -20.10 -25.08 -1.97
C ALA A 168 -21.25 -24.09 -1.84
N ILE A 169 -22.28 -24.48 -1.09
CA ILE A 169 -23.41 -23.60 -0.86
CA ILE A 169 -23.41 -23.61 -0.85
C ILE A 169 -23.01 -22.40 0.00
N ALA A 170 -22.19 -22.64 1.02
CA ALA A 170 -21.68 -21.54 1.83
C ALA A 170 -20.89 -20.56 0.97
N ALA A 171 -20.03 -21.08 0.10
CA ALA A 171 -19.24 -20.20 -0.76
C ALA A 171 -20.13 -19.44 -1.76
N LYS A 172 -21.05 -20.15 -2.40
CA LYS A 172 -21.91 -19.51 -3.42
C LYS A 172 -22.88 -18.49 -2.81
N HIS A 173 -23.36 -18.79 -1.60
CA HIS A 173 -24.24 -17.86 -0.89
C HIS A 173 -23.49 -16.57 -0.58
N PHE A 174 -22.24 -16.71 -0.13
CA PHE A 174 -21.40 -15.55 0.12
C PHE A 174 -21.03 -14.79 -1.16
N PHE A 175 -20.45 -15.51 -2.13
CA PHE A 175 -20.00 -14.85 -3.36
C PHE A 175 -21.14 -14.31 -4.22
N ASP A 176 -22.28 -14.99 -4.21
CA ASP A 176 -23.42 -14.49 -4.94
C ASP A 176 -23.94 -13.22 -4.27
N ASP A 177 -23.78 -13.12 -2.95
CA ASP A 177 -24.19 -11.93 -2.21
C ASP A 177 -23.26 -10.74 -2.53
N ILE A 178 -21.94 -10.94 -2.48
CA ILE A 178 -21.03 -9.80 -2.62
C ILE A 178 -20.47 -9.57 -4.03
N ILE A 179 -20.55 -10.59 -4.87
CA ILE A 179 -19.98 -10.51 -6.23
C ILE A 179 -21.03 -10.34 -7.32
N THR A 180 -21.94 -11.31 -7.43
CA THR A 180 -22.84 -11.37 -8.58
C THR A 180 -24.25 -10.88 -8.29
N GLY A 181 -24.56 -10.66 -7.01
CA GLY A 181 -25.94 -10.43 -6.60
C GLY A 181 -26.35 -9.01 -6.30
N ARG A 182 -25.42 -8.07 -6.43
CA ARG A 182 -25.70 -6.68 -6.06
C ARG A 182 -25.22 -5.68 -7.10
N ASP A 183 -25.57 -4.41 -6.86
CA ASP A 183 -25.23 -3.32 -7.76
C ASP A 183 -23.72 -3.07 -7.82
N ALA A 184 -23.30 -2.32 -8.85
CA ALA A 184 -21.90 -2.04 -9.12
C ALA A 184 -21.14 -1.46 -7.92
N ILE A 185 -21.72 -0.49 -7.23
CA ILE A 185 -21.00 0.15 -6.13
C ILE A 185 -20.86 -0.79 -4.94
N SER A 186 -21.89 -1.61 -4.72
CA SER A 186 -21.81 -2.66 -3.71
C SER A 186 -20.66 -3.63 -4.01
N VAL A 187 -20.55 -4.04 -5.26
CA VAL A 187 -19.45 -4.91 -5.68
C VAL A 187 -18.11 -4.24 -5.36
N ALA A 188 -17.96 -2.97 -5.76
CA ALA A 188 -16.72 -2.26 -5.48
C ALA A 188 -16.37 -2.36 -3.99
N ILE A 189 -17.34 -2.07 -3.14
CA ILE A 189 -17.11 -2.06 -1.69
C ILE A 189 -16.92 -3.44 -1.06
N MET A 190 -17.83 -4.37 -1.37
CA MET A 190 -17.87 -5.66 -0.70
C MET A 190 -16.86 -6.65 -1.28
N LEU A 191 -16.71 -6.63 -2.61
CA LEU A 191 -15.70 -7.47 -3.24
C LEU A 191 -14.30 -6.86 -3.19
N THR A 192 -14.08 -5.74 -3.89
CA THR A 192 -12.71 -5.27 -4.09
C THR A 192 -12.07 -4.71 -2.80
N PHE A 193 -12.81 -3.92 -2.04
CA PHE A 193 -12.25 -3.39 -0.79
C PHE A 193 -12.28 -4.43 0.32
N SER A 194 -13.45 -4.98 0.61
CA SER A 194 -13.61 -5.80 1.80
C SER A 194 -13.01 -7.18 1.67
N PHE A 195 -13.33 -7.89 0.58
CA PHE A 195 -12.85 -9.26 0.40
C PHE A 195 -11.46 -9.38 -0.20
N GLU A 196 -11.21 -8.69 -1.31
CA GLU A 196 -9.94 -8.80 -2.03
C GLU A 196 -8.80 -8.09 -1.32
N THR A 197 -8.95 -6.80 -1.09
CA THR A 197 -7.92 -6.04 -0.40
C THR A 197 -7.83 -6.52 1.04
N GLY A 198 -8.99 -6.77 1.65
CA GLY A 198 -9.05 -7.10 3.08
C GLY A 198 -8.68 -8.52 3.50
N PHE A 199 -8.96 -9.51 2.64
CA PHE A 199 -8.66 -10.91 2.95
C PHE A 199 -7.72 -11.60 1.95
N THR A 200 -8.11 -11.63 0.68
CA THR A 200 -7.43 -12.52 -0.27
C THR A 200 -5.98 -12.10 -0.54
N ASN A 201 -5.71 -10.81 -0.51
CA ASN A 201 -4.36 -10.34 -0.81
C ASN A 201 -3.35 -11.01 0.14
N MET A 202 -3.57 -10.85 1.43
CA MET A 202 -2.69 -11.47 2.43
C MET A 202 -2.80 -12.99 2.48
N GLN A 203 -4.01 -13.53 2.25
CA GLN A 203 -4.19 -14.98 2.21
C GLN A 203 -3.33 -15.60 1.11
N PHE A 204 -3.37 -15.02 -0.09
CA PHE A 204 -2.58 -15.57 -1.21
C PHE A 204 -1.08 -15.48 -0.94
N LEU A 205 -0.62 -14.36 -0.39
CA LEU A 205 0.79 -14.25 0.01
C LEU A 205 1.21 -15.38 0.97
N GLY A 206 0.40 -15.61 2.00
CA GLY A 206 0.66 -16.68 2.97
C GLY A 206 0.63 -18.05 2.32
N LEU A 207 -0.35 -18.27 1.44
CA LEU A 207 -0.50 -19.54 0.76
C LEU A 207 0.69 -19.87 -0.13
N ALA A 208 1.14 -18.87 -0.89
CA ALA A 208 2.31 -19.05 -1.75
C ALA A 208 3.54 -19.48 -0.92
N ALA A 209 3.70 -18.87 0.25
CA ALA A 209 4.82 -19.22 1.13
C ALA A 209 4.66 -20.63 1.69
N ASP A 210 3.43 -21.00 2.04
CA ASP A 210 3.17 -22.34 2.56
C ASP A 210 3.43 -23.39 1.51
N ALA A 211 3.12 -23.04 0.26
CA ALA A 211 3.34 -23.94 -0.87
C ALA A 211 4.82 -24.24 -1.03
N ALA A 212 5.66 -23.21 -0.97
CA ALA A 212 7.10 -23.41 -1.10
C ALA A 212 7.58 -24.32 0.02
N GLU A 213 7.12 -24.07 1.24
CA GLU A 213 7.54 -24.90 2.37
CA GLU A 213 7.51 -24.90 2.40
C GLU A 213 7.08 -26.35 2.20
N ALA A 214 5.95 -26.55 1.54
CA ALA A 214 5.48 -27.90 1.25
C ALA A 214 6.22 -28.53 0.06
N GLY A 215 7.11 -27.79 -0.56
CA GLY A 215 7.89 -28.32 -1.69
C GLY A 215 7.11 -28.31 -3.01
N ASP A 216 6.04 -27.52 -3.07
CA ASP A 216 5.19 -27.43 -4.26
C ASP A 216 5.41 -26.09 -4.96
N TYR A 217 6.46 -26.02 -5.77
CA TYR A 217 6.85 -24.77 -6.41
C TYR A 217 5.97 -24.37 -7.57
N THR A 218 5.34 -25.35 -8.22
CA THR A 218 4.36 -25.04 -9.26
C THR A 218 3.22 -24.21 -8.66
N PHE A 219 2.68 -24.68 -7.53
CA PHE A 219 1.58 -23.97 -6.88
C PHE A 219 2.05 -22.67 -6.23
N ALA A 220 3.23 -22.68 -5.62
CA ALA A 220 3.78 -21.45 -5.03
C ALA A 220 3.89 -20.37 -6.10
N ASN A 221 4.46 -20.75 -7.23
CA ASN A 221 4.63 -19.81 -8.33
C ASN A 221 3.28 -19.33 -8.86
N LEU A 222 2.36 -20.28 -9.04
CA LEU A 222 1.02 -19.94 -9.52
C LEU A 222 0.35 -18.90 -8.64
N ILE A 223 0.32 -19.16 -7.33
CA ILE A 223 -0.40 -18.29 -6.39
C ILE A 223 0.28 -16.94 -6.28
N SER A 224 1.60 -16.96 -6.25
CA SER A 224 2.36 -15.73 -6.21
C SER A 224 2.03 -14.88 -7.44
N SER A 225 1.97 -15.51 -8.61
CA SER A 225 1.70 -14.77 -9.85
C SER A 225 0.31 -14.16 -9.81
N ILE A 226 -0.67 -14.95 -9.42
CA ILE A 226 -2.03 -14.45 -9.25
C ILE A 226 -2.11 -13.27 -8.30
N GLN A 227 -1.40 -13.34 -7.19
CA GLN A 227 -1.42 -12.25 -6.21
C GLN A 227 -0.91 -10.94 -6.78
N THR A 228 0.08 -10.99 -7.69
CA THR A 228 0.61 -9.76 -8.29
C THR A 228 -0.42 -9.03 -9.15
N ASP A 229 -1.51 -9.71 -9.52
CA ASP A 229 -2.60 -9.06 -10.25
C ASP A 229 -3.56 -8.31 -9.33
N GLU A 230 -3.56 -8.67 -8.05
CA GLU A 230 -4.66 -8.30 -7.17
C GLU A 230 -4.93 -6.80 -7.10
N SER A 231 -3.90 -6.00 -6.85
CA SER A 231 -4.09 -4.58 -6.57
C SER A 231 -4.68 -3.84 -7.77
N ARG A 232 -4.43 -4.35 -8.96
CA ARG A 232 -4.88 -3.70 -10.18
C ARG A 232 -6.40 -3.49 -10.19
N HIS A 233 -7.14 -4.46 -9.66
CA HIS A 233 -8.61 -4.34 -9.61
C HIS A 233 -9.14 -4.23 -8.20
N ALA A 234 -8.38 -4.73 -7.21
CA ALA A 234 -8.83 -4.66 -5.84
C ALA A 234 -8.82 -3.21 -5.34
N GLN A 235 -8.06 -2.35 -6.03
CA GLN A 235 -7.94 -0.94 -5.62
C GLN A 235 -9.24 -0.16 -5.79
N GLN A 236 -10.25 -0.78 -6.40
CA GLN A 236 -11.42 -0.04 -6.88
C GLN A 236 -12.38 0.46 -5.80
N GLY A 237 -12.49 -0.28 -4.70
CA GLY A 237 -13.44 0.06 -3.64
C GLY A 237 -13.01 1.28 -2.82
N GLY A 238 -11.71 1.43 -2.61
CA GLY A 238 -11.17 2.62 -1.91
C GLY A 238 -11.73 3.95 -2.39
N PRO A 239 -11.51 4.29 -3.66
CA PRO A 239 -12.00 5.57 -4.20
C PRO A 239 -13.52 5.65 -4.26
N ALA A 240 -14.19 4.53 -4.42
CA ALA A 240 -15.65 4.55 -4.38
C ALA A 240 -16.13 4.93 -2.97
N LEU A 241 -15.48 4.37 -1.96
CA LEU A 241 -15.82 4.71 -0.58
C LEU A 241 -15.59 6.20 -0.28
N GLN A 242 -14.44 6.73 -0.68
CA GLN A 242 -14.15 8.16 -0.54
C GLN A 242 -15.26 9.02 -1.12
N LEU A 243 -15.72 8.65 -2.31
CA LEU A 243 -16.74 9.42 -3.02
C LEU A 243 -18.08 9.39 -2.30
N LEU A 244 -18.49 8.21 -1.86
CA LEU A 244 -19.72 8.08 -1.08
C LEU A 244 -19.67 8.96 0.17
N ILE A 245 -18.53 8.91 0.87
CA ILE A 245 -18.35 9.70 2.08
C ILE A 245 -18.41 11.21 1.81
N GLU A 246 -17.75 11.65 0.74
CA GLU A 246 -17.79 13.06 0.35
C GLU A 246 -19.20 13.51 -0.01
N ASN A 247 -20.05 12.59 -0.42
CA ASN A 247 -21.38 12.97 -0.87
C ASN A 247 -22.49 12.56 0.09
N GLY A 248 -22.16 12.60 1.38
CA GLY A 248 -23.16 12.39 2.43
C GLY A 248 -23.64 10.97 2.60
N LYS A 249 -22.89 9.98 2.11
CA LYS A 249 -23.33 8.59 2.23
C LYS A 249 -22.43 7.76 3.15
N ARG A 250 -21.81 8.40 4.13
CA ARG A 250 -20.91 7.67 5.03
C ARG A 250 -21.56 6.44 5.64
N GLU A 251 -22.81 6.58 6.08
CA GLU A 251 -23.45 5.49 6.83
C GLU A 251 -23.82 4.32 5.91
N GLU A 252 -24.24 4.63 4.69
CA GLU A 252 -24.50 3.60 3.70
C GLU A 252 -23.22 2.84 3.33
N ALA A 253 -22.11 3.57 3.21
CA ALA A 253 -20.83 2.98 2.90
C ALA A 253 -20.39 2.08 4.04
N GLN A 254 -20.50 2.60 5.26
CA GLN A 254 -20.13 1.85 6.45
C GLN A 254 -20.89 0.54 6.53
N LYS A 255 -22.21 0.61 6.31
CA LYS A 255 -23.07 -0.58 6.39
C LYS A 255 -22.58 -1.70 5.47
N LYS A 256 -22.20 -1.33 4.25
CA LYS A 256 -21.77 -2.29 3.23
C LYS A 256 -20.43 -2.93 3.58
N VAL A 257 -19.52 -2.12 4.12
CA VAL A 257 -18.25 -2.63 4.61
C VAL A 257 -18.52 -3.57 5.79
N ASP A 258 -19.34 -3.09 6.73
CA ASP A 258 -19.69 -3.89 7.92
C ASP A 258 -20.19 -5.28 7.54
N MET A 259 -21.17 -5.32 6.62
CA MET A 259 -21.78 -6.57 6.21
CA MET A 259 -21.79 -6.57 6.20
C MET A 259 -20.78 -7.49 5.50
N ALA A 260 -19.97 -6.93 4.61
CA ALA A 260 -19.02 -7.72 3.81
C ALA A 260 -17.89 -8.35 4.64
N ILE A 261 -17.30 -7.57 5.54
CA ILE A 261 -16.23 -8.11 6.38
C ILE A 261 -16.71 -9.31 7.18
N TRP A 262 -17.91 -9.23 7.75
CA TRP A 262 -18.36 -10.32 8.62
C TRP A 262 -18.66 -11.58 7.82
N ARG A 263 -19.35 -11.40 6.68
CA ARG A 263 -19.63 -12.54 5.79
C ARG A 263 -18.36 -13.25 5.30
N ALA A 264 -17.35 -12.46 4.90
CA ALA A 264 -16.06 -13.00 4.51
C ALA A 264 -15.40 -13.77 5.66
N TRP A 265 -15.47 -13.19 6.84
CA TRP A 265 -14.90 -13.81 8.06
C TRP A 265 -15.41 -15.22 8.33
N ARG A 266 -16.72 -15.41 8.31
CA ARG A 266 -17.31 -16.72 8.58
C ARG A 266 -16.83 -17.78 7.58
N LEU A 267 -16.86 -17.45 6.29
CA LEU A 267 -16.37 -18.41 5.30
C LEU A 267 -14.87 -18.64 5.44
N PHE A 268 -14.13 -17.56 5.64
CA PHE A 268 -12.68 -17.63 5.80
C PHE A 268 -12.34 -18.58 6.95
N ALA A 269 -13.13 -18.49 8.02
CA ALA A 269 -12.86 -19.29 9.21
C ALA A 269 -13.07 -20.78 8.97
N VAL A 270 -14.05 -21.16 8.16
CA VAL A 270 -14.31 -22.59 7.96
C VAL A 270 -13.37 -23.22 6.92
N LEU A 271 -13.00 -22.44 5.91
CA LEU A 271 -12.16 -22.95 4.83
C LEU A 271 -10.67 -22.81 5.05
N THR A 272 -10.24 -21.78 5.76
CA THR A 272 -8.80 -21.57 5.92
C THR A 272 -8.28 -21.67 7.35
N GLY A 273 -9.14 -21.41 8.33
CA GLY A 273 -8.75 -21.52 9.75
C GLY A 273 -8.16 -22.88 10.10
N PRO A 274 -8.90 -23.97 9.79
CA PRO A 274 -8.42 -25.33 10.04
C PRO A 274 -7.13 -25.66 9.27
N VAL A 275 -6.99 -25.13 8.06
CA VAL A 275 -5.76 -25.34 7.30
C VAL A 275 -4.54 -24.85 8.09
N MET A 276 -4.60 -23.63 8.60
CA MET A 276 -3.45 -23.06 9.29
C MET A 276 -3.16 -23.76 10.62
N ASP A 277 -4.21 -24.01 11.41
CA ASP A 277 -4.02 -24.53 12.77
C ASP A 277 -4.03 -26.05 12.88
N TYR A 278 -4.46 -26.76 11.84
CA TYR A 278 -4.54 -28.22 11.91
C TYR A 278 -3.93 -29.03 10.74
N TYR A 279 -4.09 -28.56 9.51
CA TYR A 279 -3.63 -29.32 8.35
C TYR A 279 -2.13 -29.13 8.12
N THR A 280 -1.63 -27.94 8.42
CA THR A 280 -0.22 -27.62 8.19
C THR A 280 0.61 -28.42 9.19
N PRO A 281 1.67 -29.10 8.72
CA PRO A 281 2.52 -29.82 9.66
C PRO A 281 3.04 -28.89 10.75
N LEU A 282 3.10 -29.41 11.98
CA LEU A 282 3.50 -28.61 13.14
C LEU A 282 4.82 -27.88 12.92
N GLU A 283 5.80 -28.58 12.38
CA GLU A 283 7.12 -27.99 12.20
C GLU A 283 7.11 -26.82 11.21
N ASP A 284 6.04 -26.69 10.43
CA ASP A 284 5.95 -25.61 9.45
C ASP A 284 4.98 -24.49 9.86
N ARG A 285 4.53 -24.48 11.11
CA ARG A 285 3.64 -23.42 11.58
C ARG A 285 4.45 -22.29 12.19
N SER A 286 4.14 -21.05 11.81
CA SER A 286 4.96 -19.89 12.21
C SER A 286 4.12 -18.80 12.88
N GLN A 287 2.81 -18.99 12.86
CA GLN A 287 1.90 -18.17 13.62
C GLN A 287 0.57 -18.89 13.58
N SER A 288 -0.25 -18.67 14.59
CA SER A 288 -1.55 -19.33 14.65
C SER A 288 -2.51 -18.57 13.74
N PHE A 289 -3.66 -19.17 13.45
CA PHE A 289 -4.71 -18.48 12.71
C PHE A 289 -5.10 -17.16 13.37
N LYS A 290 -5.20 -17.17 14.69
CA LYS A 290 -5.54 -15.97 15.45
C LYS A 290 -4.50 -14.87 15.25
N GLU A 291 -3.23 -15.21 15.31
CA GLU A 291 -2.18 -14.23 15.10
C GLU A 291 -2.28 -13.64 13.69
N PHE A 292 -2.50 -14.51 12.71
CA PHE A 292 -2.75 -14.07 11.34
C PHE A 292 -3.94 -13.11 11.28
N MET A 293 -5.10 -13.55 11.75
CA MET A 293 -6.29 -12.71 11.78
C MET A 293 -6.09 -11.36 12.48
N TYR A 294 -5.47 -11.39 13.65
CA TYR A 294 -5.37 -10.18 14.45
C TYR A 294 -4.33 -9.20 13.89
N GLU A 295 -3.16 -9.72 13.55
CA GLU A 295 -2.05 -8.86 13.16
C GLU A 295 -2.07 -8.43 11.69
N TRP A 296 -2.45 -9.33 10.79
CA TRP A 296 -2.45 -9.04 9.37
C TRP A 296 -3.79 -8.46 8.90
N ILE A 297 -4.86 -9.21 9.13
CA ILE A 297 -6.18 -8.88 8.60
C ILE A 297 -6.88 -7.74 9.35
N ILE A 298 -7.07 -7.93 10.66
CA ILE A 298 -7.73 -6.95 11.48
C ILE A 298 -6.90 -5.66 11.55
N GLY A 299 -5.59 -5.81 11.66
CA GLY A 299 -4.69 -4.65 11.69
C GLY A 299 -4.80 -3.80 10.44
N GLN A 300 -4.79 -4.44 9.27
CA GLN A 300 -4.90 -3.68 8.03
C GLN A 300 -6.27 -3.05 7.82
N PHE A 301 -7.33 -3.72 8.29
CA PHE A 301 -8.67 -3.12 8.24
C PHE A 301 -8.73 -1.85 9.08
N GLU A 302 -8.23 -1.91 10.31
CA GLU A 302 -8.30 -0.74 11.18
C GLU A 302 -7.62 0.46 10.53
N ARG A 303 -6.43 0.23 9.99
CA ARG A 303 -5.63 1.26 9.34
C ARG A 303 -6.33 1.79 8.09
N SER A 304 -6.86 0.88 7.28
CA SER A 304 -7.52 1.30 6.05
C SER A 304 -8.83 2.05 6.29
N LEU A 305 -9.63 1.59 7.24
CA LEU A 305 -10.89 2.27 7.55
C LEU A 305 -10.64 3.68 8.08
N ILE A 306 -9.70 3.80 9.02
CA ILE A 306 -9.32 5.09 9.57
C ILE A 306 -8.90 6.05 8.46
N ASP A 307 -8.01 5.60 7.60
CA ASP A 307 -7.53 6.43 6.51
C ASP A 307 -8.68 6.94 5.62
N LEU A 308 -9.81 6.23 5.62
CA LEU A 308 -10.96 6.60 4.80
C LEU A 308 -11.95 7.47 5.56
N GLY A 309 -11.77 7.56 6.87
CA GLY A 309 -12.73 8.28 7.71
C GLY A 309 -13.94 7.42 8.02
N LEU A 310 -13.79 6.10 7.87
CA LEU A 310 -14.84 5.19 8.29
C LEU A 310 -14.54 4.77 9.71
N ASP A 311 -15.47 4.05 10.33
CA ASP A 311 -15.28 3.57 11.70
C ASP A 311 -14.98 2.07 11.71
N LYS A 312 -14.50 1.57 12.85
CA LYS A 312 -14.47 0.12 13.05
C LYS A 312 -15.90 -0.35 13.11
N PRO A 313 -16.21 -1.45 12.44
CA PRO A 313 -17.60 -1.93 12.48
C PRO A 313 -18.10 -2.12 13.92
N TRP A 314 -19.41 -2.02 14.11
CA TRP A 314 -20.00 -2.11 15.45
C TRP A 314 -19.67 -3.41 16.18
N TYR A 315 -19.43 -4.48 15.42
CA TYR A 315 -19.24 -5.80 16.00
C TYR A 315 -17.77 -6.14 16.27
N TRP A 316 -16.89 -5.15 16.24
CA TRP A 316 -15.46 -5.40 16.27
C TRP A 316 -15.03 -6.26 17.47
N ASP A 317 -15.59 -5.97 18.64
CA ASP A 317 -15.25 -6.77 19.83
C ASP A 317 -15.70 -8.23 19.67
N LEU A 318 -16.89 -8.43 19.10
CA LEU A 318 -17.38 -9.77 18.76
C LEU A 318 -16.42 -10.51 17.81
N PHE A 319 -15.90 -9.78 16.83
CA PHE A 319 -14.92 -10.31 15.88
C PHE A 319 -13.66 -10.73 16.64
N LEU A 320 -13.17 -9.84 17.50
CA LEU A 320 -11.96 -10.14 18.28
C LEU A 320 -12.13 -11.39 19.14
N LYS A 321 -13.32 -11.60 19.68
CA LYS A 321 -13.57 -12.80 20.46
C LYS A 321 -13.66 -14.02 19.55
N ASP A 322 -14.32 -13.86 18.40
CA ASP A 322 -14.54 -14.94 17.46
C ASP A 322 -13.22 -15.55 16.97
N ILE A 323 -12.21 -14.73 16.74
CA ILE A 323 -10.94 -15.24 16.21
C ILE A 323 -10.22 -16.20 17.18
N ASP A 324 -10.63 -16.19 18.44
CA ASP A 324 -10.09 -17.12 19.43
C ASP A 324 -10.82 -18.45 19.47
N GLU A 325 -12.02 -18.48 18.90
CA GLU A 325 -12.95 -19.59 19.15
C GLU A 325 -13.50 -20.26 17.90
N LEU A 326 -13.99 -19.44 16.97
CA LEU A 326 -14.83 -19.94 15.87
C LEU A 326 -14.22 -21.10 15.09
N HIS A 327 -13.01 -20.92 14.57
CA HIS A 327 -12.44 -21.91 13.65
C HIS A 327 -12.11 -23.25 14.30
N HIS A 328 -11.88 -23.26 15.62
CA HIS A 328 -11.65 -24.51 16.35
C HIS A 328 -12.89 -25.40 16.31
N SER A 329 -14.06 -24.79 16.47
CA SER A 329 -15.32 -25.51 16.39
C SER A 329 -15.62 -25.83 14.92
N TYR A 330 -15.44 -24.85 14.03
CA TYR A 330 -15.60 -25.13 12.60
C TYR A 330 -14.77 -26.33 12.17
N HIS A 331 -13.51 -26.39 12.60
CA HIS A 331 -12.64 -27.51 12.26
C HIS A 331 -13.16 -28.84 12.77
N MET A 332 -13.58 -28.85 14.03
CA MET A 332 -14.15 -30.03 14.63
C MET A 332 -15.36 -30.53 13.82
N GLY A 333 -16.20 -29.62 13.36
CA GLY A 333 -17.38 -29.97 12.53
C GLY A 333 -17.00 -30.53 11.15
N VAL A 334 -16.13 -29.82 10.46
CA VAL A 334 -15.64 -30.28 9.17
C VAL A 334 -15.05 -31.68 9.31
N TRP A 335 -14.26 -31.92 10.35
CA TRP A 335 -13.69 -33.24 10.54
C TRP A 335 -14.75 -34.31 10.90
N TYR A 336 -15.57 -34.04 11.92
CA TYR A 336 -16.55 -35.04 12.31
C TYR A 336 -17.45 -35.42 11.12
N TRP A 337 -17.87 -34.43 10.33
CA TRP A 337 -18.68 -34.66 9.15
C TRP A 337 -17.82 -34.70 7.88
N ARG A 338 -16.58 -35.19 8.01
CA ARG A 338 -15.66 -35.20 6.88
C ARG A 338 -16.25 -35.86 5.63
N THR A 339 -17.09 -36.87 5.81
CA THR A 339 -17.66 -37.60 4.68
C THR A 339 -18.43 -36.69 3.69
N THR A 340 -18.86 -35.51 4.15
CA THR A 340 -19.60 -34.54 3.33
C THR A 340 -18.70 -33.51 2.62
N ALA A 341 -17.41 -33.52 2.91
CA ALA A 341 -16.44 -32.62 2.25
C ALA A 341 -15.82 -33.31 1.05
N TRP A 342 -15.31 -32.51 0.11
CA TRP A 342 -14.64 -33.05 -1.09
C TRP A 342 -13.12 -33.13 -0.91
N TRP A 343 -12.64 -32.83 0.30
CA TRP A 343 -11.23 -33.03 0.64
C TRP A 343 -11.15 -33.89 1.90
N ASN A 344 -9.94 -34.28 2.27
CA ASN A 344 -9.73 -35.14 3.45
C ASN A 344 -9.15 -34.35 4.62
N PRO A 345 -10.00 -33.96 5.58
CA PRO A 345 -9.54 -33.13 6.69
C PRO A 345 -8.54 -33.85 7.58
N ALA A 346 -7.52 -33.13 8.04
CA ALA A 346 -6.58 -33.68 9.02
C ALA A 346 -7.06 -33.33 10.43
N ALA A 347 -7.13 -34.33 11.31
CA ALA A 347 -7.56 -34.08 12.69
C ALA A 347 -6.63 -33.09 13.41
N GLY A 348 -5.33 -33.32 13.34
CA GLY A 348 -4.35 -32.38 13.90
C GLY A 348 -4.34 -32.30 15.42
N VAL A 349 -4.57 -33.44 16.08
CA VAL A 349 -4.67 -33.47 17.53
C VAL A 349 -3.81 -34.53 18.19
N THR A 350 -2.64 -34.78 17.61
CA THR A 350 -1.62 -35.54 18.33
C THR A 350 -1.19 -34.73 19.56
N PRO A 351 -0.56 -35.40 20.55
CA PRO A 351 -0.14 -34.66 21.74
C PRO A 351 0.72 -33.43 21.43
N GLU A 352 1.69 -33.56 20.52
CA GLU A 352 2.53 -32.41 20.16
C GLU A 352 1.71 -31.26 19.58
N GLU A 353 0.71 -31.60 18.77
CA GLU A 353 -0.13 -30.57 18.16
C GLU A 353 -1.00 -29.92 19.22
N ARG A 354 -1.54 -30.74 20.12
CA ARG A 354 -2.33 -30.21 21.22
C ARG A 354 -1.49 -29.28 22.13
N ASP A 355 -0.20 -29.58 22.31
CA ASP A 355 0.66 -28.66 23.08
C ASP A 355 0.80 -27.30 22.39
N TRP A 356 0.98 -27.33 21.08
CA TRP A 356 1.03 -26.10 20.29
C TRP A 356 -0.28 -25.34 20.38
N LEU A 357 -1.41 -26.03 20.24
CA LEU A 357 -2.71 -25.37 20.30
C LEU A 357 -2.91 -24.74 21.68
N GLU A 358 -2.48 -25.45 22.71
CA GLU A 358 -2.57 -24.94 24.08
C GLU A 358 -1.74 -23.68 24.28
N GLU A 359 -0.56 -23.64 23.66
CA GLU A 359 0.34 -22.47 23.75
C GLU A 359 -0.28 -21.28 23.03
N LYS A 360 -0.82 -21.52 21.84
CA LYS A 360 -1.43 -20.47 21.04
C LYS A 360 -2.82 -20.02 21.53
N TYR A 361 -3.51 -20.92 22.22
CA TYR A 361 -4.85 -20.62 22.71
C TYR A 361 -4.99 -21.21 24.10
N PRO A 362 -4.51 -20.47 25.12
CA PRO A 362 -4.58 -21.03 26.46
C PRO A 362 -6.00 -21.49 26.79
N GLY A 363 -6.13 -22.67 27.36
CA GLY A 363 -7.44 -23.24 27.68
C GLY A 363 -7.98 -24.14 26.60
N TRP A 364 -7.24 -24.29 25.49
CA TRP A 364 -7.71 -25.12 24.37
C TRP A 364 -8.12 -26.54 24.78
N ASN A 365 -7.29 -27.19 25.60
CA ASN A 365 -7.54 -28.57 25.99
C ASN A 365 -8.78 -28.72 26.88
N LYS A 366 -9.07 -27.71 27.69
CA LYS A 366 -10.25 -27.79 28.57
C LYS A 366 -11.51 -27.45 27.79
N ARG A 367 -11.32 -26.97 26.57
CA ARG A 367 -12.44 -26.64 25.70
C ARG A 367 -12.58 -27.71 24.61
N TRP A 368 -12.07 -27.42 23.40
CA TRP A 368 -12.12 -28.40 22.31
C TRP A 368 -11.43 -29.74 22.61
N GLY A 369 -10.39 -29.69 23.42
CA GLY A 369 -9.67 -30.88 23.79
C GLY A 369 -10.58 -31.92 24.43
N ARG A 370 -11.62 -31.45 25.13
CA ARG A 370 -12.58 -32.37 25.77
C ARG A 370 -13.31 -33.23 24.74
N CYS A 371 -13.73 -32.62 23.63
CA CYS A 371 -14.37 -33.35 22.55
C CYS A 371 -13.38 -34.26 21.86
N TRP A 372 -12.17 -33.77 21.59
CA TRP A 372 -11.15 -34.58 20.93
C TRP A 372 -10.73 -35.77 21.78
N ASP A 373 -10.85 -35.66 23.10
CA ASP A 373 -10.51 -36.78 23.98
C ASP A 373 -11.45 -37.95 23.73
N VAL A 374 -12.74 -37.64 23.58
CA VAL A 374 -13.76 -38.65 23.38
C VAL A 374 -13.55 -39.30 22.01
N ILE A 375 -13.31 -38.46 21.01
CA ILE A 375 -13.04 -38.93 19.66
C ILE A 375 -11.80 -39.81 19.64
N THR A 376 -10.75 -39.34 20.30
CA THR A 376 -9.47 -40.06 20.29
C THR A 376 -9.64 -41.43 20.95
N GLU A 377 -10.21 -41.42 22.15
CA GLU A 377 -10.53 -42.65 22.86
C GLU A 377 -11.29 -43.65 21.96
N ASN A 378 -12.28 -43.17 21.22
CA ASN A 378 -13.04 -44.05 20.34
C ASN A 378 -12.18 -44.65 19.22
N VAL A 379 -11.35 -43.82 18.60
CA VAL A 379 -10.44 -44.31 17.56
C VAL A 379 -9.52 -45.40 18.10
N LEU A 380 -8.98 -45.19 19.31
CA LEU A 380 -8.08 -46.15 19.93
C LEU A 380 -8.78 -47.46 20.27
N ASN A 381 -10.09 -47.40 20.46
CA ASN A 381 -10.91 -48.61 20.70
C ASN A 381 -11.59 -49.14 19.44
N ASP A 382 -11.19 -48.64 18.27
CA ASP A 382 -11.84 -48.99 16.99
C ASP A 382 -13.35 -48.80 16.97
N ARG A 383 -13.87 -47.96 17.85
CA ARG A 383 -15.28 -47.60 17.79
C ARG A 383 -15.50 -46.60 16.66
N MET A 384 -15.27 -47.05 15.43
CA MET A 384 -15.45 -46.20 14.24
C MET A 384 -16.88 -45.70 14.09
N ASP A 385 -17.84 -46.47 14.59
CA ASP A 385 -19.24 -46.05 14.49
C ASP A 385 -19.48 -44.71 15.19
N LEU A 386 -18.73 -44.48 16.26
CA LEU A 386 -18.90 -43.27 17.06
C LEU A 386 -18.14 -42.03 16.50
N VAL A 387 -17.34 -42.21 15.45
CA VAL A 387 -16.68 -41.07 14.83
C VAL A 387 -17.28 -40.79 13.45
N SER A 388 -18.50 -41.27 13.24
CA SER A 388 -19.28 -40.96 12.05
C SER A 388 -20.67 -40.47 12.45
N PRO A 389 -21.16 -39.41 11.79
CA PRO A 389 -22.41 -38.76 12.17
C PRO A 389 -23.66 -39.48 11.68
N GLU A 390 -24.74 -39.38 12.44
CA GLU A 390 -26.01 -40.00 12.08
C GLU A 390 -27.14 -38.99 12.04
N THR A 391 -26.76 -37.71 12.07
CA THR A 391 -27.71 -36.63 11.84
C THR A 391 -27.00 -35.42 11.20
N LEU A 392 -27.77 -34.38 10.86
CA LEU A 392 -27.21 -33.14 10.31
C LEU A 392 -26.95 -32.13 11.41
N PRO A 393 -25.91 -31.30 11.21
CA PRO A 393 -25.77 -30.16 12.11
C PRO A 393 -26.85 -29.13 11.82
N SER A 394 -27.16 -28.30 12.81
CA SER A 394 -28.03 -27.17 12.60
C SER A 394 -27.23 -26.10 11.86
N VAL A 395 -27.85 -25.42 10.91
CA VAL A 395 -27.11 -24.54 9.99
C VAL A 395 -27.57 -23.07 10.01
N CYS A 396 -26.62 -22.15 9.98
CA CYS A 396 -26.94 -20.71 9.93
C CYS A 396 -27.68 -20.36 8.65
N ASN A 397 -28.78 -19.62 8.77
CA ASN A 397 -29.53 -19.14 7.60
C ASN A 397 -28.85 -17.98 6.88
N MET A 398 -27.71 -17.51 7.39
CA MET A 398 -26.90 -16.53 6.68
C MET A 398 -25.66 -17.19 6.10
N SER A 399 -24.73 -17.60 6.96
CA SER A 399 -23.46 -18.14 6.48
C SER A 399 -23.55 -19.51 5.81
N GLN A 400 -24.63 -20.26 6.07
CA GLN A 400 -24.75 -21.64 5.55
C GLN A 400 -23.76 -22.61 6.23
N ILE A 401 -23.21 -22.21 7.37
CA ILE A 401 -22.26 -23.03 8.13
C ILE A 401 -22.92 -23.37 9.48
N PRO A 402 -22.65 -24.56 10.05
CA PRO A 402 -23.30 -25.01 11.28
C PRO A 402 -23.21 -24.05 12.48
N LEU A 403 -24.21 -24.12 13.34
CA LEU A 403 -24.30 -23.30 14.52
C LEU A 403 -23.39 -23.90 15.60
N VAL A 404 -22.31 -23.20 15.94
CA VAL A 404 -21.36 -23.75 16.89
C VAL A 404 -21.16 -22.83 18.09
N GLY A 405 -20.51 -23.35 19.13
CA GLY A 405 -20.08 -22.54 20.27
C GLY A 405 -18.77 -23.08 20.84
N VAL A 406 -18.49 -22.73 22.10
CA VAL A 406 -17.31 -23.24 22.79
C VAL A 406 -17.76 -24.47 23.59
N PRO A 407 -17.06 -25.59 23.43
CA PRO A 407 -17.42 -26.86 24.05
C PRO A 407 -16.66 -27.15 25.35
N GLY A 408 -16.85 -28.35 25.89
CA GLY A 408 -16.11 -28.80 27.06
C GLY A 408 -16.43 -28.04 28.33
N ASP A 409 -15.39 -27.70 29.08
CA ASP A 409 -15.54 -27.17 30.42
C ASP A 409 -15.95 -25.71 30.46
N ASP A 410 -15.98 -25.07 29.31
CA ASP A 410 -16.38 -23.66 29.24
C ASP A 410 -17.58 -23.54 28.31
N TRP A 411 -18.52 -24.49 28.42
CA TRP A 411 -19.58 -24.61 27.43
C TRP A 411 -20.39 -23.32 27.28
N ASN A 412 -20.40 -22.77 26.07
CA ASN A 412 -21.23 -21.62 25.76
C ASN A 412 -21.57 -21.62 24.29
N ILE A 413 -22.86 -21.78 24.00
CA ILE A 413 -23.34 -21.76 22.62
C ILE A 413 -24.59 -20.90 22.56
N GLU A 414 -24.65 -19.99 21.58
CA GLU A 414 -25.82 -19.16 21.42
C GLU A 414 -26.31 -19.12 19.97
N VAL A 415 -27.60 -19.38 19.79
CA VAL A 415 -28.20 -19.26 18.48
C VAL A 415 -29.03 -17.99 18.50
N PHE A 416 -28.89 -17.18 17.46
CA PHE A 416 -29.66 -15.94 17.37
C PHE A 416 -30.78 -16.17 16.36
N SER A 417 -32.01 -16.26 16.87
CA SER A 417 -33.16 -16.60 16.02
C SER A 417 -34.02 -15.41 15.64
N LEU A 418 -34.83 -15.58 14.60
CA LEU A 418 -35.66 -14.50 14.08
C LEU A 418 -36.95 -15.05 13.49
N GLU A 419 -38.08 -14.48 13.91
CA GLU A 419 -39.35 -14.78 13.25
C GLU A 419 -39.62 -13.68 12.22
N HIS A 420 -39.69 -14.07 10.95
CA HIS A 420 -39.77 -13.09 9.88
C HIS A 420 -40.75 -13.56 8.80
N ASN A 421 -41.81 -12.78 8.60
CA ASN A 421 -42.84 -13.14 7.64
C ASN A 421 -43.30 -14.58 7.83
N GLY A 422 -43.62 -14.93 9.07
CA GLY A 422 -44.20 -16.24 9.35
C GLY A 422 -43.24 -17.42 9.31
N ARG A 423 -41.94 -17.16 9.25
CA ARG A 423 -40.94 -18.24 9.21
C ARG A 423 -39.89 -18.04 10.30
N LEU A 424 -39.40 -19.14 10.86
CA LEU A 424 -38.39 -19.07 11.91
C LEU A 424 -36.99 -19.33 11.34
N TYR A 425 -36.11 -18.34 11.45
CA TYR A 425 -34.73 -18.46 10.97
C TYR A 425 -33.77 -18.52 12.16
N HIS A 426 -32.62 -19.16 11.96
CA HIS A 426 -31.62 -19.27 13.01
C HIS A 426 -30.27 -18.81 12.47
N PHE A 427 -29.53 -18.06 13.28
CA PHE A 427 -28.25 -17.52 12.87
C PHE A 427 -27.16 -17.82 13.88
N GLY A 428 -25.93 -18.01 13.39
CA GLY A 428 -24.82 -18.40 14.25
C GLY A 428 -24.15 -17.28 15.03
N SER A 429 -24.60 -16.04 14.83
CA SER A 429 -24.09 -14.90 15.60
C SER A 429 -25.09 -13.77 15.51
N GLU A 430 -24.92 -12.77 16.38
CA GLU A 430 -25.74 -11.58 16.36
C GLU A 430 -25.52 -10.80 15.06
N VAL A 431 -24.29 -10.83 14.53
CA VAL A 431 -23.99 -10.10 13.31
C VAL A 431 -24.68 -10.73 12.10
N ASP A 432 -24.67 -12.05 12.03
CA ASP A 432 -25.32 -12.76 10.92
C ASP A 432 -26.82 -12.46 10.85
N ARG A 433 -27.49 -12.45 12.00
CA ARG A 433 -28.90 -12.06 12.05
C ARG A 433 -29.08 -10.63 11.59
N TRP A 434 -28.18 -9.77 12.04
CA TRP A 434 -28.20 -8.35 11.67
C TRP A 434 -28.03 -8.16 10.14
N VAL A 435 -27.10 -8.87 9.53
CA VAL A 435 -26.96 -8.83 8.07
C VAL A 435 -28.28 -9.17 7.39
N PHE A 436 -28.96 -10.20 7.87
CA PHE A 436 -30.27 -10.59 7.33
C PHE A 436 -31.22 -9.40 7.41
N GLN A 437 -31.25 -8.75 8.58
CA GLN A 437 -32.20 -7.67 8.79
C GLN A 437 -31.87 -6.42 7.99
N GLN A 438 -30.64 -6.30 7.49
CA GLN A 438 -30.25 -5.13 6.73
C GLN A 438 -30.84 -5.17 5.32
N ASP A 439 -31.11 -6.37 4.82
CA ASP A 439 -31.58 -6.52 3.45
C ASP A 439 -32.39 -7.81 3.27
N PRO A 440 -33.55 -7.92 3.93
CA PRO A 440 -34.32 -9.17 3.94
C PRO A 440 -34.70 -9.68 2.55
N VAL A 441 -34.95 -8.79 1.60
CA VAL A 441 -35.37 -9.24 0.28
C VAL A 441 -34.26 -10.06 -0.43
N GLN A 442 -33.02 -9.85 -0.01
CA GLN A 442 -31.89 -10.61 -0.55
C GLN A 442 -31.88 -12.06 -0.09
N TYR A 443 -32.48 -12.30 1.08
CA TYR A 443 -32.21 -13.53 1.84
C TYR A 443 -33.45 -14.34 2.23
N GLN A 444 -34.59 -13.66 2.37
CA GLN A 444 -35.75 -14.25 3.07
C GLN A 444 -36.29 -15.60 2.61
N ASN A 445 -36.31 -15.86 1.31
CA ASN A 445 -36.86 -17.15 0.89
C ASN A 445 -35.81 -18.19 0.54
N HIS A 446 -34.54 -17.89 0.86
CA HIS A 446 -33.50 -18.91 0.68
C HIS A 446 -33.68 -20.03 1.68
N MET A 447 -33.43 -21.27 1.23
CA MET A 447 -33.51 -22.44 2.08
C MET A 447 -32.13 -23.06 2.23
N ASN A 448 -31.63 -23.12 3.47
CA ASN A 448 -30.35 -23.78 3.69
C ASN A 448 -30.53 -25.30 3.61
N ILE A 449 -29.44 -26.05 3.61
CA ILE A 449 -29.52 -27.50 3.42
C ILE A 449 -30.47 -28.20 4.41
N VAL A 450 -30.47 -27.75 5.66
CA VAL A 450 -31.38 -28.35 6.63
C VAL A 450 -32.82 -28.01 6.30
N ASP A 451 -33.08 -26.75 5.93
CA ASP A 451 -34.42 -26.36 5.50
C ASP A 451 -34.93 -27.28 4.38
N ARG A 452 -34.07 -27.56 3.40
CA ARG A 452 -34.42 -28.46 2.30
C ARG A 452 -34.67 -29.90 2.76
N PHE A 453 -33.79 -30.40 3.64
CA PHE A 453 -33.95 -31.72 4.24
C PHE A 453 -35.33 -31.84 4.91
N LEU A 454 -35.69 -30.85 5.72
CA LEU A 454 -36.96 -30.84 6.43
C LEU A 454 -38.14 -30.61 5.49
N ALA A 455 -37.90 -29.97 4.36
CA ALA A 455 -38.98 -29.67 3.42
C ALA A 455 -39.30 -30.87 2.54
N GLY A 456 -38.46 -31.90 2.62
CA GLY A 456 -38.66 -33.10 1.84
C GLY A 456 -37.93 -33.15 0.50
N GLN A 457 -37.02 -32.21 0.26
CA GLN A 457 -36.30 -32.13 -1.00
CA GLN A 457 -36.30 -32.13 -1.00
C GLN A 457 -35.16 -33.12 -1.08
N ILE A 458 -34.75 -33.66 0.06
CA ILE A 458 -33.64 -34.61 0.12
C ILE A 458 -34.10 -36.02 0.46
N GLN A 459 -34.03 -36.92 -0.52
CA GLN A 459 -34.53 -38.29 -0.35
C GLN A 459 -33.55 -39.32 -0.86
N PRO A 460 -33.39 -40.41 -0.11
CA PRO A 460 -34.01 -40.63 1.19
C PRO A 460 -33.50 -39.63 2.26
N MET A 461 -34.22 -39.53 3.37
CA MET A 461 -33.81 -38.65 4.45
C MET A 461 -32.77 -39.34 5.31
N THR A 462 -31.65 -39.68 4.69
CA THR A 462 -30.56 -40.38 5.34
C THR A 462 -29.22 -39.76 4.93
N LEU A 463 -28.14 -40.28 5.50
CA LEU A 463 -26.80 -39.82 5.16
C LEU A 463 -26.50 -40.02 3.68
N GLU A 464 -26.82 -41.21 3.18
CA GLU A 464 -26.61 -41.49 1.77
C GLU A 464 -27.42 -40.55 0.92
N GLY A 465 -28.63 -40.22 1.36
CA GLY A 465 -29.52 -39.34 0.61
C GLY A 465 -28.93 -37.94 0.52
N ALA A 466 -28.40 -37.45 1.63
CA ALA A 466 -27.78 -36.13 1.67
C ALA A 466 -26.54 -36.09 0.79
N LEU A 467 -25.74 -37.16 0.86
CA LEU A 467 -24.51 -37.25 0.07
C LEU A 467 -24.81 -37.23 -1.42
N LYS A 468 -25.85 -37.96 -1.82
CA LYS A 468 -26.26 -37.95 -3.21
CA LYS A 468 -26.27 -37.95 -3.21
C LYS A 468 -26.71 -36.56 -3.62
N TYR A 469 -27.50 -35.93 -2.76
CA TYR A 469 -28.00 -34.58 -3.01
C TYR A 469 -26.84 -33.59 -3.15
N MET A 470 -25.80 -33.81 -2.37
CA MET A 470 -24.65 -32.90 -2.35
C MET A 470 -23.75 -33.08 -3.58
N GLY A 471 -24.06 -34.10 -4.39
CA GLY A 471 -23.37 -34.29 -5.66
C GLY A 471 -22.20 -35.27 -5.69
N PHE A 472 -22.05 -36.08 -4.65
CA PHE A 472 -21.00 -37.10 -4.64
C PHE A 472 -21.34 -38.21 -5.62
N GLN A 473 -20.33 -38.70 -6.33
CA GLN A 473 -20.54 -39.63 -7.44
C GLN A 473 -19.85 -40.96 -7.22
N SER A 474 -18.99 -41.05 -6.20
CA SER A 474 -18.37 -42.32 -5.80
C SER A 474 -17.86 -42.30 -4.35
N ILE A 475 -17.60 -43.48 -3.80
CA ILE A 475 -17.18 -43.57 -2.41
C ILE A 475 -15.83 -42.90 -2.18
N GLU A 476 -14.99 -42.88 -3.20
CA GLU A 476 -13.67 -42.24 -3.08
C GLU A 476 -13.76 -40.73 -2.91
N GLU A 477 -14.82 -40.13 -3.44
CA GLU A 477 -14.95 -38.68 -3.40
C GLU A 477 -15.21 -38.11 -2.02
N MET A 478 -15.92 -38.85 -1.17
CA MET A 478 -16.21 -38.40 0.19
C MET A 478 -14.97 -38.24 1.06
N GLY A 479 -14.92 -37.14 1.82
CA GLY A 479 -13.79 -36.85 2.67
C GLY A 479 -13.56 -37.93 3.72
N LYS A 480 -12.28 -38.17 4.03
CA LYS A 480 -11.89 -39.11 5.06
C LYS A 480 -10.80 -38.46 5.88
N ASP A 481 -10.37 -39.13 6.94
CA ASP A 481 -9.25 -38.64 7.71
C ASP A 481 -8.00 -38.61 6.84
N ALA A 482 -7.35 -37.44 6.79
CA ALA A 482 -6.20 -37.23 5.91
C ALA A 482 -5.13 -38.30 6.07
N HIS A 483 -4.97 -38.83 7.28
CA HIS A 483 -3.90 -39.79 7.54
C HIS A 483 -4.44 -41.17 7.87
N ASP A 484 -5.69 -41.41 7.49
CA ASP A 484 -6.37 -42.64 7.85
C ASP A 484 -6.12 -43.05 9.31
N PHE A 485 -6.21 -42.06 10.19
CA PHE A 485 -6.18 -42.27 11.63
C PHE A 485 -4.82 -42.68 12.18
N ALA A 486 -3.76 -42.44 11.40
CA ALA A 486 -2.40 -42.79 11.84
C ALA A 486 -2.06 -42.01 13.09
N TRP A 487 -2.59 -40.79 13.19
CA TRP A 487 -2.29 -39.92 14.31
C TRP A 487 -2.63 -40.52 15.67
N ALA A 488 -3.60 -41.43 15.69
CA ALA A 488 -4.08 -41.99 16.95
C ALA A 488 -2.97 -42.75 17.68
N ASP A 489 -2.07 -43.35 16.92
CA ASP A 489 -0.95 -44.08 17.50
C ASP A 489 -0.11 -43.19 18.43
N LYS A 490 0.00 -41.91 18.11
CA LYS A 490 0.74 -40.96 18.95
C LYS A 490 0.00 -40.60 20.25
N CYS A 491 -1.29 -40.95 20.32
CA CYS A 491 -2.11 -40.59 21.48
C CYS A 491 -2.15 -41.70 22.53
N LYS A 492 -1.37 -42.75 22.31
CA LYS A 492 -1.21 -43.82 23.30
C LYS A 492 -2.17 -44.98 23.02
N SER B 1 -24.86 -47.77 -1.22
CA SER B 1 -25.24 -47.78 -2.66
C SER B 1 -24.38 -46.79 -3.46
N PHE B 2 -23.28 -46.35 -2.85
CA PHE B 2 -22.28 -45.60 -3.58
C PHE B 2 -21.26 -46.57 -4.15
N GLU B 3 -20.90 -46.41 -5.41
CA GLU B 3 -19.94 -47.30 -6.05
C GLU B 3 -18.51 -46.78 -5.97
N SER B 4 -17.56 -47.69 -6.15
CA SER B 4 -16.17 -47.31 -6.31
C SER B 4 -15.96 -46.99 -7.79
N LYS B 5 -15.35 -45.84 -8.07
CA LYS B 5 -15.06 -45.46 -9.45
C LYS B 5 -13.63 -45.00 -9.56
N LYS B 6 -13.05 -45.18 -10.75
CA LYS B 6 -11.67 -44.80 -11.00
C LYS B 6 -11.56 -43.32 -11.29
N PRO B 7 -10.37 -42.73 -11.14
CA PRO B 7 -10.22 -41.33 -11.48
C PRO B 7 -10.49 -41.09 -12.95
N MET B 8 -11.05 -39.93 -13.28
CA MET B 8 -11.31 -39.56 -14.66
C MET B 8 -10.12 -38.73 -15.16
N ARG B 9 -9.88 -38.76 -16.47
CA ARG B 9 -8.72 -38.09 -17.04
C ARG B 9 -8.98 -36.62 -17.36
N THR B 10 -10.23 -36.20 -17.18
CA THR B 10 -10.61 -34.80 -17.34
C THR B 10 -11.83 -34.54 -16.45
N TRP B 11 -12.40 -33.34 -16.52
CA TRP B 11 -13.56 -32.99 -15.72
C TRP B 11 -14.69 -33.97 -16.01
N SER B 12 -15.46 -34.29 -14.97
CA SER B 12 -16.59 -35.19 -15.15
C SER B 12 -17.54 -34.77 -16.30
N HIS B 13 -17.70 -33.47 -16.54
CA HIS B 13 -18.62 -33.04 -17.60
C HIS B 13 -18.08 -33.25 -19.02
N LEU B 14 -16.76 -33.37 -19.14
CA LEU B 14 -16.10 -33.57 -20.43
C LEU B 14 -15.72 -35.04 -20.68
N ALA B 15 -15.85 -35.88 -19.65
CA ALA B 15 -15.28 -37.22 -19.67
C ALA B 15 -15.92 -38.16 -20.70
N GLU B 16 -17.17 -37.92 -21.04
CA GLU B 16 -17.84 -38.75 -22.03
C GLU B 16 -17.47 -38.38 -23.48
N MET B 17 -17.29 -37.08 -23.74
CA MET B 17 -17.07 -36.62 -25.11
C MET B 17 -15.81 -37.17 -25.80
N ARG B 18 -15.97 -38.33 -26.46
CA ARG B 18 -14.90 -38.94 -27.25
C ARG B 18 -13.59 -38.16 -27.29
N LYS B 19 -13.63 -36.96 -27.88
CA LYS B 19 -12.44 -36.14 -28.06
C LYS B 19 -11.73 -35.76 -26.75
N LYS B 20 -10.41 -35.65 -26.80
CA LYS B 20 -9.67 -35.18 -25.66
C LYS B 20 -9.86 -33.66 -25.54
N PRO B 21 -10.20 -33.18 -24.33
CA PRO B 21 -10.39 -31.74 -24.11
C PRO B 21 -9.13 -30.92 -24.40
N SER B 22 -9.31 -29.87 -25.17
CA SER B 22 -8.24 -28.90 -25.40
C SER B 22 -8.09 -27.99 -24.17
N GLU B 23 -7.00 -27.23 -24.15
CA GLU B 23 -6.85 -26.15 -23.17
C GLU B 23 -8.13 -25.33 -23.12
N TYR B 24 -8.65 -24.95 -24.29
CA TYR B 24 -9.88 -24.17 -24.37
C TYR B 24 -11.05 -24.82 -23.61
N ASP B 25 -11.33 -26.10 -23.89
CA ASP B 25 -12.44 -26.78 -23.22
C ASP B 25 -12.21 -26.83 -21.71
N ILE B 26 -11.01 -27.23 -21.31
CA ILE B 26 -10.66 -27.38 -19.89
C ILE B 26 -10.96 -26.11 -19.09
N VAL B 27 -10.59 -24.95 -19.64
CA VAL B 27 -10.67 -23.70 -18.86
C VAL B 27 -11.89 -22.82 -19.15
N SER B 28 -12.69 -23.20 -20.15
CA SER B 28 -13.76 -22.30 -20.61
C SER B 28 -15.17 -22.84 -20.48
N ARG B 29 -15.31 -24.16 -20.44
CA ARG B 29 -16.60 -24.80 -20.65
C ARG B 29 -17.43 -24.99 -19.38
N LYS B 30 -18.69 -24.61 -19.44
CA LYS B 30 -19.68 -24.91 -18.41
C LYS B 30 -19.31 -24.33 -17.05
N LEU B 31 -19.07 -23.02 -17.02
CA LEU B 31 -18.69 -22.35 -15.77
C LEU B 31 -19.79 -21.48 -15.17
N HIS B 32 -20.89 -21.28 -15.90
CA HIS B 32 -22.00 -20.51 -15.34
C HIS B 32 -22.91 -21.42 -14.51
N TYR B 33 -22.56 -21.61 -13.24
CA TYR B 33 -23.42 -22.39 -12.33
C TYR B 33 -24.77 -21.68 -12.12
N SER B 34 -24.82 -20.38 -12.46
CA SER B 34 -26.05 -19.60 -12.36
C SER B 34 -27.19 -20.06 -13.30
N THR B 35 -26.91 -20.95 -14.24
CA THR B 35 -27.95 -21.49 -15.12
C THR B 35 -28.52 -22.83 -14.65
N ASN B 36 -27.98 -23.37 -13.54
CA ASN B 36 -28.36 -24.71 -13.09
C ASN B 36 -29.77 -24.75 -12.50
N ASN B 37 -30.11 -23.73 -11.72
CA ASN B 37 -31.40 -23.64 -11.05
C ASN B 37 -32.24 -22.53 -11.66
N PRO B 38 -33.23 -22.91 -12.50
CA PRO B 38 -34.08 -21.96 -13.21
C PRO B 38 -34.70 -20.90 -12.32
N ASP B 39 -35.17 -21.30 -11.14
CA ASP B 39 -35.91 -20.36 -10.29
C ASP B 39 -35.01 -19.59 -9.34
N SER B 40 -33.75 -20.00 -9.24
CA SER B 40 -32.80 -19.33 -8.39
C SER B 40 -31.41 -19.33 -9.02
N PRO B 41 -31.19 -18.44 -10.01
CA PRO B 41 -29.88 -18.35 -10.64
C PRO B 41 -28.78 -18.27 -9.60
N TRP B 42 -28.93 -17.34 -8.65
CA TRP B 42 -27.90 -17.10 -7.64
C TRP B 42 -28.31 -17.73 -6.32
N GLU B 43 -27.33 -18.06 -5.48
CA GLU B 43 -27.58 -18.77 -4.22
C GLU B 43 -28.06 -17.79 -3.14
N LEU B 44 -29.24 -17.23 -3.35
CA LEU B 44 -29.83 -16.21 -2.51
C LEU B 44 -31.33 -16.47 -2.44
N SER B 45 -32.09 -15.54 -1.88
CA SER B 45 -33.55 -15.63 -1.99
C SER B 45 -33.90 -15.75 -3.49
N PRO B 46 -34.82 -16.67 -3.85
CA PRO B 46 -35.17 -16.81 -5.28
C PRO B 46 -35.70 -15.51 -5.88
N ASP B 47 -36.29 -14.65 -5.05
CA ASP B 47 -36.82 -13.38 -5.54
C ASP B 47 -35.99 -12.16 -5.13
N SER B 48 -34.71 -12.37 -4.87
CA SER B 48 -33.78 -11.26 -4.70
C SER B 48 -33.76 -10.46 -6.00
N PRO B 49 -33.43 -9.17 -5.92
CA PRO B 49 -33.45 -8.27 -7.06
C PRO B 49 -32.61 -8.80 -8.23
N MET B 50 -31.42 -9.31 -7.94
CA MET B 50 -30.59 -9.84 -9.02
C MET B 50 -31.13 -11.15 -9.59
N ASN B 51 -31.75 -11.97 -8.74
CA ASN B 51 -32.40 -13.18 -9.27
C ASN B 51 -33.55 -12.85 -10.23
N LEU B 52 -34.34 -11.84 -9.89
CA LEU B 52 -35.43 -11.42 -10.76
C LEU B 52 -34.88 -10.84 -12.05
N TRP B 53 -33.80 -10.07 -11.95
CA TRP B 53 -33.15 -9.51 -13.14
C TRP B 53 -32.76 -10.63 -14.11
N TYR B 54 -32.08 -11.65 -13.59
CA TYR B 54 -31.62 -12.75 -14.44
C TYR B 54 -32.73 -13.64 -14.95
N LYS B 55 -33.77 -13.83 -14.14
CA LYS B 55 -34.86 -14.67 -14.61
C LYS B 55 -35.58 -13.98 -15.77
N GLN B 56 -35.72 -12.67 -15.66
CA GLN B 56 -36.35 -11.87 -16.70
C GLN B 56 -35.44 -11.69 -17.93
N TYR B 57 -34.22 -11.21 -17.73
CA TYR B 57 -33.39 -10.80 -18.87
C TYR B 57 -32.45 -11.87 -19.45
N ARG B 58 -32.26 -12.96 -18.72
CA ARG B 58 -31.56 -14.09 -19.30
C ARG B 58 -32.49 -15.28 -19.49
N ASN B 59 -32.98 -15.85 -18.38
CA ASN B 59 -33.75 -17.09 -18.47
C ASN B 59 -34.97 -16.97 -19.38
N ALA B 60 -35.65 -15.83 -19.35
CA ALA B 60 -36.90 -15.69 -20.09
C ALA B 60 -36.71 -15.10 -21.49
N SER B 61 -35.46 -15.01 -21.93
CA SER B 61 -35.22 -14.45 -23.27
C SER B 61 -35.90 -15.31 -24.33
N PRO B 62 -36.63 -14.67 -25.27
CA PRO B 62 -37.26 -15.42 -26.36
C PRO B 62 -36.28 -16.09 -27.30
N LEU B 63 -35.00 -15.75 -27.19
CA LEU B 63 -33.94 -16.50 -27.87
C LEU B 63 -33.65 -17.74 -27.03
N LYS B 64 -33.90 -18.94 -27.56
CA LYS B 64 -33.89 -20.15 -26.74
C LYS B 64 -33.05 -21.30 -27.31
N HIS B 65 -32.42 -22.05 -26.41
CA HIS B 65 -31.56 -23.17 -26.80
C HIS B 65 -31.41 -24.12 -25.61
N ASP B 66 -31.48 -25.41 -25.87
CA ASP B 66 -31.39 -26.39 -24.77
C ASP B 66 -29.97 -26.54 -24.24
N ASN B 67 -28.99 -26.12 -25.02
CA ASN B 67 -27.58 -26.27 -24.66
C ASN B 67 -26.71 -25.11 -25.14
N TRP B 68 -26.93 -23.92 -24.59
CA TRP B 68 -26.11 -22.75 -24.88
C TRP B 68 -24.66 -23.05 -24.54
N ASP B 69 -24.46 -23.83 -23.47
CA ASP B 69 -23.11 -24.16 -23.00
C ASP B 69 -22.25 -24.82 -24.07
N ALA B 70 -22.88 -25.48 -25.03
CA ALA B 70 -22.15 -26.15 -26.10
C ALA B 70 -21.57 -25.17 -27.15
N PHE B 71 -21.89 -23.88 -27.06
CA PHE B 71 -21.30 -22.90 -27.95
C PHE B 71 -19.77 -22.92 -27.85
N THR B 72 -19.10 -22.79 -28.99
CA THR B 72 -17.64 -22.80 -29.04
C THR B 72 -17.14 -21.59 -29.81
N ASP B 73 -16.23 -20.84 -29.21
CA ASP B 73 -15.54 -19.75 -29.93
C ASP B 73 -14.81 -20.39 -31.12
N PRO B 74 -15.11 -19.93 -32.34
CA PRO B 74 -14.43 -20.54 -33.50
C PRO B 74 -12.91 -20.35 -33.45
N ASP B 75 -12.44 -19.28 -32.81
CA ASP B 75 -11.00 -19.07 -32.61
C ASP B 75 -10.46 -19.73 -31.34
N GLN B 76 -11.35 -20.32 -30.54
CA GLN B 76 -10.96 -21.02 -29.33
C GLN B 76 -9.92 -20.27 -28.47
N LEU B 77 -10.14 -18.97 -28.33
CA LEU B 77 -9.24 -18.12 -27.55
C LEU B 77 -9.44 -18.32 -26.05
N VAL B 78 -8.33 -18.37 -25.33
CA VAL B 78 -8.34 -18.29 -23.87
C VAL B 78 -7.53 -17.04 -23.50
N TYR B 79 -7.50 -16.67 -22.23
CA TYR B 79 -6.76 -15.49 -21.78
C TYR B 79 -5.31 -15.52 -22.28
N ARG B 80 -4.64 -16.66 -22.07
CA ARG B 80 -3.24 -16.81 -22.46
C ARG B 80 -3.02 -16.51 -23.94
N THR B 81 -3.83 -17.09 -24.83
CA THR B 81 -3.59 -16.96 -26.27
C THR B 81 -4.11 -15.63 -26.79
N TYR B 82 -5.11 -15.06 -26.12
CA TYR B 82 -5.53 -13.69 -26.44
C TYR B 82 -4.36 -12.70 -26.23
N ASN B 83 -3.70 -12.80 -25.10
CA ASN B 83 -2.63 -11.85 -24.80
C ASN B 83 -1.41 -12.06 -25.70
N LEU B 84 -1.16 -13.32 -26.08
CA LEU B 84 -0.08 -13.57 -27.04
C LEU B 84 -0.41 -12.84 -28.34
N MET B 85 -1.64 -12.99 -28.81
CA MET B 85 -2.05 -12.34 -30.04
C MET B 85 -1.99 -10.82 -29.95
N GLN B 86 -2.56 -10.27 -28.88
CA GLN B 86 -2.71 -8.81 -28.80
C GLN B 86 -1.41 -8.09 -28.45
N ASP B 87 -0.52 -8.77 -27.73
CA ASP B 87 0.81 -8.24 -27.51
C ASP B 87 1.50 -8.00 -28.86
N GLY B 88 1.35 -8.96 -29.79
CA GLY B 88 1.90 -8.77 -31.14
C GLY B 88 1.31 -7.54 -31.82
N GLN B 89 -0.02 -7.42 -31.77
CA GLN B 89 -0.68 -6.28 -32.38
C GLN B 89 -0.32 -4.96 -31.69
N GLU B 90 -0.08 -4.99 -30.38
CA GLU B 90 0.29 -3.76 -29.68
C GLU B 90 1.76 -3.41 -29.91
N SER B 91 2.58 -4.41 -30.19
CA SER B 91 3.94 -4.12 -30.65
C SER B 91 3.89 -3.45 -32.01
N TYR B 92 3.03 -3.95 -32.89
CA TYR B 92 2.82 -3.31 -34.18
C TYR B 92 2.39 -1.86 -33.96
N VAL B 93 1.37 -1.65 -33.14
CA VAL B 93 0.89 -0.28 -32.93
C VAL B 93 1.96 0.62 -32.31
N GLN B 94 2.69 0.10 -31.34
CA GLN B 94 3.79 0.86 -30.74
C GLN B 94 4.84 1.33 -31.76
N SER B 95 5.31 0.42 -32.62
CA SER B 95 6.31 0.79 -33.62
C SER B 95 5.69 1.76 -34.63
N LEU B 96 4.42 1.53 -34.93
CA LEU B 96 3.71 2.44 -35.84
C LEU B 96 3.72 3.88 -35.32
N PHE B 97 3.25 4.07 -34.08
CA PHE B 97 3.20 5.39 -33.47
C PHE B 97 4.61 5.98 -33.33
N ASP B 98 5.53 5.19 -32.77
CA ASP B 98 6.90 5.64 -32.47
C ASP B 98 7.60 6.13 -33.75
N GLN B 99 7.59 5.28 -34.77
CA GLN B 99 8.25 5.58 -36.03
C GLN B 99 7.57 6.69 -36.85
N PHE B 100 6.24 6.69 -36.90
CA PHE B 100 5.51 7.78 -37.58
C PHE B 100 5.78 9.13 -36.88
N ASN B 101 5.80 9.12 -35.56
CA ASN B 101 6.11 10.30 -34.78
C ASN B 101 7.52 10.82 -35.07
N GLU B 102 8.47 9.90 -35.20
CA GLU B 102 9.87 10.26 -35.47
C GLU B 102 9.99 10.98 -36.81
N ARG B 103 9.20 10.57 -37.80
CA ARG B 103 9.29 11.23 -39.09
C ARG B 103 8.32 12.39 -39.23
N GLU B 104 7.73 12.79 -38.11
CA GLU B 104 6.83 13.95 -38.09
C GLU B 104 5.68 13.81 -39.08
N HIS B 105 5.13 12.60 -39.16
CA HIS B 105 3.92 12.33 -39.94
C HIS B 105 2.83 13.39 -39.82
N ASP B 106 2.47 13.75 -38.60
CA ASP B 106 1.33 14.64 -38.39
C ASP B 106 1.49 16.01 -39.06
N GLN B 107 2.72 16.50 -39.17
CA GLN B 107 2.95 17.79 -39.82
C GLN B 107 2.65 17.75 -41.31
N MET B 108 2.62 16.56 -41.88
CA MET B 108 2.53 16.43 -43.33
C MET B 108 1.14 16.09 -43.86
N VAL B 109 0.15 15.97 -42.97
CA VAL B 109 -1.22 15.75 -43.43
C VAL B 109 -1.71 16.99 -44.21
N ARG B 110 -2.66 16.80 -45.11
CA ARG B 110 -3.16 17.88 -45.94
C ARG B 110 -3.74 19.00 -45.05
N GLU B 111 -3.65 20.24 -45.51
CA GLU B 111 -4.16 21.37 -44.72
C GLU B 111 -5.62 21.21 -44.29
N GLY B 112 -5.88 21.43 -43.01
CA GLY B 112 -7.25 21.34 -42.48
C GLY B 112 -7.64 19.96 -41.98
N TRP B 113 -6.81 18.95 -42.26
CA TRP B 113 -7.17 17.59 -41.85
C TRP B 113 -7.30 17.50 -40.34
N GLU B 114 -6.52 18.28 -39.60
CA GLU B 114 -6.62 18.25 -38.14
C GLU B 114 -8.01 18.61 -37.63
N HIS B 115 -8.72 19.46 -38.38
CA HIS B 115 -10.07 19.86 -37.99
C HIS B 115 -11.06 18.71 -38.23
N THR B 116 -10.86 17.99 -39.33
CA THR B 116 -11.67 16.81 -39.59
C THR B 116 -11.44 15.76 -38.50
N MET B 117 -10.19 15.61 -38.08
CA MET B 117 -9.89 14.67 -36.99
C MET B 117 -10.56 15.09 -35.68
N ALA B 118 -10.48 16.37 -35.34
CA ALA B 118 -11.10 16.86 -34.10
C ALA B 118 -12.62 16.64 -34.08
N ARG B 119 -13.23 16.74 -35.27
CA ARG B 119 -14.68 16.63 -35.40
C ARG B 119 -15.15 15.18 -35.54
N CYS B 120 -14.40 14.39 -36.30
CA CYS B 120 -14.89 13.08 -36.75
C CYS B 120 -14.12 11.90 -36.16
N TYR B 121 -12.95 12.14 -35.60
CA TYR B 121 -12.13 11.07 -35.05
C TYR B 121 -12.05 11.07 -33.53
N SER B 122 -11.60 12.17 -32.93
CA SER B 122 -11.35 12.16 -31.49
C SER B 122 -12.61 11.88 -30.61
N PRO B 123 -13.81 12.27 -31.06
CA PRO B 123 -14.98 11.90 -30.23
C PRO B 123 -15.33 10.41 -30.31
N LEU B 124 -14.64 9.66 -31.17
CA LEU B 124 -14.85 8.21 -31.21
C LEU B 124 -14.60 7.57 -29.85
N ARG B 125 -13.87 8.24 -28.96
CA ARG B 125 -13.62 7.62 -27.66
C ARG B 125 -14.92 7.36 -26.91
N TYR B 126 -15.92 8.23 -27.10
CA TYR B 126 -17.24 8.01 -26.49
C TYR B 126 -17.92 6.79 -27.12
N LEU B 127 -17.91 6.73 -28.45
CA LEU B 127 -18.49 5.58 -29.13
C LEU B 127 -17.80 4.29 -28.68
N PHE B 128 -16.48 4.28 -28.65
CA PHE B 128 -15.77 3.05 -28.28
C PHE B 128 -16.00 2.68 -26.81
N HIS B 129 -16.07 3.67 -25.93
CA HIS B 129 -16.39 3.33 -24.54
C HIS B 129 -17.82 2.78 -24.40
N CYS B 130 -18.75 3.27 -25.21
CA CYS B 130 -20.08 2.67 -25.25
C CYS B 130 -20.03 1.20 -25.67
N LEU B 131 -19.19 0.87 -26.65
CA LEU B 131 -19.03 -0.52 -27.07
C LEU B 131 -18.48 -1.36 -25.90
N GLN B 132 -17.53 -0.78 -25.18
CA GLN B 132 -16.93 -1.44 -24.03
C GLN B 132 -17.99 -1.76 -22.96
N MET B 133 -18.74 -0.74 -22.56
CA MET B 133 -19.81 -0.92 -21.59
C MET B 133 -20.80 -1.98 -22.06
N SER B 134 -21.19 -1.89 -23.32
CA SER B 134 -22.19 -2.80 -23.88
C SER B 134 -21.68 -4.23 -23.94
N SER B 135 -20.44 -4.43 -24.36
CA SER B 135 -19.86 -5.76 -24.41
C SER B 135 -19.79 -6.35 -23.00
N ALA B 136 -19.53 -5.51 -22.00
CA ALA B 136 -19.49 -5.99 -20.62
C ALA B 136 -20.89 -6.44 -20.18
N TYR B 137 -21.91 -5.73 -20.63
CA TYR B 137 -23.28 -6.18 -20.35
C TYR B 137 -23.59 -7.57 -20.95
N VAL B 138 -23.28 -7.78 -22.23
CA VAL B 138 -23.49 -9.11 -22.80
C VAL B 138 -22.69 -10.14 -22.02
N GLN B 139 -21.45 -9.81 -21.64
CA GLN B 139 -20.67 -10.76 -20.83
C GLN B 139 -21.44 -11.29 -19.62
N GLN B 140 -22.00 -10.37 -18.83
CA GLN B 140 -22.51 -10.72 -17.52
C GLN B 140 -23.87 -11.40 -17.61
N MET B 141 -24.54 -11.24 -18.74
CA MET B 141 -25.88 -11.82 -18.96
C MET B 141 -25.92 -13.09 -19.81
N ALA B 142 -24.88 -13.37 -20.59
CA ALA B 142 -24.93 -14.49 -21.53
C ALA B 142 -25.09 -15.85 -20.84
N PRO B 143 -25.90 -16.76 -21.42
CA PRO B 143 -26.25 -18.00 -20.73
C PRO B 143 -25.22 -19.12 -20.84
N ALA B 144 -24.01 -18.82 -21.33
CA ALA B 144 -22.93 -19.80 -21.34
C ALA B 144 -21.59 -19.10 -21.15
N SER B 145 -20.68 -19.74 -20.41
CA SER B 145 -19.36 -19.17 -20.16
C SER B 145 -18.53 -19.00 -21.43
N THR B 146 -18.66 -19.91 -22.38
CA THR B 146 -17.98 -19.76 -23.68
C THR B 146 -18.47 -18.51 -24.43
N ILE B 147 -19.76 -18.23 -24.35
CA ILE B 147 -20.27 -16.98 -24.93
C ILE B 147 -19.70 -15.79 -24.16
N SER B 148 -19.78 -15.84 -22.83
CA SER B 148 -19.28 -14.76 -22.00
C SER B 148 -17.80 -14.47 -22.22
N ASN B 149 -16.98 -15.52 -22.42
CA ASN B 149 -15.56 -15.29 -22.67
C ASN B 149 -15.31 -14.46 -23.93
N CYS B 150 -16.05 -14.76 -25.00
CA CYS B 150 -15.91 -13.96 -26.22
C CYS B 150 -16.22 -12.50 -25.92
N CYS B 151 -17.20 -12.28 -25.05
CA CYS B 151 -17.60 -10.94 -24.68
C CYS B 151 -16.54 -10.24 -23.83
N ILE B 152 -15.92 -10.96 -22.90
CA ILE B 152 -14.84 -10.38 -22.11
C ILE B 152 -13.74 -9.85 -23.02
N LEU B 153 -13.34 -10.68 -23.99
CA LEU B 153 -12.23 -10.31 -24.87
C LEU B 153 -12.63 -9.15 -25.78
N GLN B 154 -13.91 -9.12 -26.14
CA GLN B 154 -14.45 -8.02 -26.95
C GLN B 154 -14.48 -6.71 -26.15
N THR B 155 -14.75 -6.83 -24.84
CA THR B 155 -14.74 -5.68 -23.94
C THR B 155 -13.34 -5.08 -23.85
N ALA B 156 -12.35 -5.95 -23.64
CA ALA B 156 -10.96 -5.55 -23.64
C ALA B 156 -10.58 -4.87 -24.96
N ASP B 157 -11.02 -5.43 -26.08
CA ASP B 157 -10.70 -4.86 -27.40
C ASP B 157 -11.32 -3.48 -27.55
N SER B 158 -12.54 -3.30 -27.03
CA SER B 158 -13.17 -1.98 -27.05
C SER B 158 -12.31 -0.95 -26.28
N LEU B 159 -11.85 -1.32 -25.09
CA LEU B 159 -10.96 -0.47 -24.29
C LEU B 159 -9.65 -0.21 -25.06
N ARG B 160 -9.20 -1.22 -25.78
CA ARG B 160 -8.02 -1.10 -26.64
C ARG B 160 -8.24 0.03 -27.65
N TRP B 161 -9.39 0.04 -28.30
CA TRP B 161 -9.64 1.09 -29.30
C TRP B 161 -9.78 2.46 -28.65
N LEU B 162 -10.43 2.51 -27.50
CA LEU B 162 -10.54 3.74 -26.71
C LEU B 162 -9.15 4.31 -26.41
N THR B 163 -8.24 3.41 -26.01
CA THR B 163 -6.87 3.79 -25.65
C THR B 163 -6.09 4.33 -26.84
N HIS B 164 -6.20 3.66 -27.99
CA HIS B 164 -5.57 4.15 -29.21
C HIS B 164 -6.03 5.57 -29.49
N THR B 165 -7.34 5.78 -29.35
CA THR B 165 -7.96 7.06 -29.71
C THR B 165 -7.52 8.20 -28.78
N ALA B 166 -7.46 7.89 -27.49
CA ALA B 166 -6.94 8.84 -26.51
C ALA B 166 -5.49 9.19 -26.80
N TYR B 167 -4.66 8.18 -27.05
CA TYR B 167 -3.26 8.44 -27.32
C TYR B 167 -3.13 9.34 -28.57
N ARG B 168 -3.76 8.94 -29.66
CA ARG B 168 -3.67 9.72 -30.90
C ARG B 168 -4.30 11.12 -30.79
N THR B 169 -5.31 11.28 -29.94
CA THR B 169 -5.91 12.61 -29.79
C THR B 169 -4.89 13.55 -29.16
N HIS B 170 -4.28 13.09 -28.07
CA HIS B 170 -3.24 13.84 -27.43
C HIS B 170 -2.08 14.09 -28.37
N GLU B 171 -1.61 13.04 -29.03
CA GLU B 171 -0.47 13.18 -29.91
C GLU B 171 -0.73 14.22 -30.99
N LEU B 172 -1.87 14.10 -31.66
CA LEU B 172 -2.20 15.03 -32.73
C LEU B 172 -2.23 16.46 -32.21
N SER B 173 -2.70 16.65 -30.98
CA SER B 173 -2.80 17.99 -30.40
C SER B 173 -1.43 18.63 -30.18
N LEU B 174 -0.39 17.81 -30.12
CA LEU B 174 0.96 18.31 -29.95
C LEU B 174 1.40 19.07 -31.19
N THR B 175 0.99 18.61 -32.36
CA THR B 175 1.28 19.30 -33.62
C THR B 175 0.24 20.38 -33.94
N TYR B 176 -1.00 20.14 -33.53
CA TYR B 176 -2.15 21.05 -33.79
C TYR B 176 -2.89 21.40 -32.50
N PRO B 177 -2.34 22.35 -31.72
CA PRO B 177 -2.89 22.72 -30.42
C PRO B 177 -4.13 23.62 -30.48
N ASP B 178 -4.49 24.09 -31.68
CA ASP B 178 -5.58 25.04 -31.81
C ASP B 178 -6.81 24.45 -32.50
N ALA B 179 -6.92 23.12 -32.47
CA ALA B 179 -8.04 22.44 -33.13
C ALA B 179 -9.06 21.88 -32.14
N GLY B 180 -8.83 22.07 -30.85
CA GLY B 180 -9.76 21.59 -29.82
C GLY B 180 -9.64 20.10 -29.53
N LEU B 181 -8.56 19.50 -30.02
CA LEU B 181 -8.27 18.08 -29.80
C LEU B 181 -8.00 17.84 -28.32
N GLY B 182 -8.76 16.92 -27.74
CA GLY B 182 -8.65 16.64 -26.30
C GLY B 182 -9.45 17.64 -25.47
N GLU B 183 -10.16 18.53 -26.13
CA GLU B 183 -10.86 19.61 -25.44
C GLU B 183 -12.37 19.67 -25.69
N HIS B 184 -12.82 19.35 -26.90
CA HIS B 184 -14.22 19.63 -27.27
CA HIS B 184 -14.19 19.63 -27.32
C HIS B 184 -15.01 18.36 -27.59
N GLU B 185 -14.41 17.20 -27.35
CA GLU B 185 -15.06 15.92 -27.72
C GLU B 185 -16.38 15.64 -27.01
N ARG B 186 -16.48 15.91 -25.72
CA ARG B 186 -17.75 15.66 -25.02
C ARG B 186 -18.86 16.54 -25.59
N GLU B 187 -18.53 17.81 -25.81
CA GLU B 187 -19.48 18.73 -26.41
C GLU B 187 -19.89 18.26 -27.81
N LEU B 188 -18.94 17.78 -28.60
CA LEU B 188 -19.27 17.29 -29.93
C LEU B 188 -20.18 16.07 -29.89
N TRP B 189 -19.86 15.12 -29.00
CA TRP B 189 -20.65 13.90 -28.84
C TRP B 189 -22.07 14.27 -28.39
N GLU B 190 -22.18 15.31 -27.58
CA GLU B 190 -23.47 15.70 -27.04
C GLU B 190 -24.31 16.59 -27.98
N LYS B 191 -23.65 17.41 -28.80
CA LYS B 191 -24.37 18.49 -29.50
C LYS B 191 -24.26 18.47 -31.02
N GLU B 192 -23.17 17.93 -31.55
CA GLU B 192 -22.91 17.97 -32.99
C GLU B 192 -23.82 16.99 -33.72
N PRO B 193 -24.53 17.48 -34.77
CA PRO B 193 -25.48 16.61 -35.47
C PRO B 193 -24.93 15.27 -35.97
N GLY B 194 -23.71 15.28 -36.51
CA GLY B 194 -23.08 14.07 -37.01
C GLY B 194 -22.89 12.98 -35.96
N TRP B 195 -22.88 13.37 -34.69
CA TRP B 195 -22.75 12.40 -33.61
C TRP B 195 -24.08 11.94 -32.99
N GLN B 196 -25.17 12.63 -33.29
CA GLN B 196 -26.40 12.35 -32.55
C GLN B 196 -27.06 11.04 -32.92
N GLY B 197 -26.95 10.63 -34.19
CA GLY B 197 -27.46 9.33 -34.60
C GLY B 197 -26.77 8.23 -33.83
N LEU B 198 -25.45 8.32 -33.73
CA LEU B 198 -24.66 7.33 -33.01
C LEU B 198 -24.94 7.35 -31.51
N ARG B 199 -25.11 8.54 -30.95
CA ARG B 199 -25.34 8.66 -29.51
C ARG B 199 -26.72 8.14 -29.13
N GLU B 200 -27.74 8.51 -29.91
CA GLU B 200 -29.07 7.95 -29.68
C GLU B 200 -29.05 6.43 -29.81
N LEU B 201 -28.38 5.94 -30.85
CA LEU B 201 -28.24 4.50 -31.06
C LEU B 201 -27.65 3.82 -29.81
N MET B 202 -26.54 4.33 -29.29
CA MET B 202 -25.87 3.66 -28.16
C MET B 202 -26.61 3.81 -26.84
N GLU B 203 -27.22 4.97 -26.61
CA GLU B 203 -28.00 5.17 -25.39
C GLU B 203 -29.16 4.19 -25.35
N LYS B 204 -29.88 4.08 -26.46
CA LYS B 204 -30.92 3.06 -26.59
C LYS B 204 -30.39 1.62 -26.50
N GLN B 205 -29.31 1.32 -27.21
CA GLN B 205 -28.77 -0.05 -27.17
C GLN B 205 -28.36 -0.44 -25.74
N LEU B 206 -27.85 0.53 -24.97
CA LEU B 206 -27.37 0.26 -23.61
C LEU B 206 -28.53 0.02 -22.63
N THR B 207 -29.75 0.26 -23.08
CA THR B 207 -30.88 -0.01 -22.23
C THR B 207 -31.69 -1.20 -22.77
N ALA B 208 -31.14 -1.91 -23.74
CA ALA B 208 -31.73 -3.19 -24.17
C ALA B 208 -31.18 -4.28 -23.26
N PHE B 209 -31.97 -4.70 -22.27
CA PHE B 209 -31.45 -5.56 -21.20
C PHE B 209 -31.60 -7.07 -21.40
N ASP B 210 -32.45 -7.49 -22.34
CA ASP B 210 -32.54 -8.91 -22.67
C ASP B 210 -31.22 -9.35 -23.29
N TRP B 211 -30.62 -10.44 -22.80
CA TRP B 211 -29.27 -10.81 -23.22
C TRP B 211 -29.25 -11.02 -24.72
N GLY B 212 -30.32 -11.62 -25.23
CA GLY B 212 -30.40 -11.97 -26.64
C GLY B 212 -30.50 -10.73 -27.48
N GLU B 213 -31.36 -9.80 -27.07
CA GLU B 213 -31.48 -8.54 -27.80
C GLU B 213 -30.20 -7.73 -27.72
N ALA B 214 -29.56 -7.75 -26.56
CA ALA B 214 -28.32 -7.01 -26.36
C ALA B 214 -27.25 -7.52 -27.32
N PHE B 215 -27.10 -8.84 -27.39
CA PHE B 215 -26.15 -9.45 -28.30
C PHE B 215 -26.44 -9.15 -29.77
N VAL B 216 -27.69 -9.34 -30.20
CA VAL B 216 -28.06 -9.08 -31.60
C VAL B 216 -27.85 -7.61 -31.96
N SER B 217 -28.39 -6.69 -31.17
CA SER B 217 -28.24 -5.28 -31.45
C SER B 217 -26.77 -4.85 -31.48
N LEU B 218 -25.98 -5.29 -30.51
CA LEU B 218 -24.58 -4.88 -30.43
C LEU B 218 -23.73 -5.48 -31.55
N ASN B 219 -23.79 -6.81 -31.67
CA ASN B 219 -22.86 -7.54 -32.52
C ASN B 219 -23.30 -7.77 -33.96
N LEU B 220 -24.61 -7.79 -34.22
CA LEU B 220 -25.11 -8.02 -35.56
C LEU B 220 -25.58 -6.74 -36.22
N VAL B 221 -25.77 -5.68 -35.45
CA VAL B 221 -26.25 -4.41 -36.03
C VAL B 221 -25.28 -3.24 -35.80
N VAL B 222 -25.03 -2.90 -34.54
CA VAL B 222 -24.19 -1.72 -34.24
C VAL B 222 -22.76 -1.92 -34.77
N LYS B 223 -22.16 -3.04 -34.44
CA LYS B 223 -20.73 -3.21 -34.76
C LYS B 223 -20.40 -3.37 -36.25
N PRO B 224 -21.22 -4.11 -37.02
CA PRO B 224 -20.99 -4.16 -38.48
C PRO B 224 -21.15 -2.79 -39.14
N MET B 225 -22.09 -2.00 -38.65
CA MET B 225 -22.27 -0.64 -39.16
C MET B 225 -21.01 0.20 -38.93
N ILE B 226 -20.41 0.04 -37.75
CA ILE B 226 -19.21 0.83 -37.41
C ILE B 226 -18.06 0.47 -38.32
N VAL B 227 -17.96 -0.81 -38.69
CA VAL B 227 -16.94 -1.25 -39.66
C VAL B 227 -17.18 -0.61 -41.04
N GLU B 228 -18.43 -0.71 -41.52
CA GLU B 228 -18.78 -0.29 -42.89
C GLU B 228 -18.90 1.22 -43.06
N SER B 229 -19.38 1.88 -42.02
CA SER B 229 -19.76 3.29 -42.12
C SER B 229 -18.84 4.24 -41.35
N ILE B 230 -18.00 3.71 -40.46
CA ILE B 230 -17.04 4.59 -39.78
C ILE B 230 -15.58 4.24 -40.10
N PHE B 231 -15.17 3.02 -39.79
CA PHE B 231 -13.78 2.64 -39.94
C PHE B 231 -13.34 2.75 -41.40
N LYS B 232 -14.09 2.13 -42.30
CA LYS B 232 -13.66 2.10 -43.70
C LYS B 232 -13.67 3.49 -44.36
N PRO B 233 -14.73 4.28 -44.13
CA PRO B 233 -14.75 5.64 -44.67
C PRO B 233 -13.66 6.55 -44.08
N LEU B 234 -13.32 6.39 -42.80
CA LEU B 234 -12.19 7.12 -42.24
C LEU B 234 -10.85 6.77 -42.91
N GLN B 235 -10.64 5.49 -43.19
CA GLN B 235 -9.44 5.07 -43.94
C GLN B 235 -9.39 5.79 -45.29
N GLN B 236 -10.51 5.75 -46.02
CA GLN B 236 -10.56 6.32 -47.36
C GLN B 236 -10.20 7.82 -47.32
N GLN B 237 -10.81 8.57 -46.42
CA GLN B 237 -10.55 10.01 -46.29
C GLN B 237 -9.15 10.35 -45.78
N ALA B 238 -8.65 9.53 -44.85
CA ALA B 238 -7.27 9.66 -44.39
C ALA B 238 -6.29 9.55 -45.55
N TRP B 239 -6.37 8.47 -46.33
CA TRP B 239 -5.50 8.31 -47.50
C TRP B 239 -5.53 9.56 -48.41
N GLU B 240 -6.73 10.08 -48.67
CA GLU B 240 -6.87 11.27 -49.53
C GLU B 240 -6.29 12.54 -48.90
N ASN B 241 -6.11 12.52 -47.57
CA ASN B 241 -5.57 13.70 -46.87
C ASN B 241 -4.14 13.49 -46.36
N ASN B 242 -3.46 12.51 -46.96
CA ASN B 242 -2.05 12.23 -46.69
C ASN B 242 -1.81 11.87 -45.22
N ASP B 243 -2.84 11.28 -44.60
CA ASP B 243 -2.70 10.67 -43.29
C ASP B 243 -2.55 9.18 -43.53
N THR B 244 -1.31 8.69 -43.47
CA THR B 244 -1.07 7.29 -43.74
C THR B 244 -1.07 6.49 -42.43
N LEU B 245 -1.05 7.19 -41.31
CA LEU B 245 -1.06 6.54 -40.00
C LEU B 245 -2.43 5.98 -39.66
N LEU B 246 -3.47 6.79 -39.85
CA LEU B 246 -4.82 6.39 -39.42
C LEU B 246 -5.29 5.09 -40.08
N PRO B 247 -5.13 4.97 -41.41
CA PRO B 247 -5.59 3.72 -42.03
C PRO B 247 -4.88 2.47 -41.52
N LEU B 248 -3.58 2.59 -41.21
CA LEU B 248 -2.81 1.47 -40.66
C LEU B 248 -3.19 1.14 -39.22
N LEU B 249 -3.63 2.15 -38.46
CA LEU B 249 -4.07 1.93 -37.09
C LEU B 249 -5.43 1.23 -37.15
N ILE B 250 -6.29 1.75 -38.01
CA ILE B 250 -7.61 1.18 -38.19
C ILE B 250 -7.51 -0.27 -38.66
N ASP B 251 -6.48 -0.57 -39.45
CA ASP B 251 -6.28 -1.96 -39.92
C ASP B 251 -6.21 -2.94 -38.76
N SER B 252 -5.43 -2.60 -37.74
CA SER B 252 -5.32 -3.46 -36.56
C SER B 252 -6.66 -3.55 -35.79
N GLN B 253 -7.37 -2.42 -35.68
CA GLN B 253 -8.69 -2.40 -35.03
C GLN B 253 -9.70 -3.24 -35.80
N LEU B 254 -9.63 -3.19 -37.13
CA LEU B 254 -10.52 -3.99 -37.99
C LEU B 254 -10.26 -5.48 -37.83
N LYS B 255 -9.03 -5.85 -37.50
CA LYS B 255 -8.72 -7.25 -37.21
C LYS B 255 -9.52 -7.70 -35.98
N ASP B 256 -9.55 -6.85 -34.95
CA ASP B 256 -10.36 -7.11 -33.76
C ASP B 256 -11.82 -7.24 -34.18
N ALA B 257 -12.28 -6.29 -34.97
CA ALA B 257 -13.70 -6.24 -35.33
C ALA B 257 -14.13 -7.47 -36.13
N GLU B 258 -13.28 -7.93 -37.03
CA GLU B 258 -13.56 -9.14 -37.79
C GLU B 258 -13.62 -10.38 -36.88
N ARG B 259 -12.77 -10.41 -35.86
CA ARG B 259 -12.84 -11.46 -34.86
C ARG B 259 -14.20 -11.45 -34.13
N HIS B 260 -14.65 -10.27 -33.74
CA HIS B 260 -15.95 -10.15 -33.08
C HIS B 260 -17.05 -10.69 -33.99
N SER B 261 -16.97 -10.35 -35.28
CA SER B 261 -17.92 -10.82 -36.26
CA SER B 261 -17.94 -10.82 -36.24
C SER B 261 -17.90 -12.35 -36.38
N ARG B 262 -16.71 -12.93 -36.38
CA ARG B 262 -16.58 -14.38 -36.48
C ARG B 262 -17.30 -15.07 -35.34
N TRP B 263 -17.00 -14.70 -34.10
CA TRP B 263 -17.66 -15.39 -33.00
C TRP B 263 -19.18 -15.12 -32.96
N SER B 264 -19.59 -13.91 -33.33
CA SER B 264 -21.01 -13.61 -33.45
C SER B 264 -21.73 -14.54 -34.43
N LYS B 265 -21.14 -14.72 -35.61
CA LYS B 265 -21.73 -15.59 -36.63
C LYS B 265 -21.79 -17.03 -36.16
N ALA B 266 -20.76 -17.44 -35.41
CA ALA B 266 -20.74 -18.79 -34.82
C ALA B 266 -21.90 -18.95 -33.84
N LEU B 267 -22.17 -17.91 -33.04
CA LEU B 267 -23.27 -17.97 -32.07
C LEU B 267 -24.62 -17.97 -32.80
N VAL B 268 -24.74 -17.22 -33.88
CA VAL B 268 -25.98 -17.28 -34.65
C VAL B 268 -26.18 -18.72 -35.16
N LYS B 269 -25.13 -19.30 -35.72
CA LYS B 269 -25.17 -20.69 -36.21
C LYS B 269 -25.64 -21.64 -35.10
N HIS B 270 -25.07 -21.49 -33.91
CA HIS B 270 -25.47 -22.32 -32.78
C HIS B 270 -26.95 -22.09 -32.46
N ALA B 271 -27.33 -20.82 -32.30
CA ALA B 271 -28.72 -20.48 -32.01
C ALA B 271 -29.69 -21.08 -33.04
N LEU B 272 -29.27 -21.12 -34.29
CA LEU B 272 -30.16 -21.58 -35.37
C LEU B 272 -30.44 -23.11 -35.34
N GLU B 273 -29.76 -23.83 -34.47
CA GLU B 273 -30.12 -25.24 -34.26
C GLU B 273 -31.56 -25.31 -33.75
N ASN B 274 -32.03 -24.23 -33.15
CA ASN B 274 -33.44 -24.05 -32.81
C ASN B 274 -34.07 -23.13 -33.86
N PRO B 275 -34.83 -23.71 -34.80
CA PRO B 275 -35.37 -22.96 -35.93
C PRO B 275 -36.26 -21.79 -35.52
N ASP B 276 -36.81 -21.82 -34.31
CA ASP B 276 -37.61 -20.70 -33.82
C ASP B 276 -36.77 -19.41 -33.69
N ASN B 277 -35.46 -19.57 -33.55
CA ASN B 277 -34.59 -18.41 -33.29
C ASN B 277 -34.39 -17.52 -34.52
N HIS B 278 -34.61 -18.09 -35.71
CA HIS B 278 -34.45 -17.31 -36.95
C HIS B 278 -35.33 -16.06 -36.95
N ALA B 279 -36.63 -16.24 -36.69
CA ALA B 279 -37.55 -15.10 -36.69
C ALA B 279 -37.24 -14.13 -35.56
N VAL B 280 -36.72 -14.65 -34.45
CA VAL B 280 -36.42 -13.81 -33.30
C VAL B 280 -35.22 -12.91 -33.60
N ILE B 281 -34.12 -13.53 -34.04
CA ILE B 281 -32.94 -12.78 -34.42
C ILE B 281 -33.29 -11.79 -35.54
N GLU B 282 -34.03 -12.26 -36.54
CA GLU B 282 -34.39 -11.39 -37.66
C GLU B 282 -35.19 -10.19 -37.16
N GLY B 283 -36.11 -10.44 -36.24
CA GLY B 283 -36.93 -9.39 -35.64
C GLY B 283 -36.09 -8.31 -34.98
N TRP B 284 -35.11 -8.74 -34.19
CA TRP B 284 -34.23 -7.82 -33.51
C TRP B 284 -33.33 -7.05 -34.47
N ILE B 285 -32.85 -7.72 -35.51
CA ILE B 285 -32.06 -7.01 -36.52
C ILE B 285 -32.91 -5.92 -37.19
N GLU B 286 -34.12 -6.27 -37.60
CA GLU B 286 -34.99 -5.32 -38.28
C GLU B 286 -35.45 -4.17 -37.38
N LYS B 287 -35.53 -4.42 -36.08
CA LYS B 287 -35.87 -3.39 -35.11
C LYS B 287 -34.76 -2.36 -34.99
N TRP B 288 -33.52 -2.81 -34.91
CA TRP B 288 -32.39 -1.93 -34.63
C TRP B 288 -31.73 -1.32 -35.88
N ARG B 289 -31.93 -1.94 -37.03
CA ARG B 289 -31.31 -1.46 -38.28
C ARG B 289 -31.62 0.00 -38.64
N PRO B 290 -32.89 0.45 -38.49
CA PRO B 290 -33.14 1.86 -38.84
C PRO B 290 -32.32 2.88 -38.02
N LEU B 291 -32.13 2.61 -36.73
CA LEU B 291 -31.31 3.49 -35.89
C LEU B 291 -29.85 3.45 -36.31
N ALA B 292 -29.37 2.26 -36.66
CA ALA B 292 -28.00 2.14 -37.13
C ALA B 292 -27.80 2.85 -38.48
N ASP B 293 -28.77 2.71 -39.39
CA ASP B 293 -28.70 3.39 -40.68
C ASP B 293 -28.64 4.92 -40.47
N ARG B 294 -29.49 5.44 -39.58
CA ARG B 294 -29.53 6.88 -39.28
C ARG B 294 -28.21 7.36 -38.66
N ALA B 295 -27.64 6.53 -37.78
CA ALA B 295 -26.36 6.85 -37.17
C ALA B 295 -25.28 6.98 -38.23
N ALA B 296 -25.26 6.04 -39.17
CA ALA B 296 -24.24 6.04 -40.22
C ALA B 296 -24.41 7.22 -41.15
N GLU B 297 -25.64 7.52 -41.54
CA GLU B 297 -25.90 8.63 -42.47
C GLU B 297 -25.45 9.95 -41.86
N ALA B 298 -25.79 10.17 -40.60
CA ALA B 298 -25.44 11.43 -39.95
C ALA B 298 -23.93 11.58 -39.82
N TYR B 299 -23.26 10.49 -39.45
CA TYR B 299 -21.81 10.51 -39.33
C TYR B 299 -21.12 10.76 -40.68
N LEU B 300 -21.67 10.18 -41.75
CA LEU B 300 -21.00 10.28 -43.05
C LEU B 300 -21.23 11.65 -43.65
N SER B 301 -22.36 12.26 -43.34
CA SER B 301 -22.65 13.62 -43.77
CA SER B 301 -22.64 13.63 -43.78
C SER B 301 -21.68 14.58 -43.09
N MET B 302 -21.40 14.32 -41.81
CA MET B 302 -20.44 15.12 -41.07
C MET B 302 -19.03 14.92 -41.64
N LEU B 303 -18.65 13.67 -41.90
CA LEU B 303 -17.31 13.38 -42.37
C LEU B 303 -17.03 14.04 -43.73
N SER B 304 -18.01 14.02 -44.63
CA SER B 304 -17.81 14.63 -45.93
C SER B 304 -18.12 16.12 -45.88
N SER C 1 -46.35 -37.44 13.24
CA SER C 1 -46.01 -36.65 14.46
C SER C 1 -44.50 -36.58 14.69
N ALA C 2 -43.72 -36.73 13.61
CA ALA C 2 -42.28 -36.47 13.65
C ALA C 2 -42.10 -34.97 13.81
N PHE C 3 -41.22 -34.60 14.73
CA PHE C 3 -41.16 -33.24 15.17
C PHE C 3 -39.67 -32.81 15.20
N PRO C 4 -39.28 -31.93 14.26
CA PRO C 4 -37.87 -31.50 14.24
C PRO C 4 -37.56 -30.47 15.31
N VAL C 5 -36.50 -30.69 16.09
CA VAL C 5 -35.91 -29.65 16.92
C VAL C 5 -34.42 -29.47 16.63
N HIS C 6 -33.91 -28.30 16.97
CA HIS C 6 -32.47 -28.06 16.95
C HIS C 6 -32.01 -28.14 18.41
N ALA C 7 -31.11 -29.07 18.70
CA ALA C 7 -30.72 -29.33 20.08
C ALA C 7 -29.24 -29.06 20.31
N ALA C 8 -28.96 -28.32 21.37
CA ALA C 8 -27.59 -28.12 21.84
C ALA C 8 -27.35 -28.93 23.13
N PHE C 9 -26.44 -29.89 23.08
CA PHE C 9 -26.15 -30.73 24.24
C PHE C 9 -25.00 -30.15 25.07
N GLU C 10 -25.17 -30.16 26.39
CA GLU C 10 -24.21 -29.56 27.30
C GLU C 10 -22.81 -30.14 27.08
N LYS C 11 -21.85 -29.23 26.87
CA LYS C 11 -20.42 -29.52 26.63
C LYS C 11 -20.04 -29.88 25.19
N ASP C 12 -21.04 -30.01 24.31
CA ASP C 12 -20.78 -30.28 22.91
C ASP C 12 -20.40 -28.95 22.22
N PHE C 13 -20.04 -29.01 20.93
CA PHE C 13 -19.53 -27.82 20.24
C PHE C 13 -20.53 -27.20 19.25
N LEU C 14 -21.68 -27.86 19.05
CA LEU C 14 -22.61 -27.39 18.02
C LEU C 14 -24.06 -27.68 18.40
N VAL C 15 -24.97 -27.11 17.60
CA VAL C 15 -26.37 -27.44 17.66
C VAL C 15 -26.67 -28.42 16.52
N GLN C 16 -27.48 -29.43 16.80
CA GLN C 16 -27.79 -30.45 15.78
C GLN C 16 -29.30 -30.61 15.55
N LEU C 17 -29.66 -30.96 14.32
CA LEU C 17 -31.04 -31.35 14.04
C LEU C 17 -31.27 -32.70 14.70
N VAL C 18 -32.32 -32.80 15.51
CA VAL C 18 -32.75 -34.11 15.99
C VAL C 18 -34.26 -34.24 15.76
N VAL C 19 -34.69 -35.29 15.07
CA VAL C 19 -36.12 -35.48 14.84
C VAL C 19 -36.72 -36.31 15.97
N VAL C 20 -37.58 -35.69 16.79
CA VAL C 20 -38.22 -36.44 17.86
C VAL C 20 -39.69 -36.65 17.51
N ASP C 21 -40.46 -37.10 18.49
CA ASP C 21 -41.86 -37.42 18.28
C ASP C 21 -42.75 -36.50 19.09
N LEU C 22 -43.89 -36.14 18.50
CA LEU C 22 -44.84 -35.27 19.15
C LEU C 22 -45.20 -35.82 20.54
N ASN C 23 -45.21 -37.14 20.68
CA ASN C 23 -45.63 -37.78 21.93
C ASN C 23 -44.48 -38.21 22.84
N ASP C 24 -43.25 -37.85 22.48
CA ASP C 24 -42.08 -38.17 23.32
C ASP C 24 -42.10 -37.33 24.58
N SER C 25 -41.74 -37.92 25.73
CA SER C 25 -41.55 -37.13 26.94
C SER C 25 -40.20 -36.41 26.83
N MET C 26 -39.96 -35.41 27.70
CA MET C 26 -38.67 -34.75 27.71
C MET C 26 -37.54 -35.74 27.95
N ASP C 27 -37.79 -36.74 28.80
CA ASP C 27 -36.83 -37.81 29.02
C ASP C 27 -36.47 -38.49 27.71
N GLN C 28 -37.50 -38.82 26.92
CA GLN C 28 -37.29 -39.51 25.65
C GLN C 28 -36.59 -38.60 24.64
N VAL C 29 -36.94 -37.32 24.64
CA VAL C 29 -36.25 -36.32 23.82
C VAL C 29 -34.76 -36.23 24.18
N ALA C 30 -34.46 -36.13 25.47
CA ALA C 30 -33.07 -36.06 25.92
C ALA C 30 -32.25 -37.31 25.49
N GLU C 31 -32.84 -38.49 25.57
CA GLU C 31 -32.14 -39.70 25.12
C GLU C 31 -31.86 -39.67 23.60
N LYS C 32 -32.80 -39.17 22.83
CA LYS C 32 -32.60 -39.07 21.38
C LYS C 32 -31.49 -38.09 21.02
N VAL C 33 -31.44 -36.95 21.71
CA VAL C 33 -30.36 -35.99 21.49
C VAL C 33 -29.05 -36.61 21.95
N ALA C 34 -29.05 -37.19 23.15
CA ALA C 34 -27.86 -37.78 23.74
C ALA C 34 -27.20 -38.79 22.82
N TYR C 35 -28.01 -39.53 22.08
CA TYR C 35 -27.50 -40.53 21.11
C TYR C 35 -26.50 -39.93 20.12
N HIS C 36 -26.74 -38.69 19.72
CA HIS C 36 -25.86 -38.01 18.74
C HIS C 36 -24.73 -37.19 19.38
N CYS C 37 -24.53 -37.34 20.69
CA CYS C 37 -23.57 -36.49 21.43
C CYS C 37 -22.71 -37.25 22.44
N VAL C 38 -23.36 -37.94 23.37
CA VAL C 38 -22.65 -38.67 24.41
C VAL C 38 -21.86 -39.85 23.83
N ASN C 39 -20.62 -39.99 24.29
CA ASN C 39 -19.66 -40.96 23.74
C ASN C 39 -19.29 -40.71 22.27
N ARG C 40 -19.71 -39.56 21.74
CA ARG C 40 -19.26 -39.10 20.44
C ARG C 40 -18.33 -37.90 20.59
N ARG C 41 -18.76 -36.88 21.33
CA ARG C 41 -17.95 -35.69 21.56
C ARG C 41 -18.06 -35.20 23.01
N VAL C 42 -18.92 -35.86 23.77
CA VAL C 42 -19.23 -35.49 25.14
C VAL C 42 -19.07 -36.71 26.04
N ALA C 43 -18.34 -36.56 27.12
CA ALA C 43 -18.17 -37.69 28.06
C ALA C 43 -19.48 -38.01 28.76
N PRO C 44 -19.76 -39.31 28.99
CA PRO C 44 -20.94 -39.75 29.73
C PRO C 44 -20.88 -39.29 31.19
N ARG C 45 -22.04 -38.98 31.78
CA ARG C 45 -22.10 -38.49 33.15
C ARG C 45 -23.26 -39.16 33.85
N GLU C 46 -23.15 -39.27 35.18
CA GLU C 46 -24.30 -39.58 36.01
C GLU C 46 -25.24 -38.36 36.09
N GLY C 47 -26.46 -38.59 36.52
CA GLY C 47 -27.38 -37.48 36.72
C GLY C 47 -28.49 -37.49 35.68
N VAL C 48 -29.43 -36.60 35.85
CA VAL C 48 -30.63 -36.63 35.04
C VAL C 48 -30.55 -35.61 33.91
N MET C 49 -30.80 -36.05 32.67
CA MET C 49 -30.82 -35.11 31.55
C MET C 49 -32.13 -34.35 31.48
N ARG C 50 -32.03 -33.03 31.36
CA ARG C 50 -33.21 -32.19 31.36
C ARG C 50 -33.23 -31.38 30.07
N VAL C 51 -34.42 -31.00 29.63
CA VAL C 51 -34.59 -30.21 28.43
C VAL C 51 -35.14 -28.82 28.77
N ARG C 52 -34.67 -27.83 28.02
CA ARG C 52 -35.15 -26.46 28.19
C ARG C 52 -35.16 -25.76 26.85
N LYS C 53 -35.92 -24.67 26.75
CA LYS C 53 -35.80 -23.79 25.60
C LYS C 53 -34.39 -23.20 25.61
N HIS C 54 -33.80 -23.07 24.42
CA HIS C 54 -32.44 -22.58 24.28
C HIS C 54 -32.16 -21.38 25.17
N ARG C 55 -31.15 -21.52 26.04
CA ARG C 55 -30.70 -20.47 26.95
C ARG C 55 -31.76 -19.95 27.94
N SER C 56 -32.80 -20.73 28.16
CA SER C 56 -33.80 -20.38 29.15
C SER C 56 -33.34 -20.82 30.53
N THR C 57 -33.93 -20.24 31.57
CA THR C 57 -33.57 -20.59 32.94
C THR C 57 -34.53 -21.63 33.53
N GLU C 58 -35.61 -21.93 32.80
CA GLU C 58 -36.60 -22.90 33.27
C GLU C 58 -36.51 -24.23 32.50
N LEU C 59 -36.62 -25.34 33.22
CA LEU C 59 -36.56 -26.67 32.63
C LEU C 59 -37.97 -27.22 32.38
N PHE C 60 -38.16 -27.93 31.27
CA PHE C 60 -39.41 -28.60 31.03
C PHE C 60 -39.49 -29.80 31.99
N PRO C 61 -40.70 -30.12 32.49
CA PRO C 61 -40.81 -31.32 33.34
C PRO C 61 -40.42 -32.59 32.59
N ARG C 62 -39.84 -33.54 33.31
CA ARG C 62 -39.31 -34.76 32.70
C ARG C 62 -40.33 -35.57 31.90
N ASP C 63 -41.59 -35.59 32.32
CA ASP C 63 -42.57 -36.44 31.66
C ASP C 63 -43.57 -35.64 30.80
N MET C 64 -43.36 -34.34 30.68
CA MET C 64 -44.12 -33.53 29.73
C MET C 64 -43.74 -33.95 28.31
N THR C 65 -44.74 -34.05 27.44
CA THR C 65 -44.48 -34.43 26.06
C THR C 65 -44.20 -33.19 25.22
N ILE C 66 -43.61 -33.41 24.05
CA ILE C 66 -43.34 -32.33 23.12
C ILE C 66 -44.65 -31.60 22.80
N ALA C 67 -45.69 -32.38 22.53
CA ALA C 67 -47.01 -31.82 22.18
C ALA C 67 -47.53 -30.83 23.20
N GLU C 68 -47.40 -31.15 24.49
CA GLU C 68 -47.94 -30.28 25.55
C GLU C 68 -46.99 -29.20 26.03
N SER C 69 -45.74 -29.24 25.56
CA SER C 69 -44.73 -28.28 26.06
C SER C 69 -44.89 -26.85 25.54
N GLY C 70 -45.56 -26.67 24.42
CA GLY C 70 -45.62 -25.35 23.80
C GLY C 70 -44.52 -25.12 22.76
N LEU C 71 -43.59 -26.06 22.63
CA LEU C 71 -42.55 -25.92 21.61
C LEU C 71 -43.15 -26.02 20.22
N ASN C 72 -42.54 -25.32 19.27
CA ASN C 72 -42.89 -25.43 17.87
C ASN C 72 -41.75 -26.07 17.07
N PRO C 73 -42.11 -26.78 15.98
CA PRO C 73 -41.15 -27.45 15.10
C PRO C 73 -40.01 -26.50 14.69
N THR C 74 -38.78 -27.02 14.75
CA THR C 74 -37.55 -26.27 14.42
C THR C 74 -37.12 -25.23 15.46
N GLU C 75 -37.78 -25.18 16.62
CA GLU C 75 -37.27 -24.33 17.69
C GLU C 75 -36.04 -24.98 18.33
N VAL C 76 -35.23 -24.17 19.01
CA VAL C 76 -33.96 -24.62 19.59
C VAL C 76 -34.15 -24.98 21.06
N ILE C 77 -33.61 -26.12 21.47
CA ILE C 77 -33.63 -26.55 22.87
C ILE C 77 -32.20 -26.83 23.32
N ASP C 78 -31.98 -26.78 24.62
CA ASP C 78 -30.74 -27.29 25.22
C ASP C 78 -31.10 -28.55 25.99
N VAL C 79 -30.16 -29.49 26.01
CA VAL C 79 -30.24 -30.66 26.87
C VAL C 79 -29.10 -30.54 27.88
N VAL C 80 -29.46 -30.41 29.16
CA VAL C 80 -28.49 -30.12 30.21
C VAL C 80 -28.69 -31.05 31.41
N PHE C 81 -27.71 -31.08 32.30
CA PHE C 81 -27.80 -31.92 33.50
C PHE C 81 -28.21 -31.10 34.73
N ALA D 1 -19.53 27.76 -9.90
CA ALA D 1 -19.04 26.35 -9.93
C ALA D 1 -17.51 26.31 -9.84
N MET D 2 -17.00 25.21 -9.28
CA MET D 2 -15.56 24.95 -9.21
C MET D 2 -15.22 23.85 -10.22
N HIS D 3 -14.04 23.94 -10.85
CA HIS D 3 -13.63 22.89 -11.77
C HIS D 3 -12.77 21.86 -11.06
N PRO D 4 -13.08 20.57 -11.29
CA PRO D 4 -12.36 19.52 -10.56
C PRO D 4 -10.86 19.50 -10.88
N ARG D 5 -10.08 19.04 -9.92
CA ARG D 5 -8.63 19.11 -10.00
C ARG D 5 -8.05 18.47 -11.26
N LYS D 6 -8.60 17.34 -11.67
CA LYS D 6 -8.11 16.64 -12.85
C LYS D 6 -8.16 17.50 -14.12
N ASP D 7 -9.06 18.47 -14.14
CA ASP D 7 -9.23 19.30 -15.34
C ASP D 7 -8.10 20.33 -15.53
N TRP D 8 -7.42 20.69 -14.44
CA TRP D 8 -6.37 21.72 -14.48
C TRP D 8 -5.03 21.29 -13.85
N TYR D 9 -4.99 20.12 -13.24
CA TYR D 9 -3.78 19.69 -12.55
C TYR D 9 -2.55 19.73 -13.45
N GLU D 10 -2.70 19.29 -14.70
CA GLU D 10 -1.51 19.16 -15.54
C GLU D 10 -0.81 20.50 -15.70
N LEU D 11 -1.58 21.58 -15.71
CA LEU D 11 -1.00 22.89 -15.87
C LEU D 11 -0.12 23.27 -14.65
N THR D 12 -0.41 22.70 -13.48
CA THR D 12 0.40 23.01 -12.31
C THR D 12 1.81 22.42 -12.44
N ARG D 13 1.97 21.40 -13.29
CA ARG D 13 3.30 20.80 -13.47
C ARG D 13 3.83 20.92 -14.90
N ALA D 14 3.22 21.79 -15.69
CA ALA D 14 3.78 22.16 -16.99
C ALA D 14 4.76 23.30 -16.78
N THR D 15 5.91 22.99 -16.19
CA THR D 15 6.85 24.04 -15.79
C THR D 15 8.27 23.83 -16.27
N ASN D 16 8.53 22.76 -17.01
CA ASN D 16 9.83 22.61 -17.65
C ASN D 16 9.94 23.49 -18.91
N TRP D 17 11.13 23.99 -19.17
CA TRP D 17 11.40 24.80 -20.34
C TRP D 17 12.84 24.59 -20.78
N THR D 18 13.14 24.99 -22.00
CA THR D 18 14.48 24.83 -22.58
C THR D 18 15.31 26.07 -22.31
N PRO D 19 16.30 25.96 -21.41
CA PRO D 19 17.14 27.11 -21.05
C PRO D 19 17.93 27.63 -22.25
N SER D 20 18.10 28.95 -22.34
CA SER D 20 18.83 29.51 -23.47
CA SER D 20 18.76 29.58 -23.48
C SER D 20 19.85 30.55 -23.03
N TYR D 21 19.76 31.02 -21.79
CA TYR D 21 20.67 32.06 -21.29
C TYR D 21 21.73 31.49 -20.38
N VAL D 22 21.47 30.29 -19.89
CA VAL D 22 22.45 29.44 -19.22
C VAL D 22 22.23 28.06 -19.81
N THR D 23 23.19 27.16 -19.66
CA THR D 23 23.00 25.81 -20.21
C THR D 23 22.14 24.96 -19.26
N GLU D 24 21.57 23.89 -19.80
CA GLU D 24 20.79 22.95 -19.00
C GLU D 24 21.60 22.41 -17.81
N GLU D 25 22.87 22.08 -18.04
CA GLU D 25 23.72 21.54 -16.97
C GLU D 25 24.03 22.61 -15.92
N GLN D 26 24.14 23.85 -16.35
CA GLN D 26 24.35 24.96 -15.42
C GLN D 26 23.14 25.14 -14.50
N LEU D 27 21.95 25.02 -15.08
CA LEU D 27 20.71 25.18 -14.32
C LEU D 27 20.44 23.95 -13.43
N PHE D 28 20.83 22.78 -13.92
CA PHE D 28 20.64 21.53 -13.19
C PHE D 28 21.95 20.75 -13.06
N PRO D 29 22.93 21.28 -12.30
CA PRO D 29 24.22 20.61 -12.21
C PRO D 29 24.09 19.20 -11.63
N GLU D 30 24.78 18.24 -12.27
CA GLU D 30 24.63 16.84 -11.90
C GLU D 30 24.80 16.59 -10.41
N ARG D 31 25.77 17.27 -9.78
CA ARG D 31 26.08 17.01 -8.38
C ARG D 31 24.90 17.36 -7.47
N MET D 32 24.05 18.29 -7.91
CA MET D 32 22.88 18.68 -7.11
C MET D 32 21.60 18.04 -7.62
N SER D 33 21.54 17.77 -8.93
CA SER D 33 20.33 17.28 -9.57
C SER D 33 20.26 15.75 -9.68
N GLY D 34 21.40 15.11 -9.98
CA GLY D 34 21.45 13.65 -10.08
C GLY D 34 20.72 13.07 -11.28
N HIS D 35 20.59 13.85 -12.35
CA HIS D 35 19.84 13.42 -13.54
C HIS D 35 20.56 12.33 -14.37
N MET D 36 21.82 12.05 -14.03
CA MET D 36 22.60 10.99 -14.70
C MET D 36 22.65 11.14 -16.22
N GLY D 37 22.60 12.39 -16.69
CA GLY D 37 22.70 12.68 -18.11
C GLY D 37 21.38 12.54 -18.85
N ILE D 38 20.33 12.16 -18.15
CA ILE D 38 19.03 12.02 -18.80
C ILE D 38 18.49 13.42 -19.15
N PRO D 39 18.17 13.67 -20.43
CA PRO D 39 17.77 15.01 -20.85
C PRO D 39 16.42 15.43 -20.24
N LEU D 40 16.30 16.74 -20.01
CA LEU D 40 15.09 17.37 -19.51
C LEU D 40 13.78 16.76 -20.06
N GLU D 41 13.70 16.61 -21.38
CA GLU D 41 12.48 16.10 -22.03
C GLU D 41 12.01 14.81 -21.39
N LYS D 42 12.94 13.89 -21.14
CA LYS D 42 12.63 12.59 -20.59
C LYS D 42 12.00 12.68 -19.21
N TRP D 43 12.44 13.65 -18.41
CA TRP D 43 11.96 13.78 -17.03
C TRP D 43 10.50 14.16 -16.96
N GLU D 44 9.98 14.73 -18.04
CA GLU D 44 8.58 15.10 -18.13
C GLU D 44 7.67 13.88 -18.03
N SER D 45 8.23 12.67 -18.12
CA SER D 45 7.41 11.48 -17.95
C SER D 45 7.14 11.11 -16.48
N TYR D 46 7.82 11.79 -15.55
CA TYR D 46 7.66 11.53 -14.12
C TYR D 46 6.22 11.80 -13.68
N ASP D 47 5.58 10.83 -13.04
CA ASP D 47 4.19 11.00 -12.62
C ASP D 47 3.96 10.56 -11.18
N GLU D 48 3.75 11.53 -10.28
CA GLU D 48 3.45 11.24 -8.89
C GLU D 48 2.03 10.70 -8.83
N PRO D 49 1.85 9.50 -8.25
CA PRO D 49 0.54 8.86 -8.29
C PRO D 49 -0.55 9.51 -7.42
N TYR D 50 -0.16 10.14 -6.31
CA TYR D 50 -1.14 10.66 -5.37
C TYR D 50 -1.15 12.19 -5.36
N LYS D 51 -2.11 12.76 -6.08
CA LYS D 51 -2.07 14.18 -6.36
C LYS D 51 -2.73 14.97 -5.25
N THR D 52 -2.31 16.21 -5.08
CA THR D 52 -3.02 17.12 -4.21
C THR D 52 -2.71 18.54 -4.64
N SER D 53 -3.37 19.51 -4.02
CA SER D 53 -3.15 20.88 -4.40
C SER D 53 -3.07 21.76 -3.18
N TYR D 54 -2.53 22.95 -3.39
CA TYR D 54 -2.33 23.91 -2.30
C TYR D 54 -3.57 24.14 -1.41
N PRO D 55 -4.71 24.54 -2.01
CA PRO D 55 -5.86 24.81 -1.13
C PRO D 55 -6.33 23.58 -0.33
N GLU D 56 -6.29 22.39 -0.93
CA GLU D 56 -6.60 21.16 -0.21
C GLU D 56 -5.59 20.96 0.92
N TYR D 57 -4.30 21.19 0.63
CA TYR D 57 -3.25 21.00 1.62
C TYR D 57 -3.46 21.87 2.87
N VAL D 58 -3.59 23.18 2.70
CA VAL D 58 -3.70 24.05 3.88
C VAL D 58 -4.95 23.76 4.70
N SER D 59 -6.03 23.38 4.01
CA SER D 59 -7.29 23.04 4.66
C SER D 59 -7.17 21.80 5.55
N ILE D 60 -6.72 20.69 4.98
CA ILE D 60 -6.59 19.45 5.74
C ILE D 60 -5.53 19.55 6.83
N GLN D 61 -4.39 20.18 6.52
CA GLN D 61 -3.32 20.26 7.50
C GLN D 61 -3.68 21.15 8.68
N ARG D 62 -4.48 22.17 8.41
CA ARG D 62 -5.01 22.98 9.50
C ARG D 62 -5.81 22.15 10.51
N GLU D 63 -6.71 21.30 10.01
CA GLU D 63 -7.48 20.41 10.86
C GLU D 63 -6.62 19.43 11.64
N LYS D 64 -5.61 18.87 10.99
CA LYS D 64 -4.71 17.93 11.67
C LYS D 64 -4.05 18.55 12.91
N ASP D 65 -3.56 19.78 12.78
CA ASP D 65 -2.89 20.44 13.90
C ASP D 65 -3.88 20.85 14.99
N ALA D 66 -5.06 21.30 14.59
CA ALA D 66 -6.11 21.62 15.57
C ALA D 66 -6.28 20.42 16.50
N GLY D 67 -6.39 19.22 15.92
CA GLY D 67 -6.52 18.01 16.71
C GLY D 67 -5.31 17.72 17.58
N ALA D 68 -4.13 17.68 16.96
CA ALA D 68 -2.90 17.29 17.65
C ALA D 68 -2.63 18.14 18.90
N TYR D 69 -2.70 19.46 18.71
CA TYR D 69 -2.36 20.38 19.79
C TYR D 69 -3.41 20.41 20.90
N SER D 70 -4.68 20.26 20.52
CA SER D 70 -5.76 20.25 21.51
CA SER D 70 -5.75 20.26 21.51
C SER D 70 -5.66 19.03 22.40
N VAL D 71 -5.31 17.89 21.81
CA VAL D 71 -5.15 16.65 22.58
C VAL D 71 -4.01 16.82 23.60
N LYS D 72 -2.89 17.36 23.16
CA LYS D 72 -1.78 17.64 24.07
C LYS D 72 -2.24 18.53 25.23
N ALA D 73 -2.90 19.63 24.90
CA ALA D 73 -3.35 20.58 25.93
C ALA D 73 -4.30 19.93 26.95
N ALA D 74 -5.20 19.06 26.48
CA ALA D 74 -6.20 18.44 27.35
C ALA D 74 -5.61 17.39 28.28
N LEU D 75 -4.47 16.82 27.90
CA LEU D 75 -3.85 15.78 28.71
C LEU D 75 -2.68 16.31 29.57
N GLU D 76 -2.51 17.62 29.60
CA GLU D 76 -1.40 18.26 30.32
C GLU D 76 -1.19 17.73 31.74
N ARG D 77 -2.29 17.41 32.43
CA ARG D 77 -2.21 17.10 33.84
C ARG D 77 -2.37 15.61 34.10
N ALA D 78 -2.32 14.82 33.04
CA ALA D 78 -2.47 13.38 33.14
C ALA D 78 -1.21 12.73 33.72
N LYS D 79 -0.21 13.54 34.04
CA LYS D 79 1.01 13.05 34.69
C LYS D 79 1.67 11.90 33.94
N ILE D 80 1.83 12.06 32.62
CA ILE D 80 2.40 10.98 31.81
C ILE D 80 3.83 10.66 32.21
N TYR D 81 4.65 11.67 32.38
CA TYR D 81 6.04 11.47 32.77
C TYR D 81 6.17 10.67 34.08
N GLU D 82 5.30 10.97 35.04
CA GLU D 82 5.40 10.36 36.36
C GLU D 82 4.79 8.96 36.41
N ASN D 83 3.82 8.69 35.54
CA ASN D 83 3.04 7.44 35.61
C ASN D 83 3.42 6.32 34.63
N SER D 84 4.20 6.64 33.60
CA SER D 84 4.57 5.64 32.59
C SER D 84 5.64 4.67 33.10
N ASP D 85 5.75 3.50 32.48
CA ASP D 85 6.87 2.60 32.75
C ASP D 85 8.17 3.31 32.36
N PRO D 86 9.25 3.07 33.12
CA PRO D 86 10.49 3.75 32.75
C PRO D 86 10.93 3.37 31.33
N GLY D 87 10.59 2.16 30.91
CA GLY D 87 10.88 1.72 29.54
C GLY D 87 10.23 2.57 28.47
N TRP D 88 9.03 3.05 28.75
CA TRP D 88 8.33 3.94 27.82
C TRP D 88 8.96 5.32 27.81
N ILE D 89 9.34 5.82 28.98
CA ILE D 89 10.00 7.13 29.06
C ILE D 89 11.31 7.14 28.25
N SER D 90 12.08 6.06 28.34
CA SER D 90 13.31 5.95 27.55
C SER D 90 13.03 5.84 26.05
N THR D 91 11.93 5.18 25.68
CA THR D 91 11.53 5.10 24.28
C THR D 91 11.26 6.51 23.74
N LEU D 92 10.52 7.30 24.50
CA LEU D 92 10.25 8.69 24.09
C LEU D 92 11.56 9.49 23.95
N LYS D 93 12.42 9.41 24.96
CA LYS D 93 13.67 10.17 24.95
C LYS D 93 14.51 9.82 23.73
N SER D 94 14.63 8.52 23.47
CA SER D 94 15.42 8.01 22.36
C SER D 94 14.83 8.46 21.03
N HIS D 95 13.51 8.31 20.89
CA HIS D 95 12.81 8.74 19.66
C HIS D 95 12.97 10.24 19.39
N TYR D 96 12.62 11.07 20.37
CA TYR D 96 12.69 12.51 20.15
C TYR D 96 14.12 12.98 19.78
N GLY D 97 15.12 12.45 20.48
CA GLY D 97 16.49 12.85 20.20
C GLY D 97 16.96 12.42 18.82
N ALA D 98 16.62 11.19 18.43
CA ALA D 98 17.09 10.64 17.16
C ALA D 98 16.31 11.20 15.98
N ILE D 99 15.10 11.68 16.23
CA ILE D 99 14.19 12.00 15.13
C ILE D 99 13.81 13.46 14.94
N ALA D 100 13.59 14.19 16.02
CA ALA D 100 13.01 15.53 15.90
C ALA D 100 13.76 16.44 14.93
N VAL D 101 15.06 16.59 15.13
CA VAL D 101 15.83 17.52 14.31
C VAL D 101 16.21 16.90 12.96
N GLY D 102 16.17 15.57 12.88
CA GLY D 102 16.26 14.88 11.59
C GLY D 102 15.08 15.16 10.67
N GLU D 103 13.88 15.23 11.25
CA GLU D 103 12.68 15.60 10.49
C GLU D 103 12.89 16.98 9.89
N TYR D 104 13.38 17.91 10.71
CA TYR D 104 13.67 19.24 10.19
C TYR D 104 14.73 19.21 9.09
N ALA D 105 15.75 18.37 9.26
CA ALA D 105 16.77 18.20 8.23
C ALA D 105 16.13 17.70 6.93
N ALA D 106 15.07 16.91 7.06
CA ALA D 106 14.38 16.38 5.89
C ALA D 106 13.76 17.49 5.03
N VAL D 107 13.51 18.65 5.62
CA VAL D 107 13.06 19.79 4.83
C VAL D 107 14.08 20.11 3.74
N THR D 108 15.35 19.95 4.08
CA THR D 108 16.44 20.23 3.15
C THR D 108 16.57 19.18 2.04
N GLY D 109 16.40 17.90 2.37
CA GLY D 109 16.28 16.87 1.36
C GLY D 109 15.15 17.17 0.39
N GLU D 110 14.00 17.56 0.92
CA GLU D 110 12.86 17.91 0.06
C GLU D 110 13.18 19.16 -0.77
N GLY D 111 13.78 20.17 -0.13
CA GLY D 111 14.22 21.38 -0.82
C GLY D 111 15.19 21.14 -1.95
N ARG D 112 16.09 20.18 -1.76
CA ARG D 112 17.03 19.78 -2.80
C ARG D 112 16.26 19.34 -4.06
N MET D 113 15.22 18.55 -3.87
CA MET D 113 14.40 18.10 -4.99
C MET D 113 13.60 19.24 -5.60
N ALA D 114 13.02 20.10 -4.75
CA ALA D 114 12.19 21.20 -5.25
C ALA D 114 12.96 22.13 -6.20
N ARG D 115 14.23 22.37 -5.92
CA ARG D 115 15.04 23.21 -6.80
C ARG D 115 15.70 22.43 -7.92
N PHE D 116 16.25 21.26 -7.60
CA PHE D 116 17.18 20.60 -8.53
C PHE D 116 16.68 19.37 -9.30
N SER D 117 15.50 18.85 -8.97
CA SER D 117 14.96 17.76 -9.78
C SER D 117 14.54 18.28 -11.14
N LYS D 118 14.89 17.53 -12.19
CA LYS D 118 14.42 17.83 -13.54
C LYS D 118 12.96 17.46 -13.81
N ALA D 119 12.36 16.70 -12.90
CA ALA D 119 10.94 16.35 -13.01
C ALA D 119 10.01 17.40 -12.34
N PRO D 120 9.17 18.08 -13.14
CA PRO D 120 8.24 19.11 -12.62
C PRO D 120 7.32 18.60 -11.51
N GLY D 121 6.77 17.40 -11.65
CA GLY D 121 5.90 16.85 -10.64
C GLY D 121 6.65 16.62 -9.34
N ASN D 122 7.91 16.21 -9.47
CA ASN D 122 8.80 16.01 -8.32
C ASN D 122 9.02 17.36 -7.60
N ARG D 123 9.21 18.43 -8.38
CA ARG D 123 9.48 19.73 -7.77
C ARG D 123 8.29 20.22 -6.93
N ASN D 124 7.09 19.96 -7.43
CA ASN D 124 5.88 20.36 -6.70
C ASN D 124 5.63 19.48 -5.47
N MET D 125 5.68 18.16 -5.63
CA MET D 125 5.47 17.29 -4.47
C MET D 125 6.52 17.53 -3.40
N ALA D 126 7.76 17.82 -3.83
CA ALA D 126 8.84 18.16 -2.90
C ALA D 126 8.53 19.44 -2.13
N THR D 127 7.78 20.35 -2.74
CA THR D 127 7.37 21.56 -2.03
C THR D 127 6.43 21.26 -0.86
N PHE D 128 5.44 20.39 -1.09
CA PHE D 128 4.62 19.85 0.00
C PHE D 128 5.47 19.08 1.00
N GLY D 129 6.47 18.38 0.49
CA GLY D 129 7.43 17.66 1.32
C GLY D 129 8.17 18.56 2.29
N MET D 130 8.59 19.73 1.82
CA MET D 130 9.25 20.71 2.68
C MET D 130 8.31 21.12 3.80
N MET D 131 7.06 21.39 3.44
CA MET D 131 6.04 21.78 4.42
C MET D 131 5.77 20.65 5.43
N ASP D 132 5.57 19.43 4.94
CA ASP D 132 5.28 18.30 5.82
C ASP D 132 6.39 18.12 6.85
N GLU D 133 7.63 18.10 6.39
CA GLU D 133 8.75 17.86 7.33
C GLU D 133 8.96 19.03 8.29
N LEU D 134 8.59 20.24 7.86
CA LEU D 134 8.58 21.40 8.75
C LEU D 134 7.58 21.16 9.86
N ARG D 135 6.37 20.73 9.49
CA ARG D 135 5.37 20.37 10.49
C ARG D 135 5.93 19.35 11.47
N HIS D 136 6.52 18.30 10.93
CA HIS D 136 7.01 17.19 11.78
C HIS D 136 8.13 17.60 12.74
N GLY D 137 9.09 18.35 12.25
CA GLY D 137 10.13 18.92 13.11
C GLY D 137 9.56 19.83 14.20
N GLN D 138 8.65 20.71 13.83
CA GLN D 138 8.09 21.62 14.84
C GLN D 138 7.25 20.89 15.89
N LEU D 139 6.45 19.92 15.48
CA LEU D 139 5.64 19.13 16.39
C LEU D 139 6.54 18.40 17.37
N GLN D 140 7.61 17.80 16.85
CA GLN D 140 8.45 16.95 17.67
C GLN D 140 9.50 17.71 18.48
N LEU D 141 9.48 19.02 18.37
CA LEU D 141 10.17 19.89 19.31
C LEU D 141 9.19 20.41 20.34
N PHE D 142 8.02 20.86 19.88
CA PHE D 142 7.03 21.45 20.80
C PHE D 142 6.56 20.42 21.80
N PHE D 143 6.39 19.19 21.38
CA PHE D 143 5.81 18.18 22.25
C PHE D 143 6.74 17.80 23.41
N PRO D 144 8.00 17.44 23.09
CA PRO D 144 8.96 17.11 24.15
C PRO D 144 9.37 18.33 24.99
N HIS D 145 9.18 19.54 24.47
CA HIS D 145 9.55 20.72 25.25
C HIS D 145 8.89 20.72 26.63
N GLU D 146 7.67 20.18 26.70
CA GLU D 146 6.87 20.15 27.92
C GLU D 146 7.65 19.45 29.03
N TYR D 147 8.42 18.44 28.65
CA TYR D 147 9.14 17.63 29.64
C TYR D 147 10.51 18.15 30.08
N CYS D 148 11.02 19.19 29.42
CA CYS D 148 12.34 19.71 29.79
C CYS D 148 12.43 20.01 31.29
N LYS D 149 11.39 20.64 31.82
CA LYS D 149 11.41 21.08 33.22
C LYS D 149 11.34 19.89 34.19
N LYS D 150 11.15 18.70 33.63
CA LYS D 150 11.02 17.50 34.44
C LYS D 150 12.30 16.65 34.45
N ASP D 151 13.08 16.74 33.38
CA ASP D 151 14.11 15.76 33.09
C ASP D 151 15.05 16.30 32.02
N ARG D 152 16.32 16.52 32.39
CA ARG D 152 17.33 17.05 31.47
C ARG D 152 17.58 16.22 30.21
N GLN D 153 17.26 14.93 30.26
CA GLN D 153 17.47 14.06 29.09
C GLN D 153 16.50 14.43 27.96
N PHE D 154 15.37 15.05 28.30
CA PHE D 154 14.50 15.57 27.24
C PHE D 154 15.07 16.79 26.50
N ASP D 155 16.07 17.45 27.07
CA ASP D 155 16.77 18.53 26.35
C ASP D 155 17.35 18.01 25.04
N TRP D 156 17.66 16.72 25.02
CA TRP D 156 18.31 16.09 23.89
C TRP D 156 17.39 15.98 22.67
N ALA D 157 16.10 16.23 22.87
CA ALA D 157 15.19 16.32 21.73
C ALA D 157 15.68 17.42 20.79
N TRP D 158 16.23 18.48 21.38
CA TRP D 158 16.89 19.54 20.62
C TRP D 158 18.40 19.29 20.50
N ARG D 159 19.03 18.88 21.61
CA ARG D 159 20.49 18.86 21.67
C ARG D 159 21.20 17.80 20.81
N ALA D 160 20.57 16.64 20.64
CA ALA D 160 21.27 15.48 20.08
C ALA D 160 22.02 15.79 18.78
N TYR D 161 21.34 16.37 17.81
CA TYR D 161 21.97 16.67 16.52
C TYR D 161 23.06 17.75 16.58
N HIS D 162 23.11 18.47 17.70
CA HIS D 162 24.15 19.49 17.95
C HIS D 162 25.35 18.91 18.73
N SER D 163 25.34 17.60 18.96
CA SER D 163 26.33 16.96 19.81
C SER D 163 27.21 15.99 19.03
N ASN D 164 28.28 15.52 19.67
CA ASN D 164 29.12 14.45 19.14
C ASN D 164 28.85 13.14 19.88
N GLU D 165 27.67 13.02 20.46
CA GLU D 165 27.31 11.80 21.17
C GLU D 165 27.20 10.66 20.14
N TRP D 166 27.57 9.43 20.51
CA TRP D 166 27.79 8.37 19.50
C TRP D 166 26.54 8.12 18.62
N ALA D 167 25.37 8.04 19.25
CA ALA D 167 24.15 7.70 18.52
C ALA D 167 23.73 8.87 17.64
N ALA D 168 24.06 10.08 18.07
CA ALA D 168 23.77 11.27 17.29
C ALA D 168 24.66 11.33 16.06
N ILE D 169 25.90 10.87 16.22
CA ILE D 169 26.81 10.79 15.07
C ILE D 169 26.38 9.68 14.10
N ALA D 170 25.97 8.54 14.64
CA ALA D 170 25.38 7.47 13.82
C ALA D 170 24.17 7.99 13.03
N ALA D 171 23.25 8.68 13.70
CA ALA D 171 22.09 9.25 13.04
C ALA D 171 22.46 10.26 11.96
N LYS D 172 23.32 11.21 12.32
CA LYS D 172 23.70 12.27 11.37
C LYS D 172 24.48 11.75 10.17
N HIS D 173 25.37 10.77 10.41
CA HIS D 173 26.15 10.19 9.31
C HIS D 173 25.18 9.51 8.32
N PHE D 174 24.17 8.82 8.85
CA PHE D 174 23.17 8.22 7.97
C PHE D 174 22.29 9.27 7.30
N PHE D 175 21.64 10.12 8.08
CA PHE D 175 20.74 11.10 7.50
C PHE D 175 21.43 12.12 6.59
N ASP D 176 22.64 12.51 6.95
CA ASP D 176 23.38 13.40 6.07
C ASP D 176 23.78 12.69 4.76
N ASP D 177 23.96 11.38 4.80
CA ASP D 177 24.24 10.61 3.59
C ASP D 177 23.00 10.48 2.67
N ILE D 178 21.82 10.23 3.24
CA ILE D 178 20.63 9.99 2.39
C ILE D 178 19.67 11.17 2.23
N ILE D 179 19.76 12.17 3.11
CA ILE D 179 18.85 13.32 3.04
C ILE D 179 19.49 14.60 2.53
N THR D 180 20.54 15.06 3.21
CA THR D 180 21.06 16.41 3.02
C THR D 180 22.35 16.43 2.21
N GLY D 181 22.99 15.28 2.04
CA GLY D 181 24.33 15.24 1.46
C GLY D 181 24.46 14.69 0.05
N ARG D 182 23.33 14.53 -0.65
CA ARG D 182 23.35 13.99 -2.00
C ARG D 182 22.42 14.75 -2.97
N ASP D 183 22.58 14.48 -4.26
CA ASP D 183 21.75 15.08 -5.29
C ASP D 183 20.25 14.74 -5.15
N ALA D 184 19.41 15.50 -5.86
CA ALA D 184 17.95 15.37 -5.79
C ALA D 184 17.41 13.96 -6.04
N ILE D 185 17.91 13.29 -7.07
CA ILE D 185 17.42 11.94 -7.39
C ILE D 185 17.88 10.90 -6.36
N SER D 186 19.06 11.06 -5.79
CA SER D 186 19.48 10.17 -4.72
C SER D 186 18.58 10.35 -3.50
N VAL D 187 18.23 11.60 -3.19
CA VAL D 187 17.27 11.83 -2.10
C VAL D 187 15.96 11.10 -2.36
N ALA D 188 15.43 11.22 -3.58
CA ALA D 188 14.14 10.61 -3.90
C ALA D 188 14.20 9.12 -3.61
N ILE D 189 15.28 8.50 -4.05
CA ILE D 189 15.44 7.07 -3.95
C ILE D 189 15.80 6.63 -2.54
N MET D 190 16.75 7.31 -1.92
CA MET D 190 17.30 6.86 -0.63
C MET D 190 16.43 7.27 0.53
N LEU D 191 15.94 8.52 0.51
CA LEU D 191 15.03 8.98 1.55
C LEU D 191 13.59 8.52 1.33
N THR D 192 12.96 8.96 0.23
CA THR D 192 11.51 8.74 0.14
C THR D 192 11.11 7.29 -0.11
N PHE D 193 11.81 6.61 -0.99
CA PHE D 193 11.47 5.22 -1.28
C PHE D 193 12.03 4.26 -0.21
N SER D 194 13.34 4.33 0.01
CA SER D 194 13.99 3.34 0.88
C SER D 194 13.69 3.56 2.34
N PHE D 195 13.91 4.78 2.84
CA PHE D 195 13.75 5.05 4.26
C PHE D 195 12.31 5.33 4.70
N GLU D 196 11.64 6.26 4.03
CA GLU D 196 10.29 6.66 4.46
C GLU D 196 9.26 5.60 4.09
N THR D 197 9.19 5.24 2.82
CA THR D 197 8.20 4.24 2.43
C THR D 197 8.58 2.88 3.04
N GLY D 198 9.87 2.62 3.11
CA GLY D 198 10.38 1.29 3.43
C GLY D 198 10.54 0.97 4.90
N PHE D 199 10.76 1.98 5.73
CA PHE D 199 10.91 1.77 7.17
C PHE D 199 9.94 2.61 8.02
N THR D 200 9.97 3.93 7.85
CA THR D 200 9.31 4.80 8.82
C THR D 200 7.79 4.63 8.82
N ASN D 201 7.20 4.41 7.65
CA ASN D 201 5.77 4.19 7.60
C ASN D 201 5.32 3.11 8.61
N MET D 202 5.85 1.90 8.46
CA MET D 202 5.51 0.79 9.38
C MET D 202 5.96 1.06 10.81
N GLN D 203 7.16 1.64 10.98
CA GLN D 203 7.67 1.97 12.30
C GLN D 203 6.75 2.94 13.05
N PHE D 204 6.29 3.98 12.37
CA PHE D 204 5.42 4.97 13.02
C PHE D 204 4.05 4.38 13.37
N LEU D 205 3.51 3.55 12.49
CA LEU D 205 2.26 2.84 12.80
C LEU D 205 2.41 1.97 14.03
N GLY D 206 3.53 1.26 14.13
CA GLY D 206 3.79 0.37 15.27
C GLY D 206 4.00 1.15 16.55
N LEU D 207 4.78 2.22 16.46
CA LEU D 207 5.04 3.10 17.60
C LEU D 207 3.76 3.74 18.18
N ALA D 208 2.86 4.22 17.32
CA ALA D 208 1.61 4.81 17.78
C ALA D 208 0.75 3.78 18.53
N ALA D 209 0.72 2.55 18.06
CA ALA D 209 -0.04 1.51 18.76
C ALA D 209 0.63 1.20 20.10
N ASP D 210 1.97 1.23 20.11
CA ASP D 210 2.75 0.98 21.33
C ASP D 210 2.52 2.08 22.36
N ALA D 211 2.39 3.31 21.89
CA ALA D 211 2.15 4.46 22.77
C ALA D 211 0.80 4.34 23.46
N ALA D 212 -0.22 3.99 22.69
CA ALA D 212 -1.56 3.77 23.23
C ALA D 212 -1.55 2.68 24.31
N GLU D 213 -0.89 1.56 24.01
CA GLU D 213 -0.78 0.50 25.01
C GLU D 213 -0.07 1.01 26.26
N ALA D 214 0.87 1.92 26.09
CA ALA D 214 1.60 2.48 27.24
C ALA D 214 0.78 3.52 27.99
N GLY D 215 -0.40 3.86 27.46
CA GLY D 215 -1.28 4.86 28.07
C GLY D 215 -0.85 6.28 27.76
N ASP D 216 -0.01 6.43 26.74
CA ASP D 216 0.43 7.76 26.33
C ASP D 216 -0.36 8.19 25.11
N TYR D 217 -1.59 8.65 25.34
CA TYR D 217 -2.50 8.98 24.25
C TYR D 217 -2.11 10.26 23.50
N THR D 218 -1.39 11.16 24.15
CA THR D 218 -0.87 12.33 23.48
C THR D 218 0.15 11.95 22.39
N PHE D 219 1.11 11.11 22.75
CA PHE D 219 2.14 10.65 21.78
C PHE D 219 1.52 9.75 20.71
N ALA D 220 0.60 8.90 21.12
CA ALA D 220 -0.05 8.01 20.18
C ALA D 220 -0.70 8.87 19.11
N ASN D 221 -1.40 9.91 19.54
CA ASN D 221 -2.12 10.79 18.63
C ASN D 221 -1.15 11.60 17.75
N LEU D 222 -0.09 12.10 18.37
CA LEU D 222 0.96 12.80 17.62
C LEU D 222 1.53 11.94 16.49
N ILE D 223 1.98 10.74 16.84
CA ILE D 223 2.64 9.88 15.89
C ILE D 223 1.72 9.42 14.78
N SER D 224 0.48 9.08 15.14
CA SER D 224 -0.53 8.75 14.14
C SER D 224 -0.74 9.91 13.16
N SER D 225 -0.86 11.13 13.68
CA SER D 225 -1.12 12.30 12.83
C SER D 225 0.02 12.54 11.86
N ILE D 226 1.24 12.48 12.36
CA ILE D 226 2.43 12.63 11.53
C ILE D 226 2.46 11.60 10.40
N GLN D 227 2.12 10.36 10.73
CA GLN D 227 2.18 9.25 9.76
C GLN D 227 1.20 9.45 8.58
N THR D 228 0.10 10.16 8.83
CA THR D 228 -0.87 10.43 7.76
C THR D 228 -0.32 11.35 6.66
N ASP D 229 0.78 12.05 6.96
CA ASP D 229 1.40 12.94 6.00
C ASP D 229 2.35 12.17 5.11
N GLU D 230 2.78 10.99 5.55
CA GLU D 230 3.93 10.36 4.90
C GLU D 230 3.78 10.13 3.40
N SER D 231 2.68 9.51 2.98
CA SER D 231 2.50 9.13 1.58
C SER D 231 2.59 10.32 0.62
N ARG D 232 2.16 11.48 1.08
CA ARG D 232 2.14 12.67 0.25
C ARG D 232 3.51 12.97 -0.37
N HIS D 233 4.57 12.77 0.40
CA HIS D 233 5.92 13.04 -0.10
C HIS D 233 6.75 11.76 -0.26
N ALA D 234 6.45 10.72 0.51
CA ALA D 234 7.19 9.46 0.40
C ALA D 234 6.96 8.80 -0.96
N GLN D 235 5.84 9.12 -1.61
CA GLN D 235 5.52 8.57 -2.95
C GLN D 235 6.50 8.97 -4.06
N GLN D 236 7.44 9.88 -3.76
CA GLN D 236 8.25 10.49 -4.82
C GLN D 236 9.33 9.57 -5.42
N GLY D 237 9.85 8.65 -4.62
CA GLY D 237 10.92 7.77 -5.08
C GLY D 237 10.53 6.71 -6.09
N GLY D 238 9.34 6.12 -5.93
CA GLY D 238 8.84 5.12 -6.89
C GLY D 238 8.95 5.57 -8.35
N PRO D 239 8.28 6.68 -8.71
CA PRO D 239 8.31 7.22 -10.07
C PRO D 239 9.69 7.61 -10.57
N ALA D 240 10.58 7.99 -9.65
CA ALA D 240 11.95 8.33 -10.00
C ALA D 240 12.70 7.07 -10.45
N LEU D 241 12.50 6.01 -9.69
CA LEU D 241 13.09 4.71 -10.00
C LEU D 241 12.59 4.18 -11.35
N GLN D 242 11.28 4.25 -11.57
CA GLN D 242 10.74 3.83 -12.86
C GLN D 242 11.42 4.62 -13.98
N LEU D 243 11.59 5.92 -13.78
CA LEU D 243 12.18 6.77 -14.80
C LEU D 243 13.63 6.39 -15.13
N LEU D 244 14.44 6.17 -14.10
CA LEU D 244 15.82 5.73 -14.29
C LEU D 244 15.84 4.39 -15.05
N ILE D 245 14.96 3.47 -14.65
CA ILE D 245 14.91 2.16 -15.30
C ILE D 245 14.57 2.29 -16.78
N GLU D 246 13.56 3.09 -17.10
CA GLU D 246 13.16 3.32 -18.49
C GLU D 246 14.26 3.95 -19.33
N ASN D 247 15.16 4.69 -18.67
CA ASN D 247 16.17 5.44 -19.39
C ASN D 247 17.56 4.84 -19.28
N GLY D 248 17.59 3.52 -19.06
CA GLY D 248 18.84 2.75 -19.16
C GLY D 248 19.71 2.83 -17.92
N LYS D 249 19.15 3.28 -16.81
CA LYS D 249 19.93 3.45 -15.57
C LYS D 249 19.49 2.51 -14.45
N ARG D 250 18.99 1.33 -14.82
CA ARG D 250 18.54 0.36 -13.82
C ARG D 250 19.66 -0.02 -12.85
N GLU D 251 20.87 -0.17 -13.37
CA GLU D 251 22.01 -0.58 -12.55
C GLU D 251 22.32 0.45 -11.47
N GLU D 252 22.30 1.72 -11.85
CA GLU D 252 22.55 2.78 -10.90
C GLU D 252 21.39 2.91 -9.90
N ALA D 253 20.16 2.76 -10.38
CA ALA D 253 18.97 2.73 -9.51
C ALA D 253 19.06 1.62 -8.44
N GLN D 254 19.33 0.40 -8.88
CA GLN D 254 19.47 -0.73 -7.96
C GLN D 254 20.53 -0.43 -6.89
N LYS D 255 21.67 0.06 -7.32
CA LYS D 255 22.79 0.31 -6.42
C LYS D 255 22.43 1.32 -5.33
N LYS D 256 21.65 2.34 -5.69
CA LYS D 256 21.24 3.35 -4.74
C LYS D 256 20.22 2.79 -3.75
N VAL D 257 19.30 1.96 -4.22
CA VAL D 257 18.38 1.28 -3.33
C VAL D 257 19.14 0.33 -2.38
N ASP D 258 20.07 -0.45 -2.92
CA ASP D 258 20.84 -1.39 -2.12
C ASP D 258 21.57 -0.66 -0.99
N MET D 259 22.26 0.43 -1.32
CA MET D 259 22.97 1.25 -0.33
CA MET D 259 22.97 1.20 -0.32
C MET D 259 22.03 1.74 0.78
N ALA D 260 20.92 2.36 0.38
CA ALA D 260 20.06 3.02 1.37
C ALA D 260 19.39 2.08 2.35
N ILE D 261 18.94 0.95 1.83
CA ILE D 261 18.25 -0.02 2.67
C ILE D 261 19.20 -0.54 3.74
N TRP D 262 20.44 -0.85 3.37
CA TRP D 262 21.36 -1.41 4.35
C TRP D 262 21.74 -0.38 5.41
N ARG D 263 22.03 0.84 4.97
CA ARG D 263 22.38 1.92 5.92
C ARG D 263 21.21 2.19 6.89
N ALA D 264 19.99 2.23 6.36
CA ALA D 264 18.83 2.40 7.23
C ALA D 264 18.70 1.25 8.24
N TRP D 265 18.91 0.03 7.77
CA TRP D 265 18.85 -1.14 8.61
C TRP D 265 19.79 -1.03 9.83
N ARG D 266 21.06 -0.71 9.60
CA ARG D 266 21.97 -0.70 10.74
C ARG D 266 21.51 0.29 11.80
N LEU D 267 21.07 1.48 11.38
CA LEU D 267 20.63 2.47 12.34
C LEU D 267 19.35 2.01 13.04
N PHE D 268 18.43 1.47 12.25
CA PHE D 268 17.16 0.99 12.76
C PHE D 268 17.40 -0.09 13.83
N ALA D 269 18.37 -0.96 13.57
CA ALA D 269 18.67 -2.06 14.49
C ALA D 269 19.20 -1.60 15.84
N VAL D 270 19.96 -0.50 15.87
CA VAL D 270 20.57 -0.08 17.13
C VAL D 270 19.59 0.75 17.95
N LEU D 271 18.76 1.54 17.25
CA LEU D 271 17.82 2.45 17.92
C LEU D 271 16.43 1.85 18.19
N THR D 272 15.95 0.93 17.35
CA THR D 272 14.60 0.42 17.59
C THR D 272 14.55 -1.07 17.94
N GLY D 273 15.52 -1.85 17.49
CA GLY D 273 15.57 -3.26 17.84
C GLY D 273 15.51 -3.52 19.34
N PRO D 274 16.35 -2.84 20.12
CA PRO D 274 16.34 -3.03 21.57
C PRO D 274 15.03 -2.58 22.22
N VAL D 275 14.38 -1.57 21.65
CA VAL D 275 13.11 -1.09 22.20
C VAL D 275 12.06 -2.19 22.18
N MET D 276 11.89 -2.81 21.02
CA MET D 276 10.89 -3.86 20.84
C MET D 276 11.19 -5.11 21.68
N ASP D 277 12.46 -5.50 21.72
CA ASP D 277 12.79 -6.80 22.33
C ASP D 277 13.19 -6.70 23.80
N TYR D 278 13.50 -5.50 24.28
CA TYR D 278 14.01 -5.35 25.63
C TYR D 278 13.35 -4.23 26.45
N TYR D 279 13.00 -3.11 25.83
CA TYR D 279 12.41 -1.98 26.57
C TYR D 279 10.91 -2.19 26.80
N THR D 280 10.25 -2.78 25.82
CA THR D 280 8.82 -3.02 25.92
C THR D 280 8.54 -4.06 26.99
N PRO D 281 7.64 -3.74 27.95
CA PRO D 281 7.24 -4.71 28.96
C PRO D 281 6.86 -6.05 28.33
N LEU D 282 7.30 -7.14 28.95
CA LEU D 282 7.08 -8.46 28.38
C LEU D 282 5.61 -8.69 28.00
N GLU D 283 4.70 -8.34 28.89
CA GLU D 283 3.29 -8.66 28.68
C GLU D 283 2.69 -7.90 27.50
N ASP D 284 3.45 -6.95 26.95
CA ASP D 284 2.95 -6.13 25.88
C ASP D 284 3.60 -6.42 24.53
N ARG D 285 4.35 -7.51 24.46
CA ARG D 285 5.04 -7.90 23.23
C ARG D 285 4.22 -8.90 22.42
N SER D 286 3.89 -8.54 21.19
CA SER D 286 3.06 -9.39 20.33
C SER D 286 3.87 -9.94 19.16
N GLN D 287 5.07 -9.41 18.98
CA GLN D 287 6.01 -9.93 17.99
C GLN D 287 7.43 -9.56 18.41
N SER D 288 8.39 -10.38 18.00
CA SER D 288 9.79 -10.05 18.23
C SER D 288 10.22 -9.04 17.18
N PHE D 289 11.38 -8.44 17.38
CA PHE D 289 11.94 -7.53 16.39
C PHE D 289 12.16 -8.26 15.04
N LYS D 290 12.63 -9.51 15.12
CA LYS D 290 12.81 -10.34 13.92
C LYS D 290 11.47 -10.53 13.20
N GLU D 291 10.42 -10.83 13.95
CA GLU D 291 9.10 -10.99 13.34
C GLU D 291 8.62 -9.68 12.69
N PHE D 292 8.78 -8.57 13.39
CA PHE D 292 8.46 -7.28 12.81
C PHE D 292 9.19 -7.04 11.49
N MET D 293 10.50 -7.26 11.48
CA MET D 293 11.29 -7.03 10.27
C MET D 293 10.82 -7.94 9.14
N TYR D 294 10.69 -9.22 9.48
CA TYR D 294 10.39 -10.23 8.47
C TYR D 294 9.00 -10.05 7.88
N GLU D 295 8.01 -9.79 8.74
CA GLU D 295 6.63 -9.72 8.29
C GLU D 295 6.18 -8.33 7.84
N TRP D 296 6.88 -7.27 8.24
CA TRP D 296 6.41 -5.92 7.92
C TRP D 296 7.38 -5.04 7.13
N ILE D 297 8.62 -5.48 6.98
CA ILE D 297 9.63 -4.68 6.27
C ILE D 297 10.18 -5.39 5.04
N ILE D 298 10.69 -6.61 5.25
CA ILE D 298 11.39 -7.39 4.22
C ILE D 298 10.54 -7.76 3.00
N GLY D 299 9.44 -8.45 3.26
CA GLY D 299 8.56 -8.90 2.19
C GLY D 299 8.02 -7.71 1.41
N GLN D 300 7.67 -6.65 2.12
CA GLN D 300 7.16 -5.43 1.49
C GLN D 300 8.18 -4.84 0.51
N PHE D 301 9.46 -4.81 0.92
CA PHE D 301 10.54 -4.39 0.04
C PHE D 301 10.63 -5.30 -1.18
N GLU D 302 10.57 -6.62 -0.97
CA GLU D 302 10.73 -7.55 -2.08
C GLU D 302 9.64 -7.33 -3.11
N ARG D 303 8.40 -7.20 -2.65
CA ARG D 303 7.27 -7.02 -3.55
C ARG D 303 7.31 -5.68 -4.28
N SER D 304 7.71 -4.63 -3.58
CA SER D 304 7.78 -3.31 -4.19
CA SER D 304 7.77 -3.32 -4.20
C SER D 304 8.88 -3.26 -5.24
N LEU D 305 10.04 -3.83 -4.90
CA LEU D 305 11.16 -3.84 -5.83
C LEU D 305 10.80 -4.59 -7.12
N ILE D 306 10.27 -5.80 -6.97
CA ILE D 306 9.84 -6.60 -8.12
C ILE D 306 8.82 -5.83 -8.97
N ASP D 307 7.86 -5.22 -8.30
CA ASP D 307 6.83 -4.43 -8.97
C ASP D 307 7.47 -3.36 -9.87
N LEU D 308 8.61 -2.81 -9.44
CA LEU D 308 9.32 -1.78 -10.21
C LEU D 308 10.30 -2.34 -11.25
N GLY D 309 10.48 -3.66 -11.26
CA GLY D 309 11.44 -4.27 -12.19
C GLY D 309 12.87 -4.22 -11.64
N LEU D 310 12.99 -4.00 -10.33
CA LEU D 310 14.27 -4.15 -9.66
C LEU D 310 14.32 -5.53 -9.00
N ASP D 311 15.42 -5.84 -8.33
CA ASP D 311 15.59 -7.15 -7.68
C ASP D 311 15.87 -6.99 -6.20
N LYS D 312 15.75 -8.08 -5.45
CA LYS D 312 16.25 -8.09 -4.07
C LYS D 312 17.71 -7.68 -4.11
N PRO D 313 18.15 -6.83 -3.16
CA PRO D 313 19.56 -6.48 -3.13
C PRO D 313 20.45 -7.72 -3.01
N TRP D 314 21.67 -7.64 -3.53
CA TRP D 314 22.63 -8.75 -3.50
C TRP D 314 22.85 -9.31 -2.11
N TYR D 315 22.69 -8.48 -1.08
CA TYR D 315 22.98 -8.88 0.29
C TYR D 315 21.80 -9.47 1.05
N TRP D 316 20.70 -9.76 0.34
CA TRP D 316 19.48 -10.16 1.04
C TRP D 316 19.70 -11.34 2.02
N ASP D 317 20.50 -12.33 1.62
CA ASP D 317 20.88 -13.43 2.50
C ASP D 317 21.50 -12.92 3.82
N LEU D 318 22.42 -11.96 3.70
CA LEU D 318 23.08 -11.39 4.88
C LEU D 318 22.10 -10.64 5.77
N PHE D 319 21.15 -9.96 5.13
CA PHE D 319 20.13 -9.19 5.82
C PHE D 319 19.29 -10.13 6.70
N LEU D 320 18.81 -11.23 6.12
CA LEU D 320 18.00 -12.21 6.86
C LEU D 320 18.74 -12.82 8.06
N LYS D 321 20.02 -13.11 7.89
CA LYS D 321 20.85 -13.58 9.00
C LYS D 321 21.06 -12.48 10.08
N ASP D 322 21.21 -11.23 9.63
CA ASP D 322 21.45 -10.10 10.55
C ASP D 322 20.26 -9.91 11.48
N ILE D 323 19.06 -10.11 10.96
CA ILE D 323 17.85 -9.90 11.73
C ILE D 323 17.75 -10.82 12.96
N ASP D 324 18.43 -11.97 12.91
CA ASP D 324 18.47 -12.92 14.02
C ASP D 324 19.45 -12.51 15.12
N GLU D 325 20.40 -11.63 14.80
CA GLU D 325 21.61 -11.50 15.63
C GLU D 325 21.98 -10.08 16.02
N LEU D 326 21.95 -9.20 15.04
CA LEU D 326 22.56 -7.88 15.20
C LEU D 326 22.07 -7.08 16.42
N HIS D 327 20.76 -6.89 16.52
CA HIS D 327 20.22 -5.99 17.53
C HIS D 327 20.39 -6.52 18.96
N HIS D 328 20.53 -7.83 19.10
CA HIS D 328 20.84 -8.39 20.42
C HIS D 328 22.21 -7.92 20.90
N SER D 329 23.17 -7.85 19.98
CA SER D 329 24.51 -7.35 20.35
C SER D 329 24.48 -5.84 20.50
N TYR D 330 23.78 -5.17 19.59
CA TYR D 330 23.64 -3.72 19.68
C TYR D 330 23.03 -3.31 21.04
N HIS D 331 21.98 -4.00 21.46
CA HIS D 331 21.35 -3.71 22.77
C HIS D 331 22.34 -3.89 23.92
N MET D 332 23.04 -5.03 23.90
CA MET D 332 24.02 -5.31 24.95
C MET D 332 25.04 -4.16 25.07
N GLY D 333 25.53 -3.69 23.91
CA GLY D 333 26.46 -2.56 23.86
C GLY D 333 25.86 -1.24 24.34
N VAL D 334 24.66 -0.92 23.85
CA VAL D 334 23.98 0.29 24.29
C VAL D 334 23.82 0.26 25.83
N TRP D 335 23.45 -0.90 26.37
CA TRP D 335 23.26 -1.01 27.82
C TRP D 335 24.59 -0.97 28.58
N TYR D 336 25.58 -1.74 28.13
CA TYR D 336 26.86 -1.75 28.85
C TYR D 336 27.50 -0.34 28.86
N TRP D 337 27.44 0.36 27.73
CA TRP D 337 27.93 1.74 27.62
C TRP D 337 26.79 2.76 27.81
N ARG D 338 25.78 2.41 28.61
CA ARG D 338 24.61 3.27 28.80
C ARG D 338 24.95 4.69 29.23
N THR D 339 26.06 4.86 29.94
CA THR D 339 26.41 6.20 30.43
C THR D 339 26.63 7.19 29.29
N THR D 340 26.90 6.67 28.09
CA THR D 340 27.11 7.51 26.90
C THR D 340 25.83 7.77 26.08
N ALA D 341 24.70 7.21 26.53
CA ALA D 341 23.41 7.45 25.89
C ALA D 341 22.65 8.56 26.62
N TRP D 342 21.76 9.26 25.92
CA TRP D 342 20.95 10.31 26.53
C TRP D 342 19.60 9.79 27.05
N TRP D 343 19.40 8.48 26.97
CA TRP D 343 18.22 7.83 27.54
C TRP D 343 18.70 6.71 28.46
N ASN D 344 17.79 6.13 29.23
CA ASN D 344 18.12 5.04 30.13
C ASN D 344 17.67 3.68 29.58
N PRO D 345 18.63 2.88 29.06
CA PRO D 345 18.31 1.57 28.49
C PRO D 345 17.83 0.58 29.56
N ALA D 346 16.80 -0.20 29.23
CA ALA D 346 16.31 -1.26 30.12
C ALA D 346 17.06 -2.54 29.77
N ALA D 347 17.57 -3.25 30.78
CA ALA D 347 18.36 -4.46 30.51
C ALA D 347 17.50 -5.52 29.83
N GLY D 348 16.30 -5.75 30.37
CA GLY D 348 15.35 -6.68 29.77
C GLY D 348 15.76 -8.15 29.86
N VAL D 349 16.43 -8.52 30.95
CA VAL D 349 16.92 -9.90 31.10
C VAL D 349 16.55 -10.57 32.44
N THR D 350 15.33 -10.32 32.90
CA THR D 350 14.78 -11.16 33.96
C THR D 350 14.57 -12.54 33.36
N PRO D 351 14.49 -13.58 34.21
CA PRO D 351 14.31 -14.94 33.70
C PRO D 351 13.11 -15.09 32.76
N GLU D 352 12.03 -14.39 33.08
CA GLU D 352 10.83 -14.46 32.26
C GLU D 352 11.05 -13.84 30.88
N GLU D 353 11.82 -12.75 30.83
CA GLU D 353 12.14 -12.12 29.56
C GLU D 353 13.10 -13.00 28.77
N ARG D 354 13.98 -13.66 29.49
CA ARG D 354 14.99 -14.51 28.86
C ARG D 354 14.35 -15.75 28.24
N ASP D 355 13.28 -16.26 28.86
CA ASP D 355 12.54 -17.37 28.29
C ASP D 355 11.87 -16.96 26.98
N TRP D 356 11.31 -15.75 26.94
CA TRP D 356 10.69 -15.21 25.72
C TRP D 356 11.74 -15.05 24.60
N LEU D 357 12.88 -14.49 24.97
CA LEU D 357 13.98 -14.32 24.04
C LEU D 357 14.36 -15.67 23.45
N GLU D 358 14.47 -16.68 24.31
CA GLU D 358 14.83 -18.02 23.87
C GLU D 358 13.80 -18.59 22.90
N GLU D 359 12.53 -18.31 23.16
CA GLU D 359 11.43 -18.79 22.32
C GLU D 359 11.49 -18.13 20.94
N LYS D 360 11.73 -16.82 20.94
CA LYS D 360 11.78 -16.03 19.71
C LYS D 360 13.11 -16.19 18.95
N TYR D 361 14.16 -16.58 19.67
CA TYR D 361 15.48 -16.71 19.08
C TYR D 361 16.20 -17.92 19.68
N PRO D 362 15.85 -19.12 19.23
CA PRO D 362 16.46 -20.30 19.84
C PRO D 362 17.97 -20.20 19.87
N GLY D 363 18.56 -20.56 21.01
CA GLY D 363 19.99 -20.43 21.18
C GLY D 363 20.41 -19.13 21.87
N TRP D 364 19.45 -18.24 22.14
CA TRP D 364 19.76 -16.93 22.72
C TRP D 364 20.56 -17.05 24.02
N ASN D 365 20.11 -17.95 24.90
CA ASN D 365 20.72 -18.06 26.22
C ASN D 365 22.15 -18.58 26.22
N LYS D 366 22.50 -19.44 25.27
CA LYS D 366 23.88 -19.92 25.17
C LYS D 366 24.75 -18.96 24.34
N ARG D 367 24.13 -17.90 23.82
CA ARG D 367 24.85 -16.85 23.12
C ARG D 367 24.92 -15.57 23.96
N TRP D 368 24.01 -14.63 23.73
CA TRP D 368 23.96 -13.38 24.51
C TRP D 368 23.71 -13.64 25.99
N GLY D 369 22.96 -14.71 26.31
CA GLY D 369 22.72 -15.03 27.70
C GLY D 369 23.99 -15.25 28.51
N ARG D 370 25.05 -15.71 27.85
CA ARG D 370 26.33 -15.96 28.54
C ARG D 370 26.92 -14.65 29.07
N CYS D 371 26.86 -13.60 28.26
CA CYS D 371 27.29 -12.27 28.68
C CYS D 371 26.37 -11.71 29.77
N TRP D 372 25.06 -11.86 29.61
CA TRP D 372 24.14 -11.36 30.62
C TRP D 372 24.27 -12.09 31.97
N ASP D 373 24.69 -13.35 31.94
CA ASP D 373 24.94 -14.11 33.17
C ASP D 373 26.03 -13.44 33.99
N VAL D 374 27.12 -13.04 33.33
CA VAL D 374 28.23 -12.39 34.04
C VAL D 374 27.77 -11.04 34.58
N ILE D 375 27.17 -10.24 33.71
CA ILE D 375 26.62 -8.95 34.11
C ILE D 375 25.69 -9.06 35.32
N THR D 376 24.77 -10.03 35.25
CA THR D 376 23.79 -10.24 36.30
C THR D 376 24.47 -10.57 37.64
N GLU D 377 25.45 -11.46 37.61
CA GLU D 377 26.19 -11.84 38.82
C GLU D 377 26.90 -10.62 39.44
N ASN D 378 27.51 -9.80 38.58
CA ASN D 378 28.15 -8.56 39.04
C ASN D 378 27.15 -7.60 39.67
N VAL D 379 25.97 -7.49 39.06
CA VAL D 379 24.93 -6.63 39.63
C VAL D 379 24.53 -7.11 41.02
N LEU D 380 24.29 -8.41 41.16
CA LEU D 380 23.93 -8.97 42.46
C LEU D 380 25.02 -8.77 43.50
N ASN D 381 26.27 -8.75 43.07
CA ASN D 381 27.39 -8.52 43.99
C ASN D 381 27.78 -7.05 44.11
N ASP D 382 26.91 -6.17 43.63
CA ASP D 382 27.12 -4.72 43.66
C ASP D 382 28.46 -4.29 43.03
N ARG D 383 28.92 -5.05 42.05
CA ARG D 383 30.15 -4.70 41.34
C ARG D 383 29.84 -3.73 40.22
N MET D 384 29.56 -2.48 40.60
CA MET D 384 29.18 -1.46 39.64
C MET D 384 30.37 -1.07 38.78
N ASP D 385 31.58 -1.30 39.27
CA ASP D 385 32.76 -1.07 38.46
C ASP D 385 32.82 -2.00 37.24
N LEU D 386 32.36 -3.25 37.42
CA LEU D 386 32.40 -4.24 36.34
C LEU D 386 31.23 -4.16 35.36
N VAL D 387 30.23 -3.32 35.66
CA VAL D 387 29.18 -3.05 34.67
C VAL D 387 29.27 -1.62 34.14
N SER D 388 30.48 -1.08 34.17
CA SER D 388 30.76 0.22 33.58
C SER D 388 32.09 0.12 32.84
N PRO D 389 32.13 0.65 31.61
CA PRO D 389 33.27 0.46 30.72
C PRO D 389 34.47 1.34 31.05
N GLU D 390 35.65 0.87 30.68
CA GLU D 390 36.89 1.61 30.86
C GLU D 390 37.62 1.77 29.55
N THR D 391 36.97 1.37 28.46
CA THR D 391 37.51 1.67 27.16
C THR D 391 36.38 1.92 26.15
N LEU D 392 36.78 2.32 24.95
CA LEU D 392 35.86 2.59 23.85
C LEU D 392 35.63 1.33 23.06
N PRO D 393 34.40 1.15 22.54
CA PRO D 393 34.21 0.07 21.59
C PRO D 393 34.91 0.45 20.28
N SER D 394 35.30 -0.54 19.49
CA SER D 394 35.74 -0.31 18.13
C SER D 394 34.51 -0.03 17.26
N VAL D 395 34.63 0.91 16.32
CA VAL D 395 33.46 1.47 15.67
C VAL D 395 33.55 1.36 14.16
N CYS D 396 32.43 1.03 13.52
CA CYS D 396 32.35 0.92 12.07
C CYS D 396 32.58 2.28 11.40
N ASN D 397 33.44 2.31 10.38
CA ASN D 397 33.71 3.55 9.63
C ASN D 397 32.60 3.96 8.67
N MET D 398 31.56 3.14 8.56
CA MET D 398 30.36 3.52 7.82
C MET D 398 29.23 3.87 8.79
N SER D 399 28.74 2.88 9.54
CA SER D 399 27.54 3.09 10.36
C SER D 399 27.77 3.88 11.64
N GLN D 400 29.03 4.00 12.04
CA GLN D 400 29.38 4.74 13.29
C GLN D 400 28.88 3.98 14.51
N ILE D 401 28.53 2.71 14.31
CA ILE D 401 28.08 1.85 15.41
C ILE D 401 29.14 0.79 15.68
N PRO D 402 29.30 0.37 16.95
CA PRO D 402 30.36 -0.57 17.33
C PRO D 402 30.36 -1.86 16.53
N LEU D 403 31.55 -2.44 16.34
CA LEU D 403 31.75 -3.68 15.62
C LEU D 403 31.38 -4.86 16.51
N VAL D 404 30.36 -5.62 16.13
CA VAL D 404 29.80 -6.65 17.00
C VAL D 404 29.73 -7.99 16.31
N GLY D 405 29.42 -9.03 17.06
CA GLY D 405 29.25 -10.37 16.51
C GLY D 405 28.38 -11.19 17.44
N VAL D 406 28.45 -12.51 17.31
CA VAL D 406 27.69 -13.39 18.20
C VAL D 406 28.62 -13.84 19.33
N PRO D 407 28.20 -13.65 20.58
CA PRO D 407 28.96 -14.05 21.75
C PRO D 407 28.65 -15.47 22.25
N GLY D 408 29.30 -15.86 23.35
CA GLY D 408 28.97 -17.10 24.05
C GLY D 408 29.45 -18.35 23.36
N ASP D 409 28.61 -19.38 23.37
CA ASP D 409 29.02 -20.73 22.97
C ASP D 409 29.22 -20.81 21.48
N ASP D 410 28.65 -19.87 20.74
CA ASP D 410 28.79 -19.85 19.29
C ASP D 410 29.53 -18.61 18.81
N TRP D 411 30.64 -18.29 19.47
CA TRP D 411 31.36 -17.05 19.22
C TRP D 411 31.77 -16.91 17.76
N ASN D 412 31.29 -15.84 17.11
CA ASN D 412 31.70 -15.52 15.76
C ASN D 412 31.63 -14.02 15.53
N ILE D 413 32.77 -13.43 15.23
CA ILE D 413 32.80 -12.00 14.96
C ILE D 413 33.73 -11.71 13.80
N GLU D 414 33.28 -10.84 12.90
CA GLU D 414 34.10 -10.52 11.74
C GLU D 414 34.11 -9.04 11.45
N VAL D 415 35.32 -8.49 11.35
CA VAL D 415 35.53 -7.12 10.90
C VAL D 415 35.93 -7.16 9.44
N PHE D 416 35.35 -6.27 8.64
CA PHE D 416 35.68 -6.19 7.23
C PHE D 416 36.49 -4.94 7.01
N SER D 417 37.79 -5.12 6.80
CA SER D 417 38.72 -3.98 6.78
C SER D 417 39.15 -3.59 5.38
N LEU D 418 39.61 -2.36 5.23
CA LEU D 418 40.00 -1.84 3.92
C LEU D 418 41.19 -0.89 4.06
N GLU D 419 42.21 -1.09 3.20
CA GLU D 419 43.28 -0.11 3.06
C GLU D 419 42.93 0.76 1.87
N HIS D 420 42.72 2.04 2.10
CA HIS D 420 42.29 2.94 1.03
C HIS D 420 43.04 4.25 1.20
N ASN D 421 43.73 4.67 0.14
CA ASN D 421 44.53 5.91 0.18
C ASN D 421 45.39 6.07 1.43
N GLY D 422 46.08 5.01 1.82
CA GLY D 422 47.04 5.07 2.92
C GLY D 422 46.44 4.97 4.32
N ARG D 423 45.13 4.75 4.40
CA ARG D 423 44.46 4.69 5.70
C ARG D 423 43.75 3.36 5.84
N LEU D 424 43.72 2.83 7.06
CA LEU D 424 43.01 1.59 7.37
C LEU D 424 41.62 1.86 7.97
N TYR D 425 40.59 1.36 7.30
CA TYR D 425 39.21 1.49 7.76
C TYR D 425 38.67 0.13 8.22
N HIS D 426 37.73 0.14 9.16
CA HIS D 426 37.10 -1.07 9.62
C HIS D 426 35.60 -0.96 9.49
N PHE D 427 34.97 -2.02 8.99
CA PHE D 427 33.53 -2.02 8.78
C PHE D 427 32.88 -3.20 9.45
N GLY D 428 31.64 -3.00 9.89
CA GLY D 428 30.93 -4.00 10.68
C GLY D 428 30.29 -5.10 9.84
N SER D 429 30.33 -4.95 8.52
CA SER D 429 29.79 -5.96 7.63
C SER D 429 30.37 -5.84 6.25
N GLU D 430 30.24 -6.90 5.46
CA GLU D 430 30.64 -6.89 4.07
C GLU D 430 29.89 -5.80 3.31
N VAL D 431 28.62 -5.59 3.68
CA VAL D 431 27.81 -4.58 2.99
C VAL D 431 28.31 -3.17 3.28
N ASP D 432 28.61 -2.88 4.54
CA ASP D 432 29.09 -1.55 4.93
C ASP D 432 30.38 -1.19 4.22
N ARG D 433 31.28 -2.15 4.07
CA ARG D 433 32.52 -1.90 3.31
C ARG D 433 32.20 -1.61 1.85
N TRP D 434 31.30 -2.40 1.28
CA TRP D 434 30.85 -2.21 -0.11
C TRP D 434 30.23 -0.81 -0.34
N VAL D 435 29.35 -0.38 0.56
CA VAL D 435 28.81 0.98 0.48
C VAL D 435 29.92 2.03 0.38
N PHE D 436 30.89 1.96 1.29
CA PHE D 436 32.05 2.85 1.25
C PHE D 436 32.73 2.81 -0.13
N GLN D 437 32.95 1.60 -0.65
CA GLN D 437 33.59 1.46 -1.95
C GLN D 437 32.75 1.96 -3.14
N GLN D 438 31.45 2.12 -2.95
CA GLN D 438 30.61 2.64 -4.05
C GLN D 438 30.80 4.14 -4.27
N ASP D 439 31.18 4.85 -3.22
CA ASP D 439 31.32 6.31 -3.31
C ASP D 439 32.32 6.80 -2.27
N PRO D 440 33.61 6.45 -2.47
CA PRO D 440 34.66 6.75 -1.49
C PRO D 440 34.77 8.25 -1.16
N VAL D 441 34.54 9.10 -2.14
CA VAL D 441 34.65 10.54 -1.89
C VAL D 441 33.61 11.06 -0.89
N GLN D 442 32.48 10.35 -0.77
CA GLN D 442 31.47 10.71 0.23
C GLN D 442 31.99 10.51 1.66
N TYR D 443 32.91 9.55 1.84
CA TYR D 443 33.21 9.01 3.16
C TYR D 443 34.68 9.05 3.56
N GLN D 444 35.58 9.09 2.58
CA GLN D 444 36.97 8.70 2.81
C GLN D 444 37.68 9.47 3.90
N ASN D 445 37.42 10.75 4.05
CA ASN D 445 38.14 11.52 5.06
C ASN D 445 37.35 11.73 6.36
N HIS D 446 36.21 11.06 6.49
CA HIS D 446 35.43 11.14 7.71
C HIS D 446 36.13 10.39 8.84
N MET D 447 36.05 10.97 10.04
N MET D 447 36.07 10.97 10.03
CA MET D 447 36.65 10.38 11.22
CA MET D 447 36.66 10.35 11.20
C MET D 447 35.57 9.99 12.23
C MET D 447 35.60 10.00 12.23
N ASN D 448 35.48 8.71 12.55
CA ASN D 448 34.55 8.26 13.59
C ASN D 448 35.12 8.63 14.96
N ILE D 449 34.32 8.45 16.01
CA ILE D 449 34.72 8.88 17.36
C ILE D 449 36.07 8.27 17.80
N VAL D 450 36.29 7.00 17.47
CA VAL D 450 37.54 6.35 17.82
C VAL D 450 38.72 6.96 17.06
N ASP D 451 38.52 7.22 15.78
CA ASP D 451 39.55 7.90 14.97
C ASP D 451 39.93 9.22 15.64
N ARG D 452 38.92 9.95 16.11
CA ARG D 452 39.16 11.26 16.73
C ARG D 452 39.89 11.10 18.07
N PHE D 453 39.46 10.11 18.85
CA PHE D 453 40.09 9.80 20.14
C PHE D 453 41.58 9.52 19.90
N LEU D 454 41.88 8.73 18.88
CA LEU D 454 43.25 8.34 18.59
C LEU D 454 44.07 9.45 17.93
N ALA D 455 43.39 10.48 17.43
CA ALA D 455 44.05 11.61 16.81
C ALA D 455 44.25 12.74 17.82
N GLY D 456 44.00 12.44 19.08
CA GLY D 456 44.12 13.44 20.16
C GLY D 456 43.04 14.51 20.24
N GLN D 457 41.90 14.30 19.60
CA GLN D 457 40.87 15.34 19.57
C GLN D 457 40.00 15.32 20.83
N ILE D 458 40.13 14.27 21.63
CA ILE D 458 39.29 14.10 22.82
C ILE D 458 40.14 14.07 24.10
N GLN D 459 40.11 15.17 24.83
CA GLN D 459 40.88 15.28 26.08
C GLN D 459 39.98 15.71 27.22
N PRO D 460 40.23 15.17 28.43
CA PRO D 460 41.26 14.17 28.66
C PRO D 460 40.88 12.84 28.05
N MET D 461 41.86 11.96 27.91
CA MET D 461 41.60 10.68 27.28
C MET D 461 41.04 9.75 28.34
N THR D 462 39.87 10.12 28.84
CA THR D 462 39.19 9.41 29.91
C THR D 462 37.71 9.25 29.56
N LEU D 463 37.01 8.42 30.32
CA LEU D 463 35.56 8.30 30.19
C LEU D 463 34.92 9.67 30.37
N GLU D 464 35.32 10.38 31.43
CA GLU D 464 34.83 11.74 31.67
C GLU D 464 35.12 12.64 30.48
N GLY D 465 36.32 12.50 29.92
CA GLY D 465 36.72 13.25 28.74
C GLY D 465 35.86 12.94 27.52
N ALA D 466 35.58 11.66 27.29
CA ALA D 466 34.69 11.27 26.18
C ALA D 466 33.26 11.79 26.37
N LEU D 467 32.75 11.69 27.59
CA LEU D 467 31.40 12.17 27.88
C LEU D 467 31.27 13.68 27.66
N LYS D 468 32.30 14.42 28.05
CA LYS D 468 32.33 15.87 27.85
C LYS D 468 32.31 16.20 26.36
N TYR D 469 33.18 15.53 25.61
CA TYR D 469 33.24 15.68 24.15
C TYR D 469 31.87 15.36 23.52
N MET D 470 31.19 14.36 24.07
CA MET D 470 29.89 13.94 23.54
C MET D 470 28.75 14.90 23.88
N GLY D 471 29.03 15.92 24.68
CA GLY D 471 28.06 16.99 24.94
C GLY D 471 27.23 16.90 26.21
N PHE D 472 27.52 15.92 27.06
CA PHE D 472 26.80 15.80 28.34
C PHE D 472 27.16 16.96 29.27
N GLN D 473 26.19 17.42 30.05
CA GLN D 473 26.39 18.61 30.86
C GLN D 473 26.14 18.37 32.35
N SER D 474 25.64 17.20 32.71
CA SER D 474 25.44 16.88 34.11
C SER D 474 25.34 15.38 34.29
N ILE D 475 25.51 14.92 35.53
CA ILE D 475 25.42 13.50 35.84
C ILE D 475 24.04 12.90 35.54
N GLU D 476 23.00 13.73 35.66
CA GLU D 476 21.63 13.30 35.39
C GLU D 476 21.40 12.93 33.93
N GLU D 477 22.17 13.53 33.03
CA GLU D 477 21.90 13.35 31.61
C GLU D 477 22.39 11.99 31.12
N MET D 478 23.38 11.44 31.81
CA MET D 478 24.01 10.20 31.38
C MET D 478 23.06 9.05 31.56
N GLY D 479 23.02 8.15 30.59
CA GLY D 479 22.14 6.99 30.64
C GLY D 479 22.48 6.07 31.81
N LYS D 480 21.43 5.53 32.42
CA LYS D 480 21.56 4.59 33.52
C LYS D 480 20.60 3.44 33.24
N ASP D 481 20.66 2.38 34.05
CA ASP D 481 19.70 1.31 33.89
C ASP D 481 18.28 1.86 34.13
N ALA D 482 17.35 1.54 33.24
CA ALA D 482 16.01 2.13 33.25
C ALA D 482 15.28 1.92 34.59
N HIS D 483 15.55 0.80 35.23
CA HIS D 483 14.83 0.42 36.43
C HIS D 483 15.74 0.43 37.65
N ASP D 484 16.88 1.09 37.53
CA ASP D 484 17.90 1.11 38.59
C ASP D 484 18.17 -0.33 39.05
N PHE D 485 18.38 -1.22 38.09
CA PHE D 485 18.76 -2.60 38.37
C PHE D 485 17.72 -3.41 39.15
N ALA D 486 16.48 -2.95 39.16
CA ALA D 486 15.43 -3.64 39.91
C ALA D 486 15.21 -5.05 39.38
N TRP D 487 15.49 -5.23 38.09
CA TRP D 487 15.35 -6.52 37.44
C TRP D 487 16.20 -7.61 38.10
N ALA D 488 17.33 -7.21 38.67
CA ALA D 488 18.23 -8.19 39.28
C ALA D 488 17.55 -8.90 40.44
N ASP D 489 16.58 -8.23 41.06
CA ASP D 489 15.91 -8.80 42.22
C ASP D 489 15.04 -9.98 41.80
N LYS D 490 14.71 -10.08 40.51
CA LYS D 490 13.98 -11.22 39.99
C LYS D 490 14.94 -12.33 39.57
N CYS D 491 16.24 -12.04 39.65
CA CYS D 491 17.25 -13.02 39.32
C CYS D 491 17.76 -13.67 40.60
N SER E 1 34.60 16.10 37.70
CA SER E 1 34.26 17.41 37.07
C SER E 1 32.78 17.52 36.68
N PHE E 2 32.10 16.38 36.54
CA PHE E 2 30.65 16.39 36.28
C PHE E 2 29.87 16.61 37.58
N GLU E 3 28.91 17.52 37.52
CA GLU E 3 28.13 17.81 38.71
C GLU E 3 26.65 17.57 38.49
N SER E 4 25.89 17.64 39.59
CA SER E 4 24.45 17.51 39.53
C SER E 4 23.86 18.87 39.15
N LYS E 5 22.90 18.86 38.24
CA LYS E 5 22.22 20.09 37.80
C LYS E 5 20.71 19.88 37.70
N LYS E 6 19.94 20.94 37.98
CA LYS E 6 18.49 20.87 37.92
C LYS E 6 18.00 20.86 36.48
N PRO E 7 16.77 20.38 36.26
CA PRO E 7 16.24 20.47 34.90
C PRO E 7 16.18 21.92 34.43
N MET E 8 16.18 22.12 33.12
CA MET E 8 16.00 23.45 32.54
C MET E 8 14.54 23.59 32.06
N ARG E 9 13.97 24.78 32.19
CA ARG E 9 12.55 24.94 31.83
C ARG E 9 12.32 24.97 30.33
N THR E 10 13.37 25.28 29.58
CA THR E 10 13.32 25.30 28.11
C THR E 10 14.62 24.71 27.57
N TRP E 11 14.85 24.82 26.26
CA TRP E 11 16.04 24.21 25.67
C TRP E 11 17.30 24.82 26.28
N SER E 12 18.35 24.02 26.42
CA SER E 12 19.58 24.49 27.01
C SER E 12 20.13 25.73 26.30
N HIS E 13 19.95 25.82 24.98
CA HIS E 13 20.43 26.98 24.24
C HIS E 13 19.61 28.26 24.53
N LEU E 14 18.41 28.10 25.08
CA LEU E 14 17.56 29.24 25.42
C LEU E 14 17.40 29.43 26.93
N ALA E 15 17.88 28.46 27.71
CA ALA E 15 17.58 28.38 29.15
C ALA E 15 18.31 29.38 30.04
N GLU E 16 19.21 30.17 29.46
CA GLU E 16 19.89 31.18 30.23
C GLU E 16 19.04 32.43 30.14
N MET E 17 18.61 32.73 28.91
CA MET E 17 17.88 33.95 28.57
C MET E 17 16.35 33.85 28.72
N ARG E 18 15.82 32.65 28.95
CA ARG E 18 14.36 32.49 29.10
C ARG E 18 13.91 31.43 30.11
N LYS E 19 12.62 31.51 30.47
CA LYS E 19 11.97 30.49 31.26
C LYS E 19 10.94 29.74 30.43
N LYS E 20 10.12 30.49 29.70
CA LYS E 20 9.14 29.91 28.79
C LYS E 20 9.12 30.75 27.50
N PRO E 21 9.87 30.31 26.48
CA PRO E 21 9.93 31.06 25.22
C PRO E 21 8.63 30.94 24.43
N SER E 22 8.50 31.74 23.38
CA SER E 22 7.35 31.64 22.50
C SER E 22 7.32 30.31 21.77
N GLU E 23 6.15 29.91 21.31
CA GLU E 23 6.03 28.75 20.45
C GLU E 23 7.06 28.87 19.31
N TYR E 24 7.15 30.04 18.69
CA TYR E 24 8.09 30.27 17.60
C TYR E 24 9.54 29.91 17.96
N ASP E 25 10.03 30.42 19.10
CA ASP E 25 11.39 30.15 19.51
C ASP E 25 11.59 28.66 19.79
N ILE E 26 10.64 28.05 20.50
CA ILE E 26 10.69 26.63 20.83
C ILE E 26 10.88 25.75 19.58
N VAL E 27 10.17 26.07 18.50
CA VAL E 27 10.13 25.18 17.35
C VAL E 27 10.96 25.62 16.16
N SER E 28 11.55 26.81 16.22
CA SER E 28 12.22 27.40 15.05
C SER E 28 13.70 27.69 15.19
N ARG E 29 14.15 27.91 16.42
CA ARG E 29 15.44 28.52 16.67
C ARG E 29 16.58 27.49 16.74
N LYS E 30 17.68 27.80 16.04
CA LYS E 30 18.92 27.05 16.16
C LYS E 30 18.80 25.59 15.78
N LEU E 31 18.23 25.33 14.60
CA LEU E 31 18.05 23.96 14.13
C LEU E 31 19.02 23.51 13.01
N HIS E 32 19.80 24.42 12.46
CA HIS E 32 20.84 24.02 11.51
C HIS E 32 22.11 23.54 12.20
N TYR E 33 22.14 22.27 12.57
CA TYR E 33 23.37 21.67 13.12
C TYR E 33 24.50 21.72 12.08
N SER E 34 24.12 21.83 10.82
CA SER E 34 25.10 21.92 9.71
C SER E 34 26.00 23.17 9.76
N THR E 35 25.69 24.13 10.62
CA THR E 35 26.54 25.31 10.74
C THR E 35 27.56 25.17 11.88
N ASN E 36 27.46 24.08 12.63
CA ASN E 36 28.30 23.90 13.82
C ASN E 36 29.77 23.67 13.51
N ASN E 37 30.03 22.85 12.50
CA ASN E 37 31.40 22.47 12.15
C ASN E 37 31.78 23.07 10.80
N PRO E 38 32.65 24.11 10.79
CA PRO E 38 33.01 24.81 9.56
C PRO E 38 33.77 23.92 8.57
N ASP E 39 34.43 22.87 9.05
CA ASP E 39 35.15 21.96 8.14
C ASP E 39 34.25 20.85 7.57
N SER E 40 33.22 20.46 8.33
CA SER E 40 32.27 19.45 7.88
C SER E 40 30.86 19.86 8.25
N PRO E 41 30.22 20.69 7.41
CA PRO E 41 28.82 21.00 7.66
C PRO E 41 28.03 19.72 7.91
N TRP E 42 28.20 18.75 7.02
CA TRP E 42 27.44 17.51 7.11
C TRP E 42 28.35 16.40 7.63
N GLU E 43 27.74 15.41 8.29
CA GLU E 43 28.50 14.34 8.97
C GLU E 43 28.99 13.31 7.96
N LEU E 44 29.97 13.72 7.16
CA LEU E 44 30.48 12.93 6.05
C LEU E 44 31.95 13.32 5.88
N SER E 45 32.57 12.84 4.81
CA SER E 45 33.94 13.28 4.56
C SER E 45 33.93 14.80 4.45
N PRO E 46 34.91 15.46 5.07
CA PRO E 46 34.93 16.92 5.01
C PRO E 46 34.95 17.42 3.58
N ASP E 47 35.49 16.61 2.67
CA ASP E 47 35.53 17.02 1.27
C ASP E 47 34.54 16.31 0.34
N SER E 48 33.46 15.77 0.92
CA SER E 48 32.37 15.24 0.11
C SER E 48 31.82 16.36 -0.77
N PRO E 49 31.18 16.00 -1.89
CA PRO E 49 30.70 17.05 -2.78
C PRO E 49 29.77 18.07 -2.07
N MET E 50 28.83 17.59 -1.24
CA MET E 50 27.89 18.52 -0.60
C MET E 50 28.57 19.36 0.48
N ASN E 51 29.56 18.78 1.16
CA ASN E 51 30.35 19.57 2.10
C ASN E 51 31.08 20.69 1.38
N LEU E 52 31.65 20.38 0.22
CA LEU E 52 32.35 21.41 -0.57
C LEU E 52 31.37 22.49 -1.01
N TRP E 53 30.18 22.06 -1.44
CA TRP E 53 29.11 23.00 -1.84
C TRP E 53 28.78 23.97 -0.70
N TYR E 54 28.52 23.42 0.49
CA TYR E 54 28.10 24.25 1.61
C TYR E 54 29.21 25.16 2.14
N LYS E 55 30.43 24.64 2.20
CA LYS E 55 31.55 25.48 2.62
C LYS E 55 31.76 26.67 1.67
N GLN E 56 31.55 26.45 0.38
CA GLN E 56 31.74 27.54 -0.58
C GLN E 56 30.54 28.49 -0.61
N TYR E 57 29.34 27.93 -0.76
CA TYR E 57 28.18 28.74 -1.08
C TYR E 57 27.40 29.25 0.12
N ARG E 58 27.53 28.59 1.27
CA ARG E 58 27.00 29.17 2.49
C ARG E 58 28.10 29.81 3.34
N ASN E 59 29.01 28.98 3.85
CA ASN E 59 29.96 29.45 4.87
C ASN E 59 30.84 30.59 4.38
N ALA E 60 31.25 30.53 3.12
CA ALA E 60 32.17 31.51 2.56
C ALA E 60 31.49 32.69 1.87
N SER E 61 30.19 32.84 2.05
CA SER E 61 29.51 34.00 1.45
C SER E 61 30.12 35.30 1.96
N PRO E 62 30.30 36.30 1.07
CA PRO E 62 30.78 37.60 1.53
C PRO E 62 29.81 38.28 2.47
N LEU E 63 28.55 37.83 2.49
CA LEU E 63 27.59 38.37 3.46
C LEU E 63 27.86 37.68 4.79
N LYS E 64 28.41 38.43 5.75
CA LYS E 64 29.06 37.83 6.92
C LYS E 64 28.43 38.30 8.22
N HIS E 65 28.15 37.37 9.12
CA HIS E 65 27.57 37.69 10.41
C HIS E 65 27.98 36.61 11.40
N ASP E 66 28.34 36.99 12.62
CA ASP E 66 28.73 35.99 13.60
C ASP E 66 27.55 35.39 14.38
N ASN E 67 26.33 35.81 14.02
CA ASN E 67 25.14 35.37 14.76
C ASN E 67 23.90 35.28 13.87
N TRP E 68 24.01 34.60 12.74
CA TRP E 68 22.84 34.45 11.85
C TRP E 68 21.65 33.84 12.57
N ASP E 69 21.91 32.90 13.47
CA ASP E 69 20.84 32.12 14.10
C ASP E 69 19.87 32.98 14.94
N ALA E 70 20.32 34.18 15.29
CA ALA E 70 19.53 35.10 16.08
C ALA E 70 18.49 35.85 15.25
N PHE E 71 18.51 35.67 13.92
CA PHE E 71 17.48 36.30 13.08
C PHE E 71 16.09 35.81 13.50
N THR E 72 15.11 36.73 13.48
CA THR E 72 13.74 36.41 13.87
C THR E 72 12.78 36.91 12.78
N ASP E 73 11.95 36.01 12.28
CA ASP E 73 10.85 36.39 11.40
C ASP E 73 10.00 37.43 12.15
N PRO E 74 9.84 38.64 11.57
CA PRO E 74 9.04 39.67 12.25
C PRO E 74 7.59 39.25 12.48
N ASP E 75 7.07 38.36 11.63
CA ASP E 75 5.71 37.81 11.82
C ASP E 75 5.71 36.60 12.76
N GLN E 76 6.90 36.11 13.08
CA GLN E 76 7.08 34.89 13.88
C GLN E 76 6.13 33.77 13.49
N LEU E 77 6.03 33.49 12.19
CA LEU E 77 5.17 32.41 11.73
C LEU E 77 5.76 31.04 11.98
N VAL E 78 4.90 30.10 12.36
CA VAL E 78 5.23 28.68 12.39
C VAL E 78 4.27 27.98 11.43
N TYR E 79 4.51 26.69 11.18
CA TYR E 79 3.69 25.91 10.26
C TYR E 79 2.23 26.04 10.60
N ARG E 80 1.90 25.85 11.89
CA ARG E 80 0.52 25.90 12.36
C ARG E 80 -0.16 27.24 12.05
N THR E 81 0.52 28.34 12.35
CA THR E 81 -0.09 29.66 12.15
C THR E 81 -0.14 30.07 10.67
N TYR E 82 0.83 29.61 9.89
CA TYR E 82 0.80 29.83 8.45
C TYR E 82 -0.44 29.18 7.82
N ASN E 83 -0.70 27.91 8.14
CA ASN E 83 -1.87 27.23 7.57
C ASN E 83 -3.22 27.84 7.98
N LEU E 84 -3.33 28.26 9.24
CA LEU E 84 -4.51 29.01 9.69
C LEU E 84 -4.71 30.23 8.78
N MET E 85 -3.65 31.01 8.60
CA MET E 85 -3.75 32.24 7.82
C MET E 85 -4.08 31.96 6.36
N GLN E 86 -3.39 30.99 5.76
CA GLN E 86 -3.56 30.71 4.33
C GLN E 86 -4.83 29.93 3.98
N ASP E 87 -5.32 29.13 4.91
CA ASP E 87 -6.63 28.50 4.73
C ASP E 87 -7.70 29.59 4.64
N GLY E 88 -7.55 30.63 5.44
CA GLY E 88 -8.47 31.78 5.36
C GLY E 88 -8.39 32.44 3.99
N GLN E 89 -7.18 32.69 3.50
CA GLN E 89 -7.00 33.35 2.20
C GLN E 89 -7.49 32.49 1.06
N GLU E 90 -7.33 31.17 1.18
CA GLU E 90 -7.80 30.26 0.15
C GLU E 90 -9.33 30.12 0.18
N SER E 91 -9.93 30.25 1.36
CA SER E 91 -11.39 30.30 1.44
C SER E 91 -11.88 31.52 0.66
N TYR E 92 -11.19 32.64 0.83
CA TYR E 92 -11.49 33.86 0.10
C TYR E 92 -11.41 33.66 -1.41
N VAL E 93 -10.25 33.22 -1.91
CA VAL E 93 -10.05 33.08 -3.35
C VAL E 93 -11.00 32.03 -3.94
N GLN E 94 -11.13 30.88 -3.28
CA GLN E 94 -11.95 29.82 -3.87
C GLN E 94 -13.41 30.26 -3.96
N SER E 95 -13.86 31.02 -2.97
CA SER E 95 -15.20 31.58 -3.02
C SER E 95 -15.32 32.61 -4.16
N LEU E 96 -14.30 33.43 -4.37
CA LEU E 96 -14.30 34.35 -5.51
C LEU E 96 -14.41 33.57 -6.83
N PHE E 97 -13.56 32.55 -7.00
CA PHE E 97 -13.58 31.75 -8.23
C PHE E 97 -14.98 31.21 -8.49
N ASP E 98 -15.56 30.60 -7.46
CA ASP E 98 -16.88 30.00 -7.56
C ASP E 98 -17.96 31.00 -8.00
N GLN E 99 -18.01 32.15 -7.30
CA GLN E 99 -19.00 33.18 -7.58
C GLN E 99 -18.84 33.85 -8.95
N PHE E 100 -17.60 34.19 -9.32
CA PHE E 100 -17.40 34.83 -10.61
C PHE E 100 -17.76 33.86 -11.75
N ASN E 101 -17.40 32.58 -11.57
CA ASN E 101 -17.80 31.55 -12.52
C ASN E 101 -19.33 31.50 -12.69
N GLU E 102 -20.05 31.53 -11.57
CA GLU E 102 -21.50 31.41 -11.60
C GLU E 102 -22.13 32.56 -12.37
N ARG E 103 -21.46 33.70 -12.39
CA ARG E 103 -21.93 34.90 -13.09
C ARG E 103 -21.51 34.91 -14.55
N GLU E 104 -20.69 33.96 -14.95
CA GLU E 104 -20.06 33.99 -16.27
C GLU E 104 -19.33 35.33 -16.46
N HIS E 105 -18.59 35.73 -15.44
CA HIS E 105 -17.71 36.91 -15.47
C HIS E 105 -16.82 36.97 -16.71
N ASP E 106 -16.17 35.85 -17.03
CA ASP E 106 -15.18 35.81 -18.10
C ASP E 106 -15.77 36.20 -19.46
N GLN E 107 -17.04 35.87 -19.66
CA GLN E 107 -17.72 36.18 -20.91
C GLN E 107 -17.78 37.70 -21.13
N MET E 108 -17.83 38.46 -20.03
CA MET E 108 -18.11 39.89 -20.09
C MET E 108 -16.89 40.83 -20.09
N VAL E 109 -15.68 40.28 -20.07
CA VAL E 109 -14.49 41.13 -20.18
C VAL E 109 -14.47 41.77 -21.57
N ARG E 110 -13.71 42.85 -21.70
CA ARG E 110 -13.69 43.58 -22.95
C ARG E 110 -13.04 42.79 -24.09
N GLU E 111 -13.58 42.98 -25.29
CA GLU E 111 -13.07 42.34 -26.49
C GLU E 111 -11.54 42.36 -26.56
N GLY E 112 -10.94 41.19 -26.77
CA GLY E 112 -9.49 41.10 -26.90
C GLY E 112 -8.76 40.79 -25.61
N TRP E 113 -9.42 40.97 -24.47
CA TRP E 113 -8.73 40.76 -23.21
C TRP E 113 -8.24 39.32 -23.05
N GLU E 114 -8.95 38.38 -23.67
CA GLU E 114 -8.56 36.98 -23.60
C GLU E 114 -7.19 36.72 -24.26
N HIS E 115 -6.88 37.47 -25.31
CA HIS E 115 -5.60 37.35 -25.98
C HIS E 115 -4.48 37.98 -25.16
N THR E 116 -4.81 39.08 -24.48
CA THR E 116 -3.86 39.68 -23.56
C THR E 116 -3.58 38.74 -22.37
N MET E 117 -4.62 38.09 -21.87
CA MET E 117 -4.45 37.11 -20.79
C MET E 117 -3.58 35.94 -21.27
N ALA E 118 -3.83 35.47 -22.48
CA ALA E 118 -3.11 34.28 -23.00
C ALA E 118 -1.64 34.61 -23.17
N ARG E 119 -1.37 35.86 -23.50
CA ARG E 119 -0.01 36.32 -23.78
C ARG E 119 0.75 36.76 -22.53
N CYS E 120 0.07 37.44 -21.61
CA CYS E 120 0.74 38.12 -20.51
C CYS E 120 0.42 37.56 -19.13
N TYR E 121 -0.62 36.73 -19.04
CA TYR E 121 -1.02 36.19 -17.75
C TYR E 121 -0.67 34.72 -17.60
N SER E 122 -1.19 33.88 -18.48
CA SER E 122 -1.04 32.43 -18.30
C SER E 122 0.41 31.91 -18.28
N PRO E 123 1.32 32.52 -19.06
CA PRO E 123 2.72 32.08 -18.96
C PRO E 123 3.40 32.48 -17.64
N LEU E 124 2.71 33.25 -16.79
CA LEU E 124 3.23 33.55 -15.44
C LEU E 124 3.49 32.27 -14.66
N ARG E 125 2.90 31.16 -15.09
CA ARG E 125 3.12 29.92 -14.34
C ARG E 125 4.60 29.56 -14.34
N TYR E 126 5.28 29.84 -15.45
CA TYR E 126 6.71 29.64 -15.53
C TYR E 126 7.47 30.57 -14.61
N LEU E 127 7.09 31.84 -14.60
CA LEU E 127 7.74 32.80 -13.72
C LEU E 127 7.54 32.41 -12.25
N PHE E 128 6.30 32.07 -11.89
CA PHE E 128 6.02 31.71 -10.51
C PHE E 128 6.73 30.43 -10.08
N HIS E 129 6.81 29.45 -10.98
CA HIS E 129 7.56 28.23 -10.65
C HIS E 129 9.05 28.51 -10.46
N CYS E 130 9.60 29.40 -11.26
CA CYS E 130 10.97 29.87 -11.04
C CYS E 130 11.13 30.48 -9.63
N LEU E 131 10.18 31.29 -9.18
CA LEU E 131 10.25 31.83 -7.83
C LEU E 131 10.21 30.71 -6.79
N GLN E 132 9.42 29.69 -7.07
CA GLN E 132 9.27 28.54 -6.19
C GLN E 132 10.61 27.81 -6.07
N MET E 133 11.22 27.55 -7.22
CA MET E 133 12.52 26.87 -7.28
C MET E 133 13.58 27.68 -6.54
N SER E 134 13.57 28.99 -6.79
CA SER E 134 14.55 29.89 -6.20
C SER E 134 14.41 30.01 -4.68
N SER E 135 13.16 30.14 -4.20
CA SER E 135 12.89 30.20 -2.77
C SER E 135 13.39 28.94 -2.07
N ALA E 136 13.16 27.79 -2.70
CA ALA E 136 13.61 26.52 -2.11
C ALA E 136 15.13 26.46 -2.04
N TYR E 137 15.79 27.08 -3.00
CA TYR E 137 17.24 27.16 -2.93
C TYR E 137 17.73 28.01 -1.75
N VAL E 138 17.11 29.17 -1.52
CA VAL E 138 17.54 29.99 -0.38
C VAL E 138 17.27 29.20 0.90
N GLN E 139 16.13 28.51 0.95
CA GLN E 139 15.81 27.66 2.08
C GLN E 139 16.95 26.72 2.44
N GLN E 140 17.42 25.96 1.47
CA GLN E 140 18.37 24.88 1.76
C GLN E 140 19.77 25.42 2.08
N MET E 141 20.05 26.65 1.65
CA MET E 141 21.39 27.25 1.81
C MET E 141 21.54 28.25 2.96
N ALA E 142 20.42 28.83 3.42
CA ALA E 142 20.47 29.85 4.48
C ALA E 142 21.13 29.37 5.77
N PRO E 143 21.92 30.25 6.42
CA PRO E 143 22.72 29.88 7.60
C PRO E 143 21.99 29.88 8.94
N ALA E 144 20.66 29.96 8.94
CA ALA E 144 19.89 29.87 10.17
C ALA E 144 18.53 29.24 9.85
N SER E 145 18.06 28.38 10.75
CA SER E 145 16.74 27.76 10.58
C SER E 145 15.62 28.80 10.52
N THR E 146 15.79 29.92 11.23
CA THR E 146 14.75 30.97 11.19
C THR E 146 14.66 31.65 9.82
N ILE E 147 15.79 31.82 9.16
CA ILE E 147 15.77 32.31 7.78
C ILE E 147 15.15 31.25 6.85
N SER E 148 15.63 30.02 6.97
CA SER E 148 15.13 28.94 6.12
C SER E 148 13.60 28.79 6.24
N ASN E 149 13.08 28.94 7.45
CA ASN E 149 11.63 28.81 7.64
C ASN E 149 10.84 29.84 6.85
N CYS E 150 11.31 31.08 6.87
CA CYS E 150 10.71 32.13 6.03
C CYS E 150 10.75 31.71 4.57
N CYS E 151 11.84 31.07 4.15
CA CYS E 151 11.95 30.62 2.75
C CYS E 151 11.03 29.46 2.42
N ILE E 152 10.85 28.52 3.35
CA ILE E 152 9.91 27.41 3.15
C ILE E 152 8.51 27.95 2.83
N LEU E 153 8.05 28.85 3.68
CA LEU E 153 6.72 29.44 3.54
C LEU E 153 6.58 30.26 2.26
N GLN E 154 7.65 30.95 1.89
CA GLN E 154 7.71 31.67 0.61
C GLN E 154 7.63 30.71 -0.59
N THR E 155 8.30 29.55 -0.47
CA THR E 155 8.24 28.51 -1.49
C THR E 155 6.80 28.04 -1.66
N ALA E 156 6.15 27.73 -0.56
CA ALA E 156 4.76 27.32 -0.56
C ALA E 156 3.88 28.40 -1.22
N ASP E 157 4.14 29.67 -0.91
CA ASP E 157 3.35 30.78 -1.47
C ASP E 157 3.53 30.85 -2.97
N SER E 158 4.75 30.57 -3.42
CA SER E 158 5.06 30.62 -4.85
C SER E 158 4.24 29.52 -5.55
N LEU E 159 4.20 28.34 -4.96
CA LEU E 159 3.34 27.26 -5.46
C LEU E 159 1.84 27.65 -5.43
N ARG E 160 1.44 28.35 -4.37
CA ARG E 160 0.09 28.90 -4.31
C ARG E 160 -0.22 29.73 -5.57
N TRP E 161 0.66 30.66 -5.92
CA TRP E 161 0.42 31.52 -7.07
C TRP E 161 0.44 30.72 -8.39
N LEU E 162 1.37 29.78 -8.50
CA LEU E 162 1.40 28.89 -9.64
C LEU E 162 0.07 28.15 -9.77
N THR E 163 -0.51 27.73 -8.66
CA THR E 163 -1.76 26.97 -8.66
C THR E 163 -2.95 27.84 -9.08
N HIS E 164 -3.05 29.06 -8.54
CA HIS E 164 -4.06 30.02 -8.97
C HIS E 164 -4.03 30.19 -10.48
N THR E 165 -2.81 30.30 -11.01
CA THR E 165 -2.60 30.58 -12.42
C THR E 165 -3.02 29.40 -13.31
N ALA E 166 -2.66 28.18 -12.90
CA ALA E 166 -3.11 26.98 -13.60
C ALA E 166 -4.63 26.89 -13.64
N TYR E 167 -5.25 27.07 -12.47
CA TYR E 167 -6.71 27.01 -12.35
C TYR E 167 -7.37 28.02 -13.29
N ARG E 168 -6.90 29.27 -13.26
CA ARG E 168 -7.52 30.33 -14.08
C ARG E 168 -7.24 30.22 -15.58
N THR E 169 -6.06 29.70 -15.95
CA THR E 169 -5.75 29.45 -17.34
C THR E 169 -6.77 28.45 -17.92
N HIS E 170 -6.93 27.33 -17.22
CA HIS E 170 -7.94 26.37 -17.60
C HIS E 170 -9.34 27.01 -17.64
N GLU E 171 -9.73 27.66 -16.55
CA GLU E 171 -11.08 28.21 -16.51
C GLU E 171 -11.35 29.16 -17.66
N LEU E 172 -10.43 30.10 -17.86
CA LEU E 172 -10.56 31.07 -18.93
C LEU E 172 -10.68 30.37 -20.30
N SER E 173 -9.96 29.26 -20.46
CA SER E 173 -10.00 28.49 -21.73
C SER E 173 -11.40 27.96 -22.02
N LEU E 174 -12.21 27.77 -21.00
CA LEU E 174 -13.57 27.28 -21.19
C LEU E 174 -14.46 28.31 -21.89
N THR E 175 -14.18 29.58 -21.66
CA THR E 175 -14.95 30.64 -22.33
C THR E 175 -14.29 31.04 -23.64
N TYR E 176 -12.97 30.97 -23.67
CA TYR E 176 -12.21 31.36 -24.86
C TYR E 176 -11.34 30.23 -25.34
N PRO E 177 -11.95 29.27 -26.04
CA PRO E 177 -11.23 28.07 -26.43
C PRO E 177 -10.26 28.29 -27.56
N ASP E 178 -10.33 29.44 -28.24
CA ASP E 178 -9.46 29.69 -29.39
C ASP E 178 -8.33 30.67 -29.11
N ALA E 179 -8.01 30.90 -27.85
CA ALA E 179 -6.99 31.89 -27.50
C ALA E 179 -5.61 31.27 -27.20
N GLY E 180 -5.53 29.94 -27.23
CA GLY E 180 -4.28 29.25 -26.93
C GLY E 180 -4.01 29.07 -25.45
N LEU E 181 -5.02 29.34 -24.63
CA LEU E 181 -4.91 29.21 -23.18
C LEU E 181 -4.70 27.75 -22.75
N GLY E 182 -3.56 27.47 -22.12
CA GLY E 182 -3.23 26.10 -21.72
C GLY E 182 -2.42 25.35 -22.77
N GLU E 183 -2.16 26.01 -23.90
CA GLU E 183 -1.48 25.37 -25.03
C GLU E 183 -0.16 26.03 -25.39
N HIS E 184 -0.07 27.35 -25.30
CA HIS E 184 1.08 28.05 -25.88
C HIS E 184 2.00 28.71 -24.86
N GLU E 185 1.76 28.50 -23.59
CA GLU E 185 2.51 29.21 -22.56
C GLU E 185 4.03 28.94 -22.63
N ARG E 186 4.40 27.69 -22.85
CA ARG E 186 5.83 27.34 -22.95
C ARG E 186 6.50 28.03 -24.13
N GLU E 187 5.83 28.04 -25.28
CA GLU E 187 6.42 28.68 -26.45
C GLU E 187 6.52 30.19 -26.26
N LEU E 188 5.55 30.78 -25.56
CA LEU E 188 5.63 32.22 -25.26
C LEU E 188 6.80 32.52 -24.31
N TRP E 189 6.92 31.71 -23.24
CA TRP E 189 8.00 31.83 -22.28
C TRP E 189 9.37 31.71 -22.98
N GLU E 190 9.48 30.78 -23.94
CA GLU E 190 10.74 30.56 -24.62
C GLU E 190 11.03 31.53 -25.76
N LYS E 191 9.99 32.05 -26.41
CA LYS E 191 10.20 32.73 -27.70
C LYS E 191 9.67 34.16 -27.78
N GLU E 192 8.63 34.48 -27.03
CA GLU E 192 8.05 35.82 -27.10
C GLU E 192 8.98 36.88 -26.49
N PRO E 193 9.28 37.96 -27.25
CA PRO E 193 10.24 38.95 -26.76
C PRO E 193 9.89 39.48 -25.37
N GLY E 194 8.59 39.68 -25.12
CA GLY E 194 8.15 40.25 -23.84
C GLY E 194 8.44 39.39 -22.62
N TRP E 195 8.71 38.11 -22.86
CA TRP E 195 9.08 37.19 -21.76
C TRP E 195 10.59 36.98 -21.61
N GLN E 196 11.37 37.44 -22.58
CA GLN E 196 12.79 37.07 -22.62
C GLN E 196 13.64 37.76 -21.55
N GLY E 197 13.28 38.99 -21.18
CA GLY E 197 13.99 39.67 -20.08
C GLY E 197 13.75 38.89 -18.79
N LEU E 198 12.49 38.50 -18.56
CA LEU E 198 12.15 37.76 -17.36
C LEU E 198 12.79 36.37 -17.33
N ARG E 199 12.80 35.70 -18.48
CA ARG E 199 13.39 34.36 -18.54
C ARG E 199 14.92 34.41 -18.37
N GLU E 200 15.58 35.42 -18.97
CA GLU E 200 17.03 35.55 -18.81
C GLU E 200 17.34 35.86 -17.34
N LEU E 201 16.57 36.78 -16.77
CA LEU E 201 16.69 37.12 -15.36
C LEU E 201 16.64 35.89 -14.44
N MET E 202 15.63 35.03 -14.61
CA MET E 202 15.45 33.88 -13.73
C MET E 202 16.45 32.74 -13.98
N GLU E 203 16.77 32.49 -15.25
CA GLU E 203 17.80 31.49 -15.55
C GLU E 203 19.12 31.86 -14.91
N LYS E 204 19.47 33.14 -14.99
CA LYS E 204 20.68 33.61 -14.37
C LYS E 204 20.57 33.65 -12.84
N GLN E 205 19.44 34.11 -12.32
CA GLN E 205 19.25 34.16 -10.86
C GLN E 205 19.30 32.75 -10.25
N LEU E 206 18.76 31.78 -10.97
CA LEU E 206 18.75 30.39 -10.47
C LEU E 206 20.13 29.74 -10.49
N THR E 207 21.11 30.43 -11.08
CA THR E 207 22.51 29.96 -11.04
C THR E 207 23.40 30.83 -10.14
N ALA E 208 22.80 31.73 -9.37
CA ALA E 208 23.51 32.44 -8.32
C ALA E 208 23.46 31.57 -7.07
N PHE E 209 24.50 30.76 -6.85
CA PHE E 209 24.47 29.73 -5.81
C PHE E 209 24.94 30.20 -4.42
N ASP E 210 25.60 31.35 -4.34
CA ASP E 210 25.94 31.92 -3.04
C ASP E 210 24.65 32.27 -2.31
N TRP E 211 24.50 31.82 -1.07
CA TRP E 211 23.22 32.00 -0.37
C TRP E 211 22.83 33.46 -0.25
N GLY E 212 23.82 34.31 0.02
CA GLY E 212 23.58 35.74 0.20
C GLY E 212 23.17 36.40 -1.09
N GLU E 213 23.89 36.07 -2.17
CA GLU E 213 23.56 36.66 -3.47
C GLU E 213 22.20 36.15 -3.96
N ALA E 214 21.89 34.89 -3.65
CA ALA E 214 20.60 34.29 -3.98
C ALA E 214 19.49 35.04 -3.27
N PHE E 215 19.67 35.26 -1.98
CA PHE E 215 18.65 35.95 -1.17
C PHE E 215 18.43 37.38 -1.66
N VAL E 216 19.52 38.12 -1.86
CA VAL E 216 19.42 39.52 -2.29
C VAL E 216 18.80 39.64 -3.69
N SER E 217 19.29 38.82 -4.64
CA SER E 217 18.79 38.88 -6.00
C SER E 217 17.31 38.49 -6.06
N LEU E 218 16.94 37.42 -5.37
CA LEU E 218 15.55 36.99 -5.32
C LEU E 218 14.62 37.96 -4.57
N ASN E 219 14.95 38.24 -3.32
CA ASN E 219 14.02 38.95 -2.45
C ASN E 219 14.11 40.47 -2.48
N LEU E 220 15.28 41.00 -2.84
CA LEU E 220 15.46 42.45 -2.85
C LEU E 220 15.45 43.04 -4.25
N VAL E 221 15.57 42.20 -5.28
CA VAL E 221 15.55 42.70 -6.66
C VAL E 221 14.39 42.12 -7.49
N VAL E 222 14.40 40.80 -7.68
CA VAL E 222 13.41 40.14 -8.55
C VAL E 222 11.99 40.33 -8.03
N LYS E 223 11.75 39.89 -6.81
CA LYS E 223 10.38 39.90 -6.30
C LYS E 223 9.75 41.31 -6.16
N PRO E 224 10.51 42.30 -5.67
CA PRO E 224 9.93 43.65 -5.66
C PRO E 224 9.67 44.20 -7.07
N MET E 225 10.50 43.81 -8.04
CA MET E 225 10.22 44.21 -9.43
C MET E 225 8.93 43.57 -9.92
N ILE E 226 8.70 42.31 -9.55
CA ILE E 226 7.49 41.62 -9.97
C ILE E 226 6.23 42.29 -9.39
N VAL E 227 6.32 42.69 -8.13
CA VAL E 227 5.24 43.47 -7.54
C VAL E 227 4.98 44.76 -8.34
N GLU E 228 6.03 45.53 -8.59
CA GLU E 228 5.88 46.86 -9.19
C GLU E 228 5.57 46.84 -10.68
N SER E 229 6.09 45.85 -11.40
CA SER E 229 6.11 45.90 -12.86
C SER E 229 5.26 44.81 -13.52
N ILE E 230 4.89 43.80 -12.75
N ILE E 230 4.90 43.79 -12.76
CA ILE E 230 4.04 42.74 -13.27
CA ILE E 230 4.02 42.74 -13.29
C ILE E 230 2.66 42.78 -12.60
C ILE E 230 2.65 42.77 -12.61
N PHE E 231 2.63 42.54 -11.30
CA PHE E 231 1.36 42.47 -10.57
C PHE E 231 0.52 43.75 -10.71
N LYS E 232 1.11 44.90 -10.37
CA LYS E 232 0.32 46.14 -10.32
C LYS E 232 -0.16 46.63 -11.71
N PRO E 233 0.71 46.57 -12.71
CA PRO E 233 0.23 46.95 -14.06
C PRO E 233 -0.81 45.98 -14.63
N LEU E 234 -0.71 44.69 -14.30
CA LEU E 234 -1.70 43.71 -14.73
C LEU E 234 -3.06 44.02 -14.12
N GLN E 235 -3.02 44.37 -12.84
CA GLN E 235 -4.18 44.78 -12.08
C GLN E 235 -4.89 45.96 -12.75
N GLN E 236 -4.12 47.00 -13.08
CA GLN E 236 -4.70 48.18 -13.73
C GLN E 236 -5.33 47.84 -15.08
N GLN E 237 -4.62 47.08 -15.90
CA GLN E 237 -5.13 46.66 -17.20
C GLN E 237 -6.41 45.86 -17.06
N ALA E 238 -6.47 45.05 -16.01
CA ALA E 238 -7.62 44.19 -15.79
C ALA E 238 -8.85 45.05 -15.57
N TRP E 239 -8.79 45.98 -14.61
CA TRP E 239 -9.92 46.89 -14.37
C TRP E 239 -10.33 47.61 -15.67
N GLU E 240 -9.34 48.02 -16.46
CA GLU E 240 -9.59 48.77 -17.71
C GLU E 240 -10.32 47.91 -18.74
N ASN E 241 -10.17 46.59 -18.62
CA ASN E 241 -10.80 45.67 -19.56
C ASN E 241 -11.96 44.87 -18.97
N ASN E 242 -12.48 45.36 -17.85
CA ASN E 242 -13.67 44.80 -17.21
C ASN E 242 -13.48 43.38 -16.63
N ASP E 243 -12.25 43.09 -16.24
CA ASP E 243 -11.92 41.86 -15.53
C ASP E 243 -11.80 42.30 -14.08
N THR E 244 -12.81 41.98 -13.28
CA THR E 244 -12.79 42.36 -11.89
CA THR E 244 -12.86 42.32 -11.87
C THR E 244 -12.20 41.25 -11.01
N LEU E 245 -12.16 40.03 -11.53
CA LEU E 245 -11.60 38.93 -10.77
C LEU E 245 -10.08 39.06 -10.65
N LEU E 246 -9.38 39.30 -11.76
CA LEU E 246 -7.92 39.31 -11.73
C LEU E 246 -7.35 40.23 -10.63
N PRO E 247 -7.82 41.49 -10.56
CA PRO E 247 -7.32 42.44 -9.56
C PRO E 247 -7.49 41.97 -8.12
N LEU E 248 -8.60 41.30 -7.84
CA LEU E 248 -8.87 40.78 -6.50
C LEU E 248 -7.96 39.60 -6.18
N LEU E 249 -7.73 38.76 -7.18
CA LEU E 249 -6.84 37.61 -7.02
C LEU E 249 -5.41 38.12 -6.75
N ILE E 250 -5.00 39.12 -7.53
CA ILE E 250 -3.67 39.69 -7.36
C ILE E 250 -3.50 40.37 -6.00
N ASP E 251 -4.53 41.03 -5.48
CA ASP E 251 -4.39 41.61 -4.13
C ASP E 251 -4.15 40.52 -3.07
N SER E 252 -4.73 39.34 -3.28
CA SER E 252 -4.48 38.26 -2.31
C SER E 252 -3.03 37.80 -2.44
N GLN E 253 -2.56 37.68 -3.67
CA GLN E 253 -1.19 37.27 -3.91
C GLN E 253 -0.23 38.35 -3.41
N LEU E 254 -0.61 39.62 -3.53
CA LEU E 254 0.26 40.70 -3.05
C LEU E 254 0.40 40.71 -1.52
N LYS E 255 -0.59 40.15 -0.83
CA LYS E 255 -0.47 40.03 0.62
C LYS E 255 0.70 39.08 0.96
N ASP E 256 0.79 37.95 0.24
CA ASP E 256 1.93 37.04 0.36
C ASP E 256 3.22 37.81 0.01
N ALA E 257 3.22 38.51 -1.12
CA ALA E 257 4.41 39.22 -1.57
C ALA E 257 4.90 40.27 -0.57
N GLU E 258 3.98 41.00 0.05
CA GLU E 258 4.34 41.98 1.07
C GLU E 258 4.96 41.30 2.28
N ARG E 259 4.43 40.14 2.65
CA ARG E 259 5.00 39.37 3.76
C ARG E 259 6.45 38.96 3.44
N HIS E 260 6.70 38.56 2.19
CA HIS E 260 8.06 38.18 1.81
C HIS E 260 8.98 39.39 1.96
N SER E 261 8.49 40.55 1.58
CA SER E 261 9.23 41.81 1.69
CA SER E 261 9.26 41.79 1.70
C SER E 261 9.53 42.15 3.15
N ARG E 262 8.55 41.91 4.02
CA ARG E 262 8.71 42.18 5.45
C ARG E 262 9.83 41.36 6.08
N TRP E 263 9.81 40.04 5.90
CA TRP E 263 10.88 39.24 6.49
C TRP E 263 12.24 39.53 5.81
N SER E 264 12.22 39.85 4.54
CA SER E 264 13.46 40.22 3.84
C SER E 264 14.06 41.50 4.42
N LYS E 265 13.22 42.49 4.68
CA LYS E 265 13.69 43.73 5.29
C LYS E 265 14.27 43.49 6.67
N ALA E 266 13.64 42.56 7.40
CA ALA E 266 14.12 42.22 8.75
C ALA E 266 15.51 41.55 8.70
N LEU E 267 15.70 40.68 7.71
CA LEU E 267 17.00 40.01 7.57
C LEU E 267 18.07 41.01 7.17
N VAL E 268 17.73 41.93 6.28
CA VAL E 268 18.66 43.01 5.96
C VAL E 268 19.09 43.79 7.20
N LYS E 269 18.13 44.14 8.04
CA LYS E 269 18.41 44.87 9.28
C LYS E 269 19.38 44.06 10.16
N HIS E 270 19.13 42.76 10.27
CA HIS E 270 20.01 41.87 11.03
C HIS E 270 21.43 41.82 10.45
N ALA E 271 21.53 41.61 9.14
CA ALA E 271 22.82 41.58 8.44
C ALA E 271 23.60 42.89 8.67
N LEU E 272 22.90 44.02 8.60
CA LEU E 272 23.56 45.32 8.71
C LEU E 272 24.12 45.60 10.11
N GLU E 273 23.87 44.71 11.06
CA GLU E 273 24.59 44.78 12.33
C GLU E 273 26.10 44.73 12.10
N ASN E 274 26.51 44.03 11.03
CA ASN E 274 27.88 44.09 10.52
C ASN E 274 27.93 45.12 9.40
N PRO E 275 28.50 46.31 9.68
CA PRO E 275 28.48 47.41 8.71
C PRO E 275 29.13 47.03 7.37
N ASP E 276 30.03 46.05 7.38
CA ASP E 276 30.63 45.59 6.12
C ASP E 276 29.57 45.06 5.14
N ASN E 277 28.42 44.63 5.67
CA ASN E 277 27.41 44.02 4.81
C ASN E 277 26.65 45.02 3.97
N HIS E 278 26.71 46.30 4.33
CA HIS E 278 26.07 47.33 3.52
C HIS E 278 26.59 47.35 2.08
N ALA E 279 27.90 47.38 1.91
CA ALA E 279 28.49 47.38 0.58
C ALA E 279 28.20 46.08 -0.15
N VAL E 280 28.15 44.98 0.60
CA VAL E 280 27.91 43.66 -0.03
C VAL E 280 26.50 43.61 -0.61
N ILE E 281 25.52 44.04 0.17
CA ILE E 281 24.12 44.00 -0.26
C ILE E 281 23.88 45.01 -1.38
N GLU E 282 24.37 46.23 -1.18
CA GLU E 282 24.22 47.26 -2.20
C GLU E 282 24.89 46.83 -3.51
N GLY E 283 26.07 46.21 -3.41
CA GLY E 283 26.79 45.68 -4.58
C GLY E 283 25.97 44.66 -5.37
N TRP E 284 25.32 43.74 -4.67
CA TRP E 284 24.49 42.73 -5.31
C TRP E 284 23.19 43.32 -5.88
N ILE E 285 22.63 44.33 -5.23
CA ILE E 285 21.45 45.00 -5.77
C ILE E 285 21.81 45.72 -7.07
N GLU E 286 22.93 46.44 -7.08
CA GLU E 286 23.34 47.15 -8.29
C GLU E 286 23.67 46.19 -9.42
N LYS E 287 24.15 45.01 -9.05
CA LYS E 287 24.53 44.03 -10.04
C LYS E 287 23.29 43.46 -10.75
N TRP E 288 22.23 43.23 -9.99
CA TRP E 288 21.05 42.54 -10.51
C TRP E 288 19.95 43.45 -11.03
N ARG E 289 19.91 44.69 -10.54
CA ARG E 289 18.82 45.60 -10.90
C ARG E 289 18.66 45.83 -12.41
N PRO E 290 19.76 46.04 -13.15
CA PRO E 290 19.64 46.32 -14.60
C PRO E 290 18.96 45.16 -15.36
N LEU E 291 19.26 43.94 -14.95
CA LEU E 291 18.61 42.78 -15.54
C LEU E 291 17.11 42.78 -15.18
N ALA E 292 16.80 43.10 -13.93
CA ALA E 292 15.39 43.15 -13.53
C ALA E 292 14.66 44.30 -14.27
N ASP E 293 15.34 45.43 -14.43
CA ASP E 293 14.79 46.57 -15.16
C ASP E 293 14.49 46.21 -16.62
N ARG E 294 15.40 45.54 -17.31
CA ARG E 294 15.14 45.09 -18.69
C ARG E 294 13.95 44.12 -18.73
N ALA E 295 13.88 43.24 -17.73
CA ALA E 295 12.81 42.27 -17.67
C ALA E 295 11.46 42.98 -17.52
N ALA E 296 11.39 43.94 -16.61
CA ALA E 296 10.17 44.73 -16.40
C ALA E 296 9.77 45.47 -17.69
N GLU E 297 10.73 46.18 -18.28
CA GLU E 297 10.49 46.98 -19.49
C GLU E 297 9.95 46.13 -20.64
N ALA E 298 10.55 44.97 -20.87
CA ALA E 298 10.11 44.11 -21.96
C ALA E 298 8.70 43.60 -21.69
N TYR E 299 8.45 43.16 -20.46
CA TYR E 299 7.12 42.67 -20.10
C TYR E 299 6.05 43.73 -20.29
N LEU E 300 6.35 44.94 -19.84
CA LEU E 300 5.43 46.05 -19.93
C LEU E 300 5.13 46.45 -21.38
N SER E 301 6.13 46.41 -22.25
CA SER E 301 5.86 46.72 -23.66
C SER E 301 4.91 45.69 -24.27
N MET E 302 5.07 44.44 -23.88
CA MET E 302 4.22 43.36 -24.36
C MET E 302 2.80 43.51 -23.82
N LEU E 303 2.69 43.75 -22.52
CA LEU E 303 1.40 43.93 -21.87
C LEU E 303 0.58 45.04 -22.52
N SER E 304 1.26 46.11 -22.92
CA SER E 304 0.59 47.30 -23.44
C SER E 304 0.53 47.40 -24.96
N SER E 305 0.78 46.29 -25.66
CA SER E 305 0.75 46.34 -27.12
C SER E 305 -0.69 46.32 -27.67
N ASP E 306 -0.88 46.92 -28.83
CA ASP E 306 -2.19 46.95 -29.50
C ASP E 306 -3.08 48.10 -29.02
N SER F 1 55.87 2.72 24.86
CA SER F 1 54.95 3.84 24.52
C SER F 1 53.66 3.29 23.91
N ALA F 2 52.61 4.10 23.96
CA ALA F 2 51.25 3.71 23.56
C ALA F 2 51.11 3.13 22.16
N PHE F 3 50.33 2.06 22.06
CA PHE F 3 50.07 1.41 20.78
C PHE F 3 48.60 0.98 20.77
N PRO F 4 47.79 1.56 19.88
CA PRO F 4 46.38 1.15 19.87
C PRO F 4 46.13 -0.06 18.98
N VAL F 5 45.40 -1.04 19.51
CA VAL F 5 44.92 -2.17 18.72
C VAL F 5 43.41 -2.30 18.91
N HIS F 6 42.74 -2.87 17.91
CA HIS F 6 41.34 -3.26 18.09
C HIS F 6 41.35 -4.77 18.37
N ALA F 7 40.74 -5.17 19.47
CA ALA F 7 40.84 -6.55 19.92
C ALA F 7 39.48 -7.18 20.14
N ALA F 8 39.32 -8.39 19.61
CA ALA F 8 38.13 -9.20 19.85
C ALA F 8 38.48 -10.36 20.77
N PHE F 9 37.88 -10.40 21.95
CA PHE F 9 38.18 -11.45 22.91
C PHE F 9 37.19 -12.63 22.75
N GLU F 10 37.72 -13.84 22.83
CA GLU F 10 36.90 -15.05 22.68
C GLU F 10 35.63 -15.08 23.56
N LYS F 11 34.48 -15.25 22.89
CA LYS F 11 33.17 -15.34 23.55
C LYS F 11 32.50 -14.00 23.91
N ASP F 12 33.20 -12.90 23.67
CA ASP F 12 32.64 -11.56 23.92
C ASP F 12 31.78 -11.20 22.70
N PHE F 13 31.05 -10.09 22.77
CA PHE F 13 30.11 -9.72 21.69
C PHE F 13 30.62 -8.64 20.73
N LEU F 14 31.79 -8.08 21.03
CA LEU F 14 32.26 -6.95 20.26
C LEU F 14 33.78 -6.86 20.14
N VAL F 15 34.23 -5.94 19.30
CA VAL F 15 35.63 -5.58 19.22
C VAL F 15 35.81 -4.27 20.00
N GLN F 16 36.88 -4.18 20.80
CA GLN F 16 37.15 -2.97 21.58
C GLN F 16 38.53 -2.36 21.30
N LEU F 17 38.63 -1.05 21.44
CA LEU F 17 39.92 -0.39 21.41
C LEU F 17 40.65 -0.78 22.67
N VAL F 18 41.89 -1.23 22.54
CA VAL F 18 42.69 -1.48 23.72
C VAL F 18 44.03 -0.86 23.47
N VAL F 19 44.42 0.06 24.34
CA VAL F 19 45.71 0.71 24.17
C VAL F 19 46.76 -0.10 24.93
N VAL F 20 47.72 -0.65 24.20
CA VAL F 20 48.79 -1.41 24.84
C VAL F 20 50.13 -0.69 24.66
N ASP F 21 51.22 -1.35 25.03
CA ASP F 21 52.55 -0.77 24.93
C ASP F 21 53.38 -1.48 23.86
N LEU F 22 54.19 -0.72 23.13
CA LEU F 22 55.12 -1.28 22.13
C LEU F 22 55.95 -2.46 22.65
N ASN F 23 56.30 -2.40 23.93
CA ASN F 23 57.15 -3.42 24.49
C ASN F 23 56.40 -4.52 25.25
N ASP F 24 55.07 -4.51 25.13
CA ASP F 24 54.25 -5.56 25.72
C ASP F 24 54.42 -6.86 24.94
N SER F 25 54.69 -7.95 25.65
CA SER F 25 54.67 -9.28 25.05
C SER F 25 53.22 -9.63 24.72
N MET F 26 53.00 -10.64 23.89
CA MET F 26 51.65 -11.07 23.55
C MET F 26 50.89 -11.54 24.79
N ASP F 27 51.59 -12.19 25.72
CA ASP F 27 50.95 -12.53 26.99
C ASP F 27 50.44 -11.28 27.67
N GLN F 28 51.24 -10.21 27.64
CA GLN F 28 50.84 -8.97 28.31
C GLN F 28 49.68 -8.30 27.58
N VAL F 29 49.73 -8.34 26.25
CA VAL F 29 48.61 -7.85 25.45
C VAL F 29 47.33 -8.62 25.80
N ALA F 30 47.42 -9.95 25.88
CA ALA F 30 46.25 -10.78 26.18
C ALA F 30 45.63 -10.40 27.51
N GLU F 31 46.48 -10.10 28.49
CA GLU F 31 45.99 -9.72 29.82
C GLU F 31 45.30 -8.35 29.79
N LYS F 32 45.87 -7.42 29.02
CA LYS F 32 45.29 -6.09 28.94
C LYS F 32 43.95 -6.12 28.23
N VAL F 33 43.82 -7.00 27.23
CA VAL F 33 42.53 -7.16 26.56
C VAL F 33 41.55 -7.85 27.50
N ALA F 34 42.00 -8.93 28.15
CA ALA F 34 41.14 -9.69 29.05
C ALA F 34 40.55 -8.81 30.15
N TYR F 35 41.33 -7.80 30.57
CA TYR F 35 40.92 -6.94 31.66
C TYR F 35 39.57 -6.28 31.34
N HIS F 36 39.34 -6.01 30.06
CA HIS F 36 38.12 -5.31 29.64
C HIS F 36 36.98 -6.27 29.24
N CYS F 37 37.16 -7.56 29.47
CA CYS F 37 36.18 -8.56 28.98
C CYS F 37 35.85 -9.61 30.03
N VAL F 38 36.88 -10.27 30.55
CA VAL F 38 36.68 -11.35 31.49
C VAL F 38 36.11 -10.80 32.80
N ASN F 39 35.10 -11.49 33.33
CA ASN F 39 34.41 -11.03 34.54
C ASN F 39 33.59 -9.74 34.33
N ARG F 40 33.47 -9.34 33.06
CA ARG F 40 32.59 -8.22 32.69
C ARG F 40 31.47 -8.74 31.79
N ARG F 41 31.84 -9.39 30.69
CA ARG F 41 30.85 -10.01 29.82
C ARG F 41 31.24 -11.46 29.47
N VAL F 42 32.42 -11.90 29.92
CA VAL F 42 32.92 -13.22 29.59
C VAL F 42 33.36 -13.97 30.86
N ALA F 43 32.86 -15.19 31.03
CA ALA F 43 33.17 -16.00 32.21
C ALA F 43 34.65 -16.33 32.28
N PRO F 44 35.23 -16.28 33.49
CA PRO F 44 36.64 -16.63 33.62
C PRO F 44 36.84 -18.11 33.31
N ARG F 45 37.99 -18.48 32.77
CA ARG F 45 38.29 -19.88 32.51
C ARG F 45 39.80 -20.16 32.49
N GLU F 46 40.17 -21.41 32.78
CA GLU F 46 41.57 -21.82 32.71
C GLU F 46 42.01 -21.86 31.26
N GLY F 47 43.32 -21.76 31.04
CA GLY F 47 43.87 -21.86 29.69
C GLY F 47 44.82 -20.74 29.34
N VAL F 48 45.73 -21.03 28.41
CA VAL F 48 46.65 -20.02 27.92
C VAL F 48 45.92 -19.12 26.93
N MET F 49 46.09 -17.81 27.06
CA MET F 49 45.55 -16.88 26.07
C MET F 49 46.59 -16.58 25.02
N ARG F 50 46.17 -16.64 23.75
CA ARG F 50 47.06 -16.39 22.64
C ARG F 50 46.51 -15.23 21.83
N VAL F 51 47.39 -14.60 21.06
CA VAL F 51 46.99 -13.45 20.26
C VAL F 51 47.24 -13.78 18.80
N ARG F 52 46.36 -13.30 17.92
CA ARG F 52 46.53 -13.54 16.49
C ARG F 52 45.96 -12.37 15.70
N LYS F 53 46.44 -12.20 14.46
CA LYS F 53 45.75 -11.27 13.55
C LYS F 53 44.31 -11.72 13.38
N HIS F 54 43.40 -10.76 13.35
CA HIS F 54 41.98 -11.06 13.24
C HIS F 54 41.67 -12.15 12.21
N ARG F 55 41.05 -13.22 12.67
CA ARG F 55 40.61 -14.34 11.84
C ARG F 55 41.75 -15.11 11.11
N SER F 56 42.99 -14.87 11.52
CA SER F 56 44.13 -15.58 10.96
C SER F 56 44.25 -16.97 11.55
N THR F 57 44.90 -17.88 10.83
CA THR F 57 45.13 -19.22 11.37
C THR F 57 46.41 -19.27 12.21
N GLU F 58 47.32 -18.33 11.96
CA GLU F 58 48.61 -18.30 12.66
C GLU F 58 48.58 -17.45 13.94
N LEU F 59 49.22 -17.95 15.00
CA LEU F 59 49.29 -17.21 16.26
C LEU F 59 50.63 -16.47 16.40
N PHE F 60 50.65 -15.40 17.18
CA PHE F 60 51.91 -14.77 17.54
C PHE F 60 52.53 -15.55 18.71
N PRO F 61 53.87 -15.71 18.69
CA PRO F 61 54.51 -16.35 19.84
C PRO F 61 54.22 -15.58 21.12
N ARG F 62 54.10 -16.29 22.24
CA ARG F 62 53.67 -15.67 23.49
C ARG F 62 54.60 -14.57 23.98
N ASP F 63 55.90 -14.73 23.75
CA ASP F 63 56.90 -13.78 24.28
C ASP F 63 57.24 -12.65 23.30
N MET F 64 56.78 -12.79 22.07
CA MET F 64 56.99 -11.76 21.05
C MET F 64 56.25 -10.47 21.45
N THR F 65 56.89 -9.32 21.26
CA THR F 65 56.24 -8.04 21.62
C THR F 65 55.50 -7.40 20.45
N ILE F 66 54.62 -6.46 20.76
CA ILE F 66 53.93 -5.66 19.76
C ILE F 66 54.92 -5.11 18.75
N ALA F 67 56.03 -4.55 19.23
CA ALA F 67 57.02 -3.96 18.34
C ALA F 67 57.61 -5.02 17.42
N GLU F 68 57.98 -6.17 17.98
CA GLU F 68 58.59 -7.24 17.22
C GLU F 68 57.68 -7.86 16.17
N SER F 69 56.37 -7.84 16.45
CA SER F 69 55.36 -8.59 15.67
C SER F 69 55.08 -8.12 14.24
N GLY F 70 55.39 -6.87 13.92
CA GLY F 70 55.03 -6.33 12.61
C GLY F 70 53.62 -5.78 12.54
N LEU F 71 52.86 -5.85 13.64
CA LEU F 71 51.53 -5.24 13.70
C LEU F 71 51.65 -3.73 13.58
N ASN F 72 50.65 -3.11 12.96
CA ASN F 72 50.60 -1.66 12.83
C ASN F 72 49.46 -1.11 13.67
N PRO F 73 49.61 0.14 14.17
CA PRO F 73 48.56 0.70 15.02
C PRO F 73 47.19 0.58 14.35
N THR F 74 46.18 0.31 15.18
CA THR F 74 44.78 0.16 14.75
C THR F 74 44.45 -1.10 13.96
N GLU F 75 45.40 -2.01 13.83
CA GLU F 75 45.07 -3.29 13.22
C GLU F 75 44.25 -4.11 14.20
N VAL F 76 43.51 -5.08 13.67
CA VAL F 76 42.61 -5.85 14.49
C VAL F 76 43.25 -7.19 14.91
N ILE F 77 43.16 -7.51 16.19
CA ILE F 77 43.62 -8.80 16.70
C ILE F 77 42.50 -9.57 17.41
N ASP F 78 42.65 -10.89 17.49
CA ASP F 78 41.80 -11.72 18.34
C ASP F 78 42.64 -12.22 19.50
N VAL F 79 42.00 -12.33 20.67
CA VAL F 79 42.63 -12.97 21.82
C VAL F 79 41.78 -14.20 22.11
N VAL F 80 42.39 -15.37 21.96
CA VAL F 80 41.67 -16.63 21.98
C VAL F 80 42.44 -17.61 22.84
N PHE F 81 41.78 -18.70 23.24
CA PHE F 81 42.45 -19.70 24.04
C PHE F 81 43.18 -20.72 23.19
N GLU F 82 44.33 -21.16 23.69
CA GLU F 82 45.23 -22.09 22.99
C GLU F 82 44.43 -23.22 22.33
N GLU F 83 44.72 -23.44 21.05
CA GLU F 83 44.21 -24.58 20.22
C GLU F 83 42.70 -24.75 20.20
FE FE G . -8.55 -13.24 -8.71
FE FE H . -9.34 -10.44 -7.56
O1 BML I . -9.74 -12.10 -6.62
C1 BML I . -10.63 -13.04 -6.24
C2 BML I . -11.95 -12.93 -6.67
C3 BML I . -12.87 -13.89 -6.30
C4 BML I . -12.47 -14.96 -5.51
C5 BML I . -11.15 -15.07 -5.08
C6 BML I . -10.24 -14.09 -5.45
BR4 BML I . -13.73 -16.26 -5.02
O1 BML J . -20.04 -30.53 7.59
C1 BML J . -19.84 -29.71 8.65
C2 BML J . -20.41 -30.02 9.89
C3 BML J . -20.20 -29.19 10.98
C4 BML J . -19.44 -28.04 10.84
C5 BML J . -18.87 -27.71 9.61
C6 BML J . -19.07 -28.56 8.52
BR4 BML J . -19.18 -26.91 12.33
O1 BML K . -8.29 -19.88 -0.19
C1 BML K . -9.38 -19.24 0.32
C2 BML K . -10.49 -19.97 0.75
C3 BML K . -11.61 -19.30 1.27
C4 BML K . -11.61 -17.91 1.36
C5 BML K . -10.50 -17.19 0.94
C6 BML K . -9.39 -17.86 0.41
BR4 BML K . -13.09 -16.98 2.07
O1 BML L . -29.95 -38.86 8.09
C1 BML L . -28.80 -38.14 7.92
C2 BML L . -27.62 -38.52 8.56
C3 BML L . -26.47 -37.78 8.38
C4 BML L . -26.48 -36.65 7.57
C5 BML L . -27.66 -36.27 6.94
C6 BML L . -28.83 -37.01 7.12
BR4 BML L . -24.92 -35.61 7.32
CA CA M . -20.76 -0.10 12.48
CA CA N . -11.39 -39.71 0.40
O1 BML O . -2.24 0.89 -27.51
C1 BML O . -1.07 1.60 -27.61
C2 BML O . -1.04 2.96 -27.33
C3 BML O . 0.17 3.65 -27.44
C4 BML O . 1.34 2.99 -27.84
C5 BML O . 1.28 1.63 -28.13
C6 BML O . 0.08 0.94 -28.02
BR4 BML O . 2.99 3.92 -28.03
CA CA P . -40.61 -18.40 -9.11
CA CA Q . -9.35 26.69 -32.27
CA CA R . -4.49 18.46 -23.67
FE FE S . 8.66 12.08 5.71
FE FE T . 8.34 13.42 8.57
O1 BML U . 9.62 11.59 7.42
C1 BML U . 10.80 11.60 8.07
C2 BML U . 10.91 10.90 9.27
C3 BML U . 12.12 10.88 9.95
C4 BML U . 13.21 11.55 9.41
C5 BML U . 13.11 12.24 8.21
C6 BML U . 11.89 12.25 7.53
BR4 BML U . 14.86 11.53 10.34
O1 BML V . 27.70 2.91 23.23
C1 BML V . 27.60 1.73 22.56
C2 BML V . 26.55 1.49 21.68
C3 BML V . 26.46 0.29 21.00
C4 BML V . 27.44 -0.69 21.20
C5 BML V . 28.49 -0.45 22.09
C6 BML V . 28.57 0.76 22.76
BR4 BML V . 27.35 -2.35 20.31
O1 BML W . 13.37 6.27 16.38
C1 BML W . 14.01 5.84 15.27
C2 BML W . 15.39 5.74 15.30
C3 BML W . 16.09 5.31 14.19
C4 BML W . 15.39 4.99 13.03
C5 BML W . 14.00 5.08 12.98
C6 BML W . 13.31 5.51 14.11
BR4 BML W . 16.40 4.40 11.56
O1 BML X . 39.03 6.49 28.61
C1 BML X . 37.80 6.17 28.13
C2 BML X . 37.03 5.21 28.76
C3 BML X . 35.78 4.90 28.27
C4 BML X . 35.29 5.54 27.14
C5 BML X . 36.06 6.51 26.51
C6 BML X . 37.32 6.83 27.00
BR4 BML X . 33.58 5.11 26.47
CA CA Y . 18.51 11.27 34.32
CA CA Z . -6.46 22.39 -21.55
CA CA AA . 20.20 27.84 13.08
CA CA BA . 27.01 28.93 15.21
C1 PGE CA . 24.99 37.28 -14.25
O1 PGE CA . 25.07 35.99 -13.64
C2 PGE CA . 24.22 38.25 -13.35
O2 PGE CA . 24.32 39.59 -13.84
C3 PGE CA . 23.43 39.85 -14.93
C4 PGE CA . 23.66 41.24 -15.51
O4 PGE CA . 25.57 40.40 -19.25
C6 PGE CA . 24.96 41.67 -18.97
C5 PGE CA . 23.91 41.53 -17.88
O3 PGE CA . 24.53 41.16 -16.64
CA CA DA . 28.56 42.53 -3.42
CA CA EA . -25.01 31.72 -14.30
CA CA FA . 24.30 32.40 18.12
CA CA GA . -10.56 24.73 6.27
CA CA HA . 39.39 20.42 2.74
CA CA IA . 57.23 -3.15 14.50
C1 PGE JA . 36.38 -19.36 38.43
O1 PGE JA . 36.55 -18.39 39.48
C2 PGE JA . 37.39 -19.07 37.33
O2 PGE JA . 37.92 -20.28 36.81
C3 PGE JA . 39.28 -20.14 36.42
C4 PGE JA . 39.46 -18.80 35.73
O4 PGE JA . 40.73 -14.86 35.15
C6 PGE JA . 40.62 -16.11 35.85
C5 PGE JA . 41.06 -17.25 34.94
O3 PGE JA . 40.85 -18.51 35.58
CA CA KA . 61.23 -9.46 25.21
#